data_2KD2
#
_entry.id   2KD2
#
_cell.length_a   1.000
_cell.length_b   1.000
_cell.length_c   1.000
_cell.angle_alpha   90.00
_cell.angle_beta   90.00
_cell.angle_gamma   90.00
#
_symmetry.space_group_name_H-M   'P 1'
#
_entity_poly.entity_id   1
_entity_poly.type   'polypeptide(L)'
_entity_poly.pdbx_seq_one_letter_code
;GPLGSENRSKTTSTWVLRLDGEDLRVVLEKDTMDVWCNGQKMETAGEFVDDGTETHFSVGNHDCYIKAVSSGKRKEGIIH
TLIVDNREIPELTQ
;
_entity_poly.pdbx_strand_id   A
#
# COMPACT_ATOMS: atom_id res chain seq x y z
N GLY A 1 -17.97 9.38 -2.80
CA GLY A 1 -18.74 9.96 -1.71
C GLY A 1 -19.61 8.94 -1.00
N PRO A 2 -18.97 8.06 -0.21
CA PRO A 2 -19.68 7.01 0.53
C PRO A 2 -20.53 7.58 1.67
N LEU A 3 -21.72 7.03 1.84
CA LEU A 3 -22.62 7.48 2.90
C LEU A 3 -22.26 6.85 4.23
N GLY A 4 -21.02 7.08 4.67
CA GLY A 4 -20.57 6.53 5.93
C GLY A 4 -19.16 6.96 6.28
N SER A 5 -18.67 6.52 7.44
CA SER A 5 -17.32 6.87 7.88
C SER A 5 -17.17 8.38 8.01
N GLU A 6 -15.98 8.81 8.39
CA GLU A 6 -15.70 10.24 8.56
C GLU A 6 -14.20 10.49 8.67
N ASN A 7 -13.55 9.76 9.56
CA ASN A 7 -12.10 9.90 9.77
C ASN A 7 -11.51 8.65 10.40
N ARG A 8 -11.68 7.51 9.73
CA ARG A 8 -11.16 6.25 10.23
C ARG A 8 -10.50 5.45 9.11
N SER A 9 -9.17 5.54 9.05
CA SER A 9 -8.40 4.83 8.03
C SER A 9 -7.41 3.87 8.66
N LYS A 10 -7.81 3.26 9.77
CA LYS A 10 -6.96 2.31 10.49
C LYS A 10 -6.82 1.02 9.70
N THR A 11 -7.86 0.66 8.95
CA THR A 11 -7.85 -0.56 8.15
C THR A 11 -7.81 -0.23 6.66
N THR A 12 -7.19 0.89 6.33
CA THR A 12 -7.08 1.32 4.94
C THR A 12 -5.94 2.33 4.76
N SER A 13 -5.06 2.06 3.81
CA SER A 13 -3.93 2.93 3.53
C SER A 13 -4.13 3.71 2.24
N THR A 14 -3.53 4.89 2.16
CA THR A 14 -3.65 5.73 0.98
C THR A 14 -2.32 6.41 0.64
N TRP A 15 -2.15 6.75 -0.63
CA TRP A 15 -0.92 7.41 -1.08
C TRP A 15 -1.20 8.31 -2.28
N VAL A 16 -0.69 9.53 -2.21
CA VAL A 16 -0.88 10.49 -3.29
C VAL A 16 0.44 10.82 -3.97
N LEU A 17 0.55 10.43 -5.25
CA LEU A 17 1.76 10.67 -6.02
C LEU A 17 1.43 11.11 -7.44
N ARG A 18 2.25 11.99 -8.00
CA ARG A 18 2.04 12.48 -9.36
C ARG A 18 2.40 11.41 -10.38
N LEU A 19 1.40 10.64 -10.81
CA LEU A 19 1.60 9.58 -11.78
C LEU A 19 0.65 9.73 -12.96
N ASP A 20 1.06 9.24 -14.12
CA ASP A 20 0.23 9.32 -15.32
C ASP A 20 0.03 10.77 -15.74
N GLY A 21 0.84 11.66 -15.20
CA GLY A 21 0.73 13.07 -15.54
C GLY A 21 -0.27 13.80 -14.66
N GLU A 22 -0.85 13.07 -13.71
CA GLU A 22 -1.84 13.66 -12.80
C GLU A 22 -1.66 13.12 -11.39
N ASP A 23 -2.40 13.70 -10.45
CA ASP A 23 -2.32 13.28 -9.05
C ASP A 23 -2.90 11.88 -8.86
N LEU A 24 -2.06 10.86 -9.03
CA LEU A 24 -2.50 9.48 -8.89
C LEU A 24 -2.78 9.15 -7.42
N ARG A 25 -3.98 8.64 -7.16
CA ARG A 25 -4.38 8.28 -5.80
C ARG A 25 -4.41 6.76 -5.64
N VAL A 26 -3.56 6.25 -4.76
CA VAL A 26 -3.49 4.82 -4.50
C VAL A 26 -4.04 4.49 -3.11
N VAL A 27 -4.78 3.39 -3.02
CA VAL A 27 -5.36 2.96 -1.75
C VAL A 27 -5.18 1.46 -1.55
N LEU A 28 -4.86 1.07 -0.33
CA LEU A 28 -4.66 -0.34 0.01
C LEU A 28 -5.72 -0.82 0.99
N GLU A 29 -6.74 -1.50 0.47
CA GLU A 29 -7.82 -2.03 1.30
C GLU A 29 -7.35 -3.24 2.10
N LYS A 30 -7.68 -3.26 3.39
CA LYS A 30 -7.30 -4.36 4.26
C LYS A 30 -8.15 -5.60 3.97
N ASP A 31 -9.27 -5.40 3.30
CA ASP A 31 -10.17 -6.50 2.96
C ASP A 31 -9.40 -7.64 2.28
N THR A 32 -8.66 -7.30 1.23
CA THR A 32 -7.88 -8.28 0.50
C THR A 32 -6.47 -7.77 0.20
N MET A 33 -6.07 -6.74 0.93
CA MET A 33 -4.74 -6.15 0.75
C MET A 33 -4.49 -5.80 -0.72
N ASP A 34 -5.56 -5.49 -1.44
CA ASP A 34 -5.48 -5.13 -2.84
C ASP A 34 -5.18 -3.65 -3.00
N VAL A 35 -4.66 -3.26 -4.17
CA VAL A 35 -4.34 -1.88 -4.45
C VAL A 35 -5.36 -1.25 -5.39
N TRP A 36 -5.81 -0.05 -5.05
CA TRP A 36 -6.79 0.65 -5.87
C TRP A 36 -6.20 1.94 -6.44
N CYS A 37 -6.18 2.03 -7.76
CA CYS A 37 -5.64 3.21 -8.45
C CYS A 37 -6.54 3.64 -9.60
N ASN A 38 -6.84 4.93 -9.66
CA ASN A 38 -7.70 5.46 -10.71
C ASN A 38 -8.99 4.65 -10.84
N GLY A 39 -9.63 4.39 -9.70
CA GLY A 39 -10.86 3.63 -9.70
C GLY A 39 -10.75 2.35 -10.49
N GLN A 40 -9.68 1.59 -10.24
CA GLN A 40 -9.46 0.33 -10.94
C GLN A 40 -8.67 -0.64 -10.06
N LYS A 41 -9.30 -1.73 -9.68
CA LYS A 41 -8.66 -2.74 -8.84
C LYS A 41 -7.35 -3.21 -9.46
N MET A 42 -6.23 -2.70 -8.95
CA MET A 42 -4.92 -3.07 -9.46
C MET A 42 -4.67 -4.56 -9.30
N GLU A 43 -3.60 -5.05 -9.91
CA GLU A 43 -3.26 -6.47 -9.83
C GLU A 43 -1.89 -6.66 -9.18
N THR A 44 -1.89 -7.15 -7.94
CA THR A 44 -0.65 -7.37 -7.21
C THR A 44 -0.20 -8.82 -7.34
N ALA A 45 0.87 -9.17 -6.63
CA ALA A 45 1.41 -10.52 -6.66
C ALA A 45 0.86 -11.36 -5.50
N GLY A 46 0.75 -10.73 -4.33
CA GLY A 46 0.25 -11.43 -3.17
C GLY A 46 1.21 -12.48 -2.65
N GLU A 47 2.49 -12.15 -2.67
CA GLU A 47 3.53 -13.07 -2.19
C GLU A 47 3.74 -12.94 -0.70
N PHE A 48 3.48 -14.02 0.03
CA PHE A 48 3.63 -14.02 1.48
C PHE A 48 4.99 -14.58 1.88
N VAL A 49 5.83 -13.73 2.46
CA VAL A 49 7.16 -14.14 2.89
C VAL A 49 7.17 -14.57 4.34
N ASP A 50 8.34 -14.94 4.85
CA ASP A 50 8.47 -15.37 6.23
C ASP A 50 7.93 -14.31 7.19
N ASP A 51 8.10 -13.05 6.83
CA ASP A 51 7.63 -11.94 7.65
C ASP A 51 7.30 -10.74 6.80
N GLY A 52 6.01 -10.52 6.55
CA GLY A 52 5.58 -9.38 5.75
C GLY A 52 4.99 -9.81 4.42
N THR A 53 4.54 -8.84 3.63
CA THR A 53 3.95 -9.12 2.34
C THR A 53 4.48 -8.16 1.27
N GLU A 54 4.91 -8.72 0.14
CA GLU A 54 5.44 -7.92 -0.95
C GLU A 54 4.45 -7.85 -2.10
N THR A 55 3.67 -6.77 -2.14
CA THR A 55 2.67 -6.58 -3.19
C THR A 55 3.31 -6.06 -4.46
N HIS A 56 3.36 -6.90 -5.49
CA HIS A 56 3.94 -6.52 -6.77
C HIS A 56 2.86 -6.26 -7.80
N PHE A 57 2.64 -4.98 -8.11
CA PHE A 57 1.63 -4.59 -9.08
C PHE A 57 2.22 -3.70 -10.16
N SER A 58 1.92 -4.00 -11.42
CA SER A 58 2.44 -3.23 -12.54
C SER A 58 1.57 -1.99 -12.79
N VAL A 59 2.21 -0.90 -13.19
CA VAL A 59 1.51 0.34 -13.46
C VAL A 59 1.98 0.97 -14.77
N GLY A 60 1.23 0.73 -15.84
CA GLY A 60 1.59 1.29 -17.14
C GLY A 60 3.01 0.96 -17.53
N ASN A 61 3.82 2.00 -17.72
CA ASN A 61 5.22 1.82 -18.10
C ASN A 61 6.14 1.98 -16.89
N HIS A 62 5.61 1.67 -15.71
CA HIS A 62 6.38 1.77 -14.48
C HIS A 62 6.27 0.49 -13.66
N ASP A 63 7.15 0.35 -12.67
CA ASP A 63 7.14 -0.83 -11.81
C ASP A 63 7.02 -0.43 -10.34
N CYS A 64 5.80 -0.31 -9.86
CA CYS A 64 5.55 0.08 -8.48
C CYS A 64 5.26 -1.15 -7.62
N TYR A 65 5.17 -0.95 -6.31
CA TYR A 65 4.90 -2.04 -5.39
C TYR A 65 4.72 -1.52 -3.96
N ILE A 66 3.85 -2.16 -3.20
CA ILE A 66 3.59 -1.76 -1.82
C ILE A 66 4.39 -2.61 -0.84
N LYS A 67 5.37 -2.00 -0.19
CA LYS A 67 6.21 -2.70 0.78
C LYS A 67 5.50 -2.82 2.12
N ALA A 68 4.98 -4.01 2.40
CA ALA A 68 4.28 -4.26 3.65
C ALA A 68 5.21 -4.88 4.69
N VAL A 69 4.98 -4.55 5.95
CA VAL A 69 5.81 -5.08 7.04
C VAL A 69 4.97 -5.34 8.29
N SER A 70 4.96 -6.58 8.74
CA SER A 70 4.19 -6.97 9.92
C SER A 70 5.02 -6.76 11.19
N SER A 71 4.36 -6.27 12.24
CA SER A 71 5.03 -6.02 13.51
C SER A 71 4.22 -6.60 14.67
N GLY A 72 4.92 -7.03 15.72
CA GLY A 72 4.26 -7.59 16.88
C GLY A 72 4.52 -9.09 17.02
N LYS A 73 3.70 -9.74 17.82
CA LYS A 73 3.85 -11.18 18.05
C LYS A 73 3.78 -11.95 16.73
N ARG A 74 2.81 -11.59 15.89
CA ARG A 74 2.64 -12.25 14.60
C ARG A 74 1.96 -11.30 13.60
N LYS A 75 0.74 -10.89 13.93
CA LYS A 75 -0.02 -10.00 13.06
C LYS A 75 -0.71 -8.91 13.88
N GLU A 76 -0.02 -8.43 14.91
CA GLU A 76 -0.57 -7.38 15.76
C GLU A 76 -0.80 -6.10 14.98
N GLY A 77 0.28 -5.53 14.46
CA GLY A 77 0.17 -4.30 13.69
C GLY A 77 0.99 -4.35 12.41
N ILE A 78 0.32 -4.15 11.27
CA ILE A 78 0.99 -4.17 9.98
C ILE A 78 1.03 -2.78 9.36
N ILE A 79 2.11 -2.48 8.65
CA ILE A 79 2.27 -1.18 8.01
C ILE A 79 2.67 -1.34 6.55
N HIS A 80 1.92 -0.68 5.66
CA HIS A 80 2.21 -0.75 4.23
C HIS A 80 2.86 0.54 3.74
N THR A 81 3.89 0.41 2.92
CA THR A 81 4.60 1.56 2.38
C THR A 81 4.71 1.47 0.86
N LEU A 82 3.92 2.29 0.17
CA LEU A 82 3.93 2.32 -1.29
C LEU A 82 5.28 2.81 -1.81
N ILE A 83 5.76 2.16 -2.88
CA ILE A 83 7.03 2.54 -3.47
C ILE A 83 6.93 2.54 -5.01
N VAL A 84 7.39 3.63 -5.61
CA VAL A 84 7.36 3.76 -7.06
C VAL A 84 8.75 4.09 -7.62
N ASP A 85 9.29 3.17 -8.41
CA ASP A 85 10.61 3.36 -8.99
C ASP A 85 11.69 3.45 -7.91
N ASN A 86 11.64 2.52 -6.96
CA ASN A 86 12.60 2.49 -5.87
C ASN A 86 12.57 3.79 -5.08
N ARG A 87 11.37 4.29 -4.82
CA ARG A 87 11.21 5.54 -4.07
C ARG A 87 10.05 5.43 -3.09
N GLU A 88 10.34 5.70 -1.82
CA GLU A 88 9.32 5.63 -0.77
C GLU A 88 8.21 6.64 -1.02
N ILE A 89 6.99 6.27 -0.65
CA ILE A 89 5.84 7.16 -0.84
C ILE A 89 5.17 7.47 0.49
N PRO A 90 4.91 8.77 0.74
CA PRO A 90 4.26 9.22 1.97
C PRO A 90 2.80 8.82 2.04
N GLU A 91 2.38 8.31 3.20
CA GLU A 91 1.00 7.87 3.40
C GLU A 91 0.15 9.01 3.96
N LEU A 92 -1.14 8.99 3.66
CA LEU A 92 -2.06 10.01 4.13
C LEU A 92 -1.95 10.19 5.63
N THR A 93 -1.73 9.09 6.35
CA THR A 93 -1.61 9.13 7.81
C THR A 93 -0.57 10.16 8.23
N GLN A 94 -1.01 11.16 8.99
CA GLN A 94 -0.12 12.21 9.47
C GLN A 94 0.45 13.01 8.31
N GLY A 1 12.79 8.64 22.60
CA GLY A 1 12.96 8.42 21.18
C GLY A 1 11.94 7.47 20.60
N PRO A 2 12.07 6.17 20.94
CA PRO A 2 11.16 5.13 20.46
C PRO A 2 9.76 5.25 21.09
N LEU A 3 8.74 5.01 20.28
CA LEU A 3 7.36 5.09 20.74
C LEU A 3 6.63 3.77 20.50
N GLY A 4 6.79 3.22 19.30
CA GLY A 4 6.14 1.97 18.97
C GLY A 4 5.03 2.14 17.96
N SER A 5 4.16 3.12 18.20
CA SER A 5 3.04 3.40 17.31
C SER A 5 2.18 2.14 17.13
N GLU A 6 2.17 1.28 18.14
CA GLU A 6 1.40 0.05 18.09
C GLU A 6 0.13 0.17 18.94
N ASN A 7 -0.80 1.02 18.49
CA ASN A 7 -2.04 1.23 19.20
C ASN A 7 -3.23 0.71 18.39
N ARG A 8 -3.49 1.37 17.27
CA ARG A 8 -4.59 0.97 16.39
C ARG A 8 -4.08 0.43 15.07
N SER A 9 -4.57 -0.74 14.67
CA SER A 9 -4.17 -1.37 13.43
C SER A 9 -4.63 -0.56 12.23
N LYS A 10 -4.01 -0.79 11.08
CA LYS A 10 -4.35 -0.08 9.85
C LYS A 10 -5.50 -0.76 9.14
N THR A 11 -6.57 -0.01 8.88
CA THR A 11 -7.74 -0.56 8.20
C THR A 11 -7.69 -0.24 6.71
N THR A 12 -7.09 0.90 6.36
CA THR A 12 -6.99 1.32 4.96
C THR A 12 -5.86 2.33 4.78
N SER A 13 -4.99 2.06 3.83
CA SER A 13 -3.86 2.95 3.55
C SER A 13 -4.09 3.73 2.26
N THR A 14 -3.49 4.91 2.18
CA THR A 14 -3.63 5.76 1.00
C THR A 14 -2.36 6.57 0.76
N TRP A 15 -1.96 6.65 -0.51
CA TRP A 15 -0.76 7.40 -0.88
C TRP A 15 -1.05 8.36 -2.04
N VAL A 16 -0.23 9.39 -2.15
CA VAL A 16 -0.39 10.39 -3.22
C VAL A 16 0.91 10.61 -3.97
N LEU A 17 0.93 10.24 -5.25
CA LEU A 17 2.11 10.40 -6.08
C LEU A 17 1.73 10.84 -7.49
N ARG A 18 2.60 11.63 -8.12
CA ARG A 18 2.36 12.11 -9.47
C ARG A 18 2.58 11.01 -10.48
N LEU A 19 1.50 10.30 -10.83
CA LEU A 19 1.58 9.21 -11.80
C LEU A 19 0.64 9.47 -12.98
N ASP A 20 0.99 8.91 -14.13
CA ASP A 20 0.17 9.07 -15.33
C ASP A 20 0.13 10.53 -15.77
N GLY A 21 1.05 11.33 -15.23
CA GLY A 21 1.11 12.73 -15.59
C GLY A 21 0.24 13.59 -14.69
N GLU A 22 -0.44 12.95 -13.74
CA GLU A 22 -1.32 13.66 -12.81
C GLU A 22 -1.18 13.12 -11.40
N ASP A 23 -1.82 13.79 -10.44
CA ASP A 23 -1.77 13.37 -9.05
C ASP A 23 -2.52 12.05 -8.85
N LEU A 24 -1.80 10.95 -9.01
CA LEU A 24 -2.40 9.62 -8.85
C LEU A 24 -2.57 9.28 -7.37
N ARG A 25 -3.79 8.89 -7.00
CA ARG A 25 -4.09 8.53 -5.62
C ARG A 25 -4.25 7.02 -5.47
N VAL A 26 -3.35 6.41 -4.70
CA VAL A 26 -3.38 4.98 -4.47
C VAL A 26 -4.00 4.64 -3.11
N VAL A 27 -4.77 3.57 -3.06
CA VAL A 27 -5.41 3.15 -1.81
C VAL A 27 -5.30 1.65 -1.62
N LEU A 28 -4.78 1.23 -0.47
CA LEU A 28 -4.62 -0.18 -0.16
C LEU A 28 -5.58 -0.61 0.94
N GLU A 29 -6.55 -1.45 0.57
CA GLU A 29 -7.53 -1.94 1.53
C GLU A 29 -7.02 -3.18 2.25
N LYS A 30 -7.21 -3.21 3.57
CA LYS A 30 -6.77 -4.33 4.38
C LYS A 30 -7.66 -5.56 4.15
N ASP A 31 -8.83 -5.32 3.57
CA ASP A 31 -9.77 -6.40 3.30
C ASP A 31 -9.09 -7.54 2.55
N THR A 32 -8.49 -7.22 1.41
CA THR A 32 -7.81 -8.21 0.59
C THR A 32 -6.47 -7.68 0.09
N MET A 33 -5.98 -6.62 0.73
CA MET A 33 -4.71 -6.04 0.34
C MET A 33 -4.72 -5.60 -1.11
N ASP A 34 -5.90 -5.24 -1.61
CA ASP A 34 -6.05 -4.80 -2.99
C ASP A 34 -5.60 -3.36 -3.16
N VAL A 35 -5.04 -3.04 -4.32
CA VAL A 35 -4.55 -1.69 -4.60
C VAL A 35 -5.50 -0.97 -5.56
N TRP A 36 -6.00 0.18 -5.13
CA TRP A 36 -6.91 0.96 -5.96
C TRP A 36 -6.20 2.19 -6.54
N CYS A 37 -6.36 2.40 -7.85
CA CYS A 37 -5.73 3.52 -8.52
C CYS A 37 -6.76 4.31 -9.32
N ASN A 38 -7.17 5.46 -8.79
CA ASN A 38 -8.15 6.31 -9.46
C ASN A 38 -9.32 5.48 -9.98
N GLY A 39 -10.14 4.98 -9.05
CA GLY A 39 -11.28 4.18 -9.44
C GLY A 39 -10.92 3.09 -10.43
N GLN A 40 -9.78 2.46 -10.22
CA GLN A 40 -9.32 1.40 -11.11
C GLN A 40 -8.59 0.31 -10.33
N LYS A 41 -9.24 -0.84 -10.18
CA LYS A 41 -8.67 -1.96 -9.46
C LYS A 41 -7.29 -2.31 -10.00
N MET A 42 -6.44 -2.87 -9.16
CA MET A 42 -5.09 -3.27 -9.56
C MET A 42 -4.85 -4.75 -9.29
N GLU A 43 -3.80 -5.29 -9.89
CA GLU A 43 -3.44 -6.69 -9.71
C GLU A 43 -2.06 -6.84 -9.09
N THR A 44 -2.04 -7.29 -7.84
CA THR A 44 -0.78 -7.48 -7.12
C THR A 44 -0.30 -8.92 -7.22
N ALA A 45 0.91 -9.17 -6.70
CA ALA A 45 1.47 -10.52 -6.73
C ALA A 45 2.79 -10.56 -5.96
N GLY A 46 3.51 -11.68 -6.10
CA GLY A 46 4.77 -11.83 -5.41
C GLY A 46 4.77 -12.99 -4.43
N GLU A 47 4.83 -12.68 -3.14
CA GLU A 47 4.84 -13.72 -2.12
C GLU A 47 4.84 -13.10 -0.72
N PHE A 48 4.75 -13.94 0.30
CA PHE A 48 4.75 -13.48 1.68
C PHE A 48 6.05 -13.88 2.39
N VAL A 49 6.51 -13.02 3.29
CA VAL A 49 7.73 -13.28 4.04
C VAL A 49 7.42 -13.59 5.50
N ASP A 50 8.48 -13.84 6.27
CA ASP A 50 8.31 -14.16 7.69
C ASP A 50 7.48 -13.10 8.39
N ASP A 51 7.54 -11.87 7.88
CA ASP A 51 6.79 -10.76 8.46
C ASP A 51 6.46 -9.72 7.40
N GLY A 52 5.25 -9.79 6.86
CA GLY A 52 4.83 -8.85 5.84
C GLY A 52 4.67 -9.50 4.47
N THR A 53 4.08 -8.76 3.54
CA THR A 53 3.86 -9.28 2.19
C THR A 53 4.25 -8.24 1.14
N GLU A 54 5.05 -8.66 0.17
CA GLU A 54 5.50 -7.77 -0.90
C GLU A 54 4.48 -7.74 -2.05
N THR A 55 3.61 -6.75 -2.03
CA THR A 55 2.58 -6.61 -3.06
C THR A 55 3.17 -5.97 -4.32
N HIS A 56 3.28 -6.78 -5.38
CA HIS A 56 3.81 -6.29 -6.65
C HIS A 56 2.70 -6.17 -7.70
N PHE A 57 2.40 -4.94 -8.08
CA PHE A 57 1.36 -4.68 -9.07
C PHE A 57 1.90 -3.83 -10.22
N SER A 58 1.59 -4.25 -11.45
CA SER A 58 2.04 -3.54 -12.63
C SER A 58 1.19 -2.29 -12.88
N VAL A 59 1.85 -1.20 -13.27
CA VAL A 59 1.15 0.05 -13.54
C VAL A 59 1.58 0.63 -14.87
N GLY A 60 0.78 0.39 -15.91
CA GLY A 60 1.08 0.90 -17.23
C GLY A 60 2.50 0.56 -17.67
N ASN A 61 3.28 1.57 -18.02
CA ASN A 61 4.65 1.37 -18.46
C ASN A 61 5.63 1.55 -17.30
N HIS A 62 5.13 1.34 -16.08
CA HIS A 62 5.97 1.48 -14.90
C HIS A 62 6.01 0.18 -14.10
N ASP A 63 6.56 0.24 -12.89
CA ASP A 63 6.66 -0.94 -12.04
C ASP A 63 6.61 -0.54 -10.56
N CYS A 64 5.40 -0.32 -10.06
CA CYS A 64 5.21 0.07 -8.66
C CYS A 64 4.91 -1.15 -7.80
N TYR A 65 5.00 -0.97 -6.48
CA TYR A 65 4.73 -2.06 -5.54
C TYR A 65 4.60 -1.53 -4.12
N ILE A 66 3.71 -2.14 -3.35
CA ILE A 66 3.49 -1.74 -1.96
C ILE A 66 4.23 -2.65 -1.00
N LYS A 67 5.25 -2.11 -0.34
CA LYS A 67 6.04 -2.88 0.61
C LYS A 67 5.33 -2.96 1.96
N ALA A 68 4.73 -4.10 2.25
CA ALA A 68 4.02 -4.31 3.50
C ALA A 68 4.91 -4.98 4.53
N VAL A 69 4.77 -4.58 5.79
CA VAL A 69 5.57 -5.15 6.87
C VAL A 69 4.71 -5.43 8.10
N SER A 70 4.67 -6.70 8.51
CA SER A 70 3.88 -7.11 9.66
C SER A 70 4.72 -7.04 10.94
N SER A 71 4.15 -6.43 11.98
CA SER A 71 4.84 -6.29 13.25
C SER A 71 4.01 -6.89 14.39
N GLY A 72 4.68 -7.59 15.30
CA GLY A 72 3.99 -8.21 16.42
C GLY A 72 4.40 -9.65 16.63
N LYS A 73 3.54 -10.57 16.23
CA LYS A 73 3.81 -11.99 16.38
C LYS A 73 3.29 -12.78 15.19
N ARG A 74 2.06 -12.48 14.79
CA ARG A 74 1.43 -13.17 13.66
C ARG A 74 0.69 -12.18 12.77
N LYS A 75 -0.08 -11.29 13.39
CA LYS A 75 -0.84 -10.28 12.66
C LYS A 75 -1.40 -9.23 13.61
N GLU A 76 -0.51 -8.60 14.37
CA GLU A 76 -0.91 -7.56 15.32
C GLU A 76 -1.07 -6.22 14.62
N GLY A 77 0.03 -5.70 14.09
CA GLY A 77 -0.01 -4.42 13.40
C GLY A 77 0.78 -4.44 12.12
N ILE A 78 0.08 -4.30 10.99
CA ILE A 78 0.71 -4.30 9.68
C ILE A 78 0.76 -2.89 9.10
N ILE A 79 1.88 -2.56 8.47
CA ILE A 79 2.07 -1.24 7.85
C ILE A 79 2.46 -1.37 6.39
N HIS A 80 1.68 -0.76 5.51
CA HIS A 80 1.95 -0.80 4.07
C HIS A 80 2.69 0.46 3.63
N THR A 81 3.69 0.28 2.78
CA THR A 81 4.48 1.40 2.29
C THR A 81 4.59 1.36 0.76
N LEU A 82 3.84 2.23 0.09
CA LEU A 82 3.84 2.30 -1.36
C LEU A 82 5.21 2.72 -1.87
N ILE A 83 5.66 2.08 -2.95
CA ILE A 83 6.95 2.39 -3.55
C ILE A 83 6.87 2.43 -5.07
N VAL A 84 7.21 3.57 -5.65
CA VAL A 84 7.17 3.75 -7.10
C VAL A 84 8.53 4.13 -7.64
N ASP A 85 8.98 3.43 -8.67
CA ASP A 85 10.28 3.70 -9.29
C ASP A 85 11.40 3.55 -8.27
N ASN A 86 11.25 2.57 -7.38
CA ASN A 86 12.26 2.33 -6.35
C ASN A 86 12.39 3.52 -5.41
N ARG A 87 11.24 4.08 -5.03
CA ARG A 87 11.22 5.23 -4.12
C ARG A 87 10.08 5.12 -3.13
N GLU A 88 10.40 5.27 -1.85
CA GLU A 88 9.40 5.20 -0.79
C GLU A 88 8.35 6.29 -0.94
N ILE A 89 7.12 5.98 -0.57
CA ILE A 89 6.02 6.93 -0.67
C ILE A 89 5.34 7.13 0.68
N PRO A 90 5.16 8.41 1.07
CA PRO A 90 4.51 8.76 2.34
C PRO A 90 3.03 8.43 2.35
N GLU A 91 2.56 7.83 3.45
CA GLU A 91 1.17 7.47 3.58
C GLU A 91 0.37 8.59 4.24
N LEU A 92 -0.92 8.67 3.91
CA LEU A 92 -1.79 9.70 4.45
C LEU A 92 -2.02 9.47 5.94
N THR A 93 -1.34 10.26 6.77
CA THR A 93 -1.46 10.15 8.21
C THR A 93 -2.16 11.38 8.80
N GLN A 94 -1.78 12.55 8.31
CA GLN A 94 -2.36 13.80 8.77
C GLN A 94 -3.14 14.50 7.66
N GLY A 1 12.44 -0.49 20.93
CA GLY A 1 12.68 0.84 20.41
C GLY A 1 11.53 1.35 19.57
N PRO A 2 10.38 1.59 20.22
CA PRO A 2 9.18 2.10 19.55
C PRO A 2 9.34 3.54 19.07
N LEU A 3 8.55 3.92 18.06
CA LEU A 3 8.60 5.26 17.52
C LEU A 3 7.31 6.03 17.83
N GLY A 4 6.22 5.28 17.98
CA GLY A 4 4.94 5.90 18.27
C GLY A 4 3.96 5.78 17.12
N SER A 5 4.45 5.95 15.90
CA SER A 5 3.62 5.86 14.72
C SER A 5 2.44 6.84 14.80
N GLU A 6 1.55 6.75 13.82
CA GLU A 6 0.38 7.62 13.79
C GLU A 6 -0.91 6.83 13.93
N ASN A 7 -2.00 7.52 14.22
CA ASN A 7 -3.30 6.88 14.39
C ASN A 7 -4.00 6.71 13.04
N ARG A 8 -5.10 5.97 13.04
CA ARG A 8 -5.85 5.73 11.82
C ARG A 8 -4.98 5.11 10.74
N SER A 9 -4.31 4.01 11.07
CA SER A 9 -3.43 3.33 10.13
C SER A 9 -3.55 1.81 10.27
N LYS A 10 -4.78 1.35 10.48
CA LYS A 10 -5.03 -0.08 10.63
C LYS A 10 -6.41 -0.45 10.08
N THR A 11 -6.73 0.09 8.90
CA THR A 11 -8.01 -0.19 8.26
C THR A 11 -7.94 0.10 6.76
N THR A 12 -7.30 1.20 6.39
CA THR A 12 -7.17 1.58 4.99
C THR A 12 -6.02 2.56 4.79
N SER A 13 -5.13 2.24 3.86
CA SER A 13 -3.98 3.10 3.58
C SER A 13 -4.17 3.84 2.25
N THR A 14 -3.49 4.98 2.12
CA THR A 14 -3.59 5.78 0.91
C THR A 14 -2.25 6.45 0.60
N TRP A 15 -2.05 6.77 -0.67
CA TRP A 15 -0.81 7.42 -1.10
C TRP A 15 -1.06 8.28 -2.34
N VAL A 16 -0.53 9.50 -2.31
CA VAL A 16 -0.69 10.42 -3.43
C VAL A 16 0.65 10.69 -4.12
N LEU A 17 0.76 10.26 -5.37
CA LEU A 17 1.99 10.46 -6.13
C LEU A 17 1.67 10.84 -7.58
N ARG A 18 2.52 11.68 -8.16
CA ARG A 18 2.33 12.13 -9.53
C ARG A 18 2.70 11.02 -10.52
N LEU A 19 1.70 10.23 -10.92
CA LEU A 19 1.91 9.14 -11.85
C LEU A 19 0.99 9.26 -13.06
N ASP A 20 1.41 8.70 -14.19
CA ASP A 20 0.62 8.76 -15.41
C ASP A 20 0.47 10.19 -15.91
N GLY A 21 1.30 11.09 -15.37
CA GLY A 21 1.24 12.48 -15.77
C GLY A 21 0.25 13.27 -14.94
N GLU A 22 -0.39 12.61 -13.98
CA GLU A 22 -1.37 13.26 -13.13
C GLU A 22 -1.23 12.79 -11.68
N ASP A 23 -1.97 13.41 -10.78
CA ASP A 23 -1.93 13.05 -9.37
C ASP A 23 -2.57 11.69 -9.13
N LEU A 24 -1.77 10.63 -9.25
CA LEU A 24 -2.25 9.27 -9.06
C LEU A 24 -2.58 9.02 -7.58
N ARG A 25 -3.78 8.53 -7.33
CA ARG A 25 -4.22 8.25 -5.97
C ARG A 25 -4.29 6.75 -5.73
N VAL A 26 -3.45 6.25 -4.83
CA VAL A 26 -3.41 4.82 -4.51
C VAL A 26 -4.02 4.56 -3.14
N VAL A 27 -4.82 3.50 -3.05
CA VAL A 27 -5.47 3.13 -1.80
C VAL A 27 -5.38 1.63 -1.55
N LEU A 28 -4.90 1.26 -0.36
CA LEU A 28 -4.77 -0.15 -0.01
C LEU A 28 -5.78 -0.54 1.07
N GLU A 29 -6.83 -1.23 0.65
CA GLU A 29 -7.87 -1.66 1.59
C GLU A 29 -7.42 -2.89 2.37
N LYS A 30 -7.65 -2.87 3.69
CA LYS A 30 -7.27 -3.97 4.55
C LYS A 30 -8.20 -5.17 4.34
N ASP A 31 -9.34 -4.93 3.72
CA ASP A 31 -10.30 -5.99 3.45
C ASP A 31 -9.64 -7.16 2.75
N THR A 32 -8.99 -6.89 1.63
CA THR A 32 -8.30 -7.93 0.86
C THR A 32 -6.90 -7.49 0.46
N MET A 33 -6.40 -6.45 1.12
CA MET A 33 -5.06 -5.93 0.83
C MET A 33 -4.92 -5.61 -0.65
N ASP A 34 -6.02 -5.20 -1.27
CA ASP A 34 -6.01 -4.86 -2.69
C ASP A 34 -5.60 -3.41 -2.90
N VAL A 35 -5.07 -3.11 -4.08
CA VAL A 35 -4.64 -1.75 -4.41
C VAL A 35 -5.62 -1.08 -5.36
N TRP A 36 -6.04 0.13 -5.01
CA TRP A 36 -6.98 0.88 -5.85
C TRP A 36 -6.31 2.11 -6.44
N CYS A 37 -6.34 2.19 -7.78
CA CYS A 37 -5.74 3.32 -8.49
C CYS A 37 -6.72 3.93 -9.46
N ASN A 38 -6.84 5.26 -9.42
CA ASN A 38 -7.75 5.98 -10.30
C ASN A 38 -9.15 5.36 -10.26
N GLY A 39 -9.70 5.25 -9.06
CA GLY A 39 -11.03 4.67 -8.90
C GLY A 39 -11.17 3.34 -9.63
N GLN A 40 -10.11 2.54 -9.62
CA GLN A 40 -10.13 1.25 -10.28
C GLN A 40 -9.34 0.22 -9.47
N LYS A 41 -9.52 -1.05 -9.81
CA LYS A 41 -8.82 -2.13 -9.12
C LYS A 41 -7.45 -2.38 -9.74
N MET A 42 -6.56 -2.98 -8.96
CA MET A 42 -5.21 -3.28 -9.42
C MET A 42 -4.89 -4.76 -9.28
N GLU A 43 -3.81 -5.19 -9.91
CA GLU A 43 -3.40 -6.59 -9.86
C GLU A 43 -2.01 -6.73 -9.23
N THR A 44 -1.97 -7.21 -8.00
CA THR A 44 -0.71 -7.39 -7.29
C THR A 44 -0.20 -8.82 -7.43
N ALA A 45 0.90 -9.12 -6.74
CA ALA A 45 1.49 -10.45 -6.78
C ALA A 45 1.19 -11.22 -5.50
N GLY A 46 1.04 -10.49 -4.40
CA GLY A 46 0.76 -11.13 -3.13
C GLY A 46 1.86 -12.07 -2.68
N GLU A 47 3.11 -11.66 -2.90
CA GLU A 47 4.26 -12.47 -2.53
C GLU A 47 4.43 -12.51 -1.01
N PHE A 48 4.76 -13.68 -0.48
CA PHE A 48 4.95 -13.85 0.95
C PHE A 48 6.41 -14.09 1.28
N VAL A 49 6.96 -13.26 2.18
CA VAL A 49 8.35 -13.38 2.58
C VAL A 49 8.48 -13.99 3.97
N ASP A 50 9.71 -14.12 4.46
CA ASP A 50 9.96 -14.68 5.78
C ASP A 50 9.14 -13.95 6.84
N ASP A 51 8.88 -12.67 6.60
CA ASP A 51 8.11 -11.86 7.54
C ASP A 51 7.56 -10.61 6.86
N GLY A 52 6.37 -10.74 6.28
CA GLY A 52 5.75 -9.63 5.60
C GLY A 52 5.18 -10.02 4.25
N THR A 53 4.61 -9.03 3.54
CA THR A 53 4.03 -9.28 2.23
C THR A 53 4.45 -8.20 1.23
N GLU A 54 4.91 -8.63 0.06
CA GLU A 54 5.33 -7.70 -0.98
C GLU A 54 4.34 -7.68 -2.13
N THR A 55 3.53 -6.63 -2.19
CA THR A 55 2.53 -6.49 -3.24
C THR A 55 3.15 -5.91 -4.51
N HIS A 56 3.25 -6.73 -5.54
CA HIS A 56 3.83 -6.29 -6.81
C HIS A 56 2.73 -6.09 -7.86
N PHE A 57 2.42 -4.83 -8.15
CA PHE A 57 1.39 -4.50 -9.13
C PHE A 57 1.94 -3.59 -10.22
N SER A 58 1.62 -3.91 -11.47
CA SER A 58 2.10 -3.14 -12.60
C SER A 58 1.28 -1.85 -12.75
N VAL A 59 1.97 -0.76 -13.07
CA VAL A 59 1.31 0.53 -13.25
C VAL A 59 1.79 1.22 -14.52
N GLY A 60 0.93 1.24 -15.54
CA GLY A 60 1.30 1.87 -16.80
C GLY A 60 2.60 1.36 -17.36
N ASN A 61 3.59 2.24 -17.45
CA ASN A 61 4.90 1.88 -17.97
C ASN A 61 5.95 1.89 -16.86
N HIS A 62 5.50 1.68 -15.63
CA HIS A 62 6.40 1.68 -14.49
C HIS A 62 6.28 0.36 -13.71
N ASP A 63 6.89 0.31 -12.53
CA ASP A 63 6.85 -0.87 -11.69
C ASP A 63 6.71 -0.50 -10.22
N CYS A 64 5.48 -0.23 -9.80
CA CYS A 64 5.21 0.15 -8.43
C CYS A 64 4.87 -1.08 -7.59
N TYR A 65 5.06 -0.96 -6.27
CA TYR A 65 4.78 -2.06 -5.37
C TYR A 65 4.59 -1.55 -3.92
N ILE A 66 3.67 -2.18 -3.21
CA ILE A 66 3.40 -1.80 -1.82
C ILE A 66 4.13 -2.69 -0.85
N LYS A 67 5.12 -2.12 -0.14
CA LYS A 67 5.90 -2.87 0.82
C LYS A 67 5.15 -3.00 2.14
N ALA A 68 4.58 -4.18 2.38
CA ALA A 68 3.84 -4.44 3.60
C ALA A 68 4.72 -5.10 4.65
N VAL A 69 4.52 -4.71 5.92
CA VAL A 69 5.30 -5.26 7.02
C VAL A 69 4.42 -5.55 8.23
N SER A 70 4.44 -6.79 8.70
CA SER A 70 3.65 -7.18 9.86
C SER A 70 4.47 -7.11 11.14
N SER A 71 3.90 -6.50 12.17
CA SER A 71 4.58 -6.38 13.46
C SER A 71 3.66 -6.75 14.60
N GLY A 72 4.17 -7.57 15.53
CA GLY A 72 3.37 -8.00 16.66
C GLY A 72 3.04 -9.47 16.62
N LYS A 73 2.26 -9.93 17.59
CA LYS A 73 1.87 -11.34 17.66
C LYS A 73 0.73 -11.63 16.69
N ARG A 74 0.90 -12.69 15.89
CA ARG A 74 -0.11 -13.08 14.92
C ARG A 74 -0.48 -11.91 14.00
N LYS A 75 0.55 -11.18 13.56
CA LYS A 75 0.34 -10.04 12.67
C LYS A 75 -0.62 -9.03 13.29
N GLU A 76 -0.38 -8.69 14.56
CA GLU A 76 -1.22 -7.74 15.27
C GLU A 76 -1.38 -6.46 14.47
N GLY A 77 -0.28 -5.71 14.36
CA GLY A 77 -0.31 -4.46 13.61
C GLY A 77 0.48 -4.53 12.32
N ILE A 78 -0.17 -4.19 11.22
CA ILE A 78 0.47 -4.22 9.91
C ILE A 78 0.58 -2.82 9.32
N ILE A 79 1.67 -2.56 8.61
CA ILE A 79 1.89 -1.25 7.99
C ILE A 79 2.33 -1.40 6.54
N HIS A 80 1.63 -0.72 5.64
CA HIS A 80 1.95 -0.78 4.22
C HIS A 80 2.69 0.48 3.79
N THR A 81 3.69 0.30 2.93
CA THR A 81 4.48 1.44 2.43
C THR A 81 4.62 1.38 0.91
N LEU A 82 3.89 2.26 0.23
CA LEU A 82 3.94 2.31 -1.22
C LEU A 82 5.31 2.76 -1.71
N ILE A 83 5.82 2.09 -2.75
CA ILE A 83 7.13 2.42 -3.31
C ILE A 83 7.09 2.39 -4.83
N VAL A 84 7.57 3.46 -5.45
CA VAL A 84 7.62 3.55 -6.91
C VAL A 84 9.02 3.87 -7.42
N ASP A 85 9.58 2.95 -8.19
CA ASP A 85 10.92 3.13 -8.74
C ASP A 85 11.96 3.19 -7.63
N ASN A 86 11.81 2.32 -6.63
CA ASN A 86 12.73 2.27 -5.50
C ASN A 86 12.70 3.59 -4.73
N ARG A 87 11.50 4.12 -4.51
CA ARG A 87 11.34 5.37 -3.78
C ARG A 87 10.16 5.29 -2.82
N GLU A 88 10.42 5.56 -1.54
CA GLU A 88 9.38 5.52 -0.51
C GLU A 88 8.30 6.55 -0.80
N ILE A 89 7.06 6.21 -0.47
CA ILE A 89 5.94 7.11 -0.68
C ILE A 89 5.23 7.44 0.64
N PRO A 90 4.98 8.73 0.87
CA PRO A 90 4.31 9.20 2.09
C PRO A 90 2.84 8.83 2.12
N GLU A 91 2.38 8.32 3.26
CA GLU A 91 0.99 7.92 3.42
C GLU A 91 0.15 9.06 3.98
N LEU A 92 -0.76 9.57 3.16
CA LEU A 92 -1.63 10.67 3.58
C LEU A 92 -2.45 10.29 4.81
N THR A 93 -2.27 11.04 5.89
CA THR A 93 -3.01 10.77 7.12
C THR A 93 -2.74 11.86 8.16
N GLN A 94 -3.82 12.40 8.73
CA GLN A 94 -3.71 13.44 9.73
C GLN A 94 -4.55 13.12 10.96
N GLY A 1 -11.32 -16.76 10.83
CA GLY A 1 -12.49 -15.95 10.52
C GLY A 1 -12.37 -14.55 11.08
N PRO A 2 -13.47 -13.78 11.01
CA PRO A 2 -13.50 -12.39 11.50
C PRO A 2 -13.43 -12.33 13.03
N LEU A 3 -12.22 -12.13 13.55
CA LEU A 3 -12.02 -12.05 14.99
C LEU A 3 -12.61 -10.75 15.55
N GLY A 4 -12.37 -9.65 14.85
CA GLY A 4 -12.88 -8.37 15.29
C GLY A 4 -11.98 -7.69 16.29
N SER A 5 -10.69 -8.00 16.23
CA SER A 5 -9.72 -7.43 17.15
C SER A 5 -9.42 -5.97 16.79
N GLU A 6 -9.52 -5.09 17.77
CA GLU A 6 -9.25 -3.67 17.56
C GLU A 6 -10.22 -3.10 16.52
N ASN A 7 -11.28 -2.45 16.99
CA ASN A 7 -12.27 -1.86 16.11
C ASN A 7 -12.32 -0.35 16.28
N ARG A 8 -11.15 0.29 16.29
CA ARG A 8 -11.05 1.73 16.45
C ARG A 8 -9.97 2.30 15.54
N SER A 9 -9.94 1.84 14.30
CA SER A 9 -8.95 2.31 13.34
C SER A 9 -9.57 2.47 11.95
N LYS A 10 -8.75 2.88 10.99
CA LYS A 10 -9.20 3.06 9.62
C LYS A 10 -8.96 1.81 8.78
N THR A 11 -7.91 1.07 9.14
CA THR A 11 -7.56 -0.15 8.42
C THR A 11 -7.49 0.09 6.92
N THR A 12 -6.92 1.23 6.54
CA THR A 12 -6.79 1.59 5.13
C THR A 12 -5.71 2.63 4.92
N SER A 13 -4.79 2.35 4.01
CA SER A 13 -3.70 3.26 3.71
C SER A 13 -3.92 3.97 2.37
N THR A 14 -3.40 5.20 2.26
CA THR A 14 -3.55 5.98 1.05
C THR A 14 -2.26 6.70 0.70
N TRP A 15 -1.91 6.70 -0.58
CA TRP A 15 -0.69 7.36 -1.04
C TRP A 15 -0.96 8.22 -2.28
N VAL A 16 -0.64 9.50 -2.18
CA VAL A 16 -0.85 10.43 -3.28
C VAL A 16 0.46 10.75 -3.99
N LEU A 17 0.56 10.34 -5.25
CA LEU A 17 1.75 10.58 -6.05
C LEU A 17 1.39 10.93 -7.49
N ARG A 18 2.20 11.79 -8.10
CA ARG A 18 1.96 12.21 -9.48
C ARG A 18 2.39 11.12 -10.46
N LEU A 19 1.44 10.27 -10.84
CA LEU A 19 1.72 9.19 -11.79
C LEU A 19 0.78 9.24 -12.98
N ASP A 20 1.21 8.68 -14.10
CA ASP A 20 0.41 8.66 -15.31
C ASP A 20 0.18 10.06 -15.84
N GLY A 21 0.98 11.01 -15.34
CA GLY A 21 0.85 12.39 -15.77
C GLY A 21 -0.17 13.17 -14.94
N GLU A 22 -0.76 12.50 -13.96
CA GLU A 22 -1.75 13.13 -13.10
C GLU A 22 -1.58 12.69 -11.65
N ASP A 23 -2.34 13.32 -10.76
CA ASP A 23 -2.26 12.99 -9.33
C ASP A 23 -2.86 11.61 -9.06
N LEU A 24 -2.03 10.58 -9.17
CA LEU A 24 -2.48 9.22 -8.94
C LEU A 24 -2.77 8.98 -7.45
N ARG A 25 -4.00 8.55 -7.17
CA ARG A 25 -4.41 8.29 -5.79
C ARG A 25 -4.39 6.80 -5.49
N VAL A 26 -3.44 6.37 -4.67
CA VAL A 26 -3.32 4.97 -4.30
C VAL A 26 -4.02 4.68 -2.98
N VAL A 27 -4.77 3.59 -2.94
CA VAL A 27 -5.50 3.20 -1.73
C VAL A 27 -5.40 1.70 -1.49
N LEU A 28 -4.94 1.33 -0.31
CA LEU A 28 -4.80 -0.08 0.05
C LEU A 28 -5.82 -0.47 1.12
N GLU A 29 -6.83 -1.24 0.70
CA GLU A 29 -7.86 -1.69 1.61
C GLU A 29 -7.42 -2.93 2.38
N LYS A 30 -7.70 -2.94 3.68
CA LYS A 30 -7.32 -4.07 4.53
C LYS A 30 -8.23 -5.27 4.26
N ASP A 31 -9.36 -5.02 3.62
CA ASP A 31 -10.31 -6.08 3.31
C ASP A 31 -9.61 -7.24 2.61
N THR A 32 -8.91 -6.93 1.52
CA THR A 32 -8.20 -7.96 0.75
C THR A 32 -6.82 -7.48 0.35
N MET A 33 -6.34 -6.43 1.02
CA MET A 33 -5.02 -5.87 0.72
C MET A 33 -4.92 -5.48 -0.75
N ASP A 34 -6.05 -5.18 -1.36
CA ASP A 34 -6.08 -4.78 -2.76
C ASP A 34 -5.66 -3.33 -2.93
N VAL A 35 -5.09 -3.01 -4.09
CA VAL A 35 -4.64 -1.65 -4.37
C VAL A 35 -5.59 -0.95 -5.33
N TRP A 36 -5.94 0.29 -5.01
CA TRP A 36 -6.85 1.08 -5.84
C TRP A 36 -6.16 2.32 -6.37
N CYS A 37 -6.14 2.47 -7.69
CA CYS A 37 -5.51 3.63 -8.31
C CYS A 37 -6.43 4.26 -9.34
N ASN A 38 -6.57 5.59 -9.28
CA ASN A 38 -7.43 6.32 -10.20
C ASN A 38 -8.82 5.70 -10.25
N GLY A 39 -9.44 5.55 -9.08
CA GLY A 39 -10.77 4.97 -9.01
C GLY A 39 -10.88 3.68 -9.80
N GLN A 40 -9.84 2.86 -9.72
CA GLN A 40 -9.83 1.59 -10.43
C GLN A 40 -9.04 0.53 -9.65
N LYS A 41 -9.37 -0.74 -9.88
CA LYS A 41 -8.71 -1.84 -9.19
C LYS A 41 -7.31 -2.07 -9.78
N MET A 42 -6.45 -2.73 -9.00
CA MET A 42 -5.09 -3.02 -9.44
C MET A 42 -4.80 -4.51 -9.33
N GLU A 43 -3.71 -4.94 -9.96
CA GLU A 43 -3.31 -6.35 -9.93
C GLU A 43 -1.94 -6.51 -9.30
N THR A 44 -1.93 -7.04 -8.07
CA THR A 44 -0.68 -7.25 -7.35
C THR A 44 -0.17 -8.68 -7.53
N ALA A 45 0.90 -9.01 -6.84
CA ALA A 45 1.48 -10.35 -6.92
C ALA A 45 1.22 -11.14 -5.63
N GLY A 46 1.09 -10.43 -4.52
CA GLY A 46 0.84 -11.08 -3.25
C GLY A 46 1.87 -12.13 -2.91
N GLU A 47 3.15 -11.73 -2.94
CA GLU A 47 4.24 -12.64 -2.65
C GLU A 47 4.50 -12.72 -1.15
N PHE A 48 4.03 -13.80 -0.53
CA PHE A 48 4.21 -13.98 0.91
C PHE A 48 5.63 -14.45 1.23
N VAL A 49 6.38 -13.60 1.92
CA VAL A 49 7.75 -13.92 2.29
C VAL A 49 7.82 -14.50 3.70
N ASP A 50 9.04 -14.77 4.16
CA ASP A 50 9.25 -15.32 5.50
C ASP A 50 8.69 -14.38 6.56
N ASP A 51 8.63 -13.09 6.24
CA ASP A 51 8.11 -12.10 7.17
C ASP A 51 7.64 -10.85 6.42
N GLY A 52 6.33 -10.72 6.25
CA GLY A 52 5.77 -9.57 5.56
C GLY A 52 5.16 -9.95 4.22
N THR A 53 4.68 -8.95 3.49
CA THR A 53 4.06 -9.17 2.19
C THR A 53 4.56 -8.17 1.17
N GLU A 54 4.97 -8.66 0.00
CA GLU A 54 5.46 -7.80 -1.07
C GLU A 54 4.47 -7.73 -2.21
N THR A 55 3.64 -6.69 -2.21
CA THR A 55 2.64 -6.51 -3.26
C THR A 55 3.26 -5.91 -4.52
N HIS A 56 3.35 -6.70 -5.58
CA HIS A 56 3.92 -6.24 -6.84
C HIS A 56 2.82 -6.00 -7.88
N PHE A 57 2.54 -4.73 -8.14
CA PHE A 57 1.51 -4.36 -9.11
C PHE A 57 2.09 -3.45 -10.20
N SER A 58 1.85 -3.82 -11.45
CA SER A 58 2.34 -3.05 -12.58
C SER A 58 1.47 -1.82 -12.83
N VAL A 59 2.04 -0.81 -13.48
CA VAL A 59 1.31 0.41 -13.79
C VAL A 59 1.81 1.05 -15.07
N GLY A 60 1.11 0.81 -16.16
CA GLY A 60 1.50 1.37 -17.45
C GLY A 60 2.91 0.97 -17.84
N ASN A 61 3.83 1.92 -17.75
CA ASN A 61 5.22 1.66 -18.11
C ASN A 61 6.14 1.83 -16.90
N HIS A 62 5.57 1.68 -15.71
CA HIS A 62 6.33 1.81 -14.47
C HIS A 62 6.35 0.50 -13.71
N ASP A 63 6.94 0.52 -12.51
CA ASP A 63 7.02 -0.67 -11.67
C ASP A 63 6.86 -0.32 -10.20
N CYS A 64 5.63 -0.09 -9.78
CA CYS A 64 5.34 0.26 -8.39
C CYS A 64 5.01 -0.98 -7.57
N TYR A 65 5.16 -0.86 -6.25
CA TYR A 65 4.89 -1.98 -5.36
C TYR A 65 4.70 -1.49 -3.92
N ILE A 66 3.79 -2.15 -3.20
CA ILE A 66 3.51 -1.77 -1.82
C ILE A 66 4.27 -2.68 -0.85
N LYS A 67 5.26 -2.10 -0.16
CA LYS A 67 6.06 -2.85 0.80
C LYS A 67 5.33 -3.00 2.13
N ALA A 68 4.77 -4.19 2.36
CA ALA A 68 4.04 -4.46 3.60
C ALA A 68 4.95 -5.08 4.64
N VAL A 69 4.73 -4.72 5.91
CA VAL A 69 5.53 -5.24 7.00
C VAL A 69 4.66 -5.55 8.22
N SER A 70 4.65 -6.80 8.63
CA SER A 70 3.87 -7.23 9.78
C SER A 70 4.67 -7.10 11.07
N SER A 71 3.97 -6.82 12.17
CA SER A 71 4.62 -6.65 13.46
C SER A 71 3.69 -7.11 14.59
N GLY A 72 4.28 -7.78 15.58
CA GLY A 72 3.50 -8.27 16.71
C GLY A 72 3.80 -9.71 17.04
N LYS A 73 2.82 -10.41 17.60
CA LYS A 73 2.99 -11.81 17.97
C LYS A 73 2.85 -12.71 16.75
N ARG A 74 2.04 -12.28 15.78
CA ARG A 74 1.83 -13.05 14.57
C ARG A 74 1.09 -12.21 13.52
N LYS A 75 0.10 -11.45 13.97
CA LYS A 75 -0.68 -10.60 13.08
C LYS A 75 -1.34 -9.46 13.84
N GLU A 76 -0.68 -9.02 14.91
CA GLU A 76 -1.20 -7.93 15.73
C GLU A 76 -1.44 -6.68 14.88
N GLY A 77 -0.36 -6.16 14.30
CA GLY A 77 -0.47 -4.96 13.47
C GLY A 77 0.33 -5.08 12.19
N ILE A 78 -0.06 -4.29 11.19
CA ILE A 78 0.64 -4.30 9.90
C ILE A 78 0.76 -2.89 9.33
N ILE A 79 1.86 -2.65 8.63
CA ILE A 79 2.10 -1.34 8.02
C ILE A 79 2.54 -1.48 6.57
N HIS A 80 1.82 -0.82 5.67
CA HIS A 80 2.14 -0.87 4.25
C HIS A 80 2.82 0.43 3.81
N THR A 81 3.85 0.30 2.97
CA THR A 81 4.58 1.44 2.47
C THR A 81 4.72 1.40 0.96
N LEU A 82 4.02 2.29 0.27
CA LEU A 82 4.06 2.35 -1.18
C LEU A 82 5.43 2.80 -1.67
N ILE A 83 5.93 2.14 -2.71
CA ILE A 83 7.22 2.49 -3.27
C ILE A 83 7.19 2.47 -4.80
N VAL A 84 7.68 3.55 -5.41
CA VAL A 84 7.70 3.66 -6.86
C VAL A 84 9.11 3.96 -7.37
N ASP A 85 9.62 3.10 -8.25
CA ASP A 85 10.95 3.28 -8.80
C ASP A 85 12.00 3.32 -7.69
N ASN A 86 11.85 2.45 -6.71
CA ASN A 86 12.79 2.38 -5.59
C ASN A 86 12.77 3.68 -4.79
N ARG A 87 11.57 4.21 -4.55
CA ARG A 87 11.43 5.44 -3.80
C ARG A 87 10.26 5.35 -2.83
N GLU A 88 10.53 5.62 -1.56
CA GLU A 88 9.50 5.56 -0.52
C GLU A 88 8.41 6.59 -0.79
N ILE A 89 7.17 6.25 -0.43
CA ILE A 89 6.04 7.14 -0.63
C ILE A 89 5.32 7.42 0.68
N PRO A 90 5.07 8.71 0.95
CA PRO A 90 4.37 9.14 2.18
C PRO A 90 2.91 8.74 2.18
N GLU A 91 2.43 8.27 3.33
CA GLU A 91 1.04 7.86 3.47
C GLU A 91 0.17 9.03 3.92
N LEU A 92 -1.15 8.85 3.83
CA LEU A 92 -2.09 9.89 4.22
C LEU A 92 -2.95 9.43 5.40
N THR A 93 -2.79 10.09 6.54
CA THR A 93 -3.54 9.75 7.73
C THR A 93 -3.24 10.73 8.87
N GLN A 94 -1.98 11.16 8.95
CA GLN A 94 -1.56 12.09 9.99
C GLN A 94 -1.17 13.43 9.39
N GLY A 1 15.52 -2.20 8.97
CA GLY A 1 15.74 -2.08 10.40
C GLY A 1 14.50 -2.40 11.21
N PRO A 2 14.56 -2.15 12.53
CA PRO A 2 13.44 -2.41 13.43
C PRO A 2 12.27 -1.45 13.20
N LEU A 3 11.08 -2.02 12.97
CA LEU A 3 9.88 -1.22 12.74
C LEU A 3 8.95 -1.28 13.94
N GLY A 4 8.18 -0.20 14.14
CA GLY A 4 7.25 -0.15 15.25
C GLY A 4 5.86 -0.61 14.86
N SER A 5 4.85 -0.03 15.51
CA SER A 5 3.46 -0.39 15.24
C SER A 5 2.55 0.82 15.45
N GLU A 6 2.18 1.48 14.37
CA GLU A 6 1.31 2.65 14.43
C GLU A 6 -0.04 2.35 13.79
N ASN A 7 -1.07 2.26 14.62
CA ASN A 7 -2.42 1.98 14.13
C ASN A 7 -3.46 2.33 15.19
N ARG A 8 -4.40 3.19 14.82
CA ARG A 8 -5.45 3.62 15.73
C ARG A 8 -6.79 3.75 15.01
N SER A 9 -7.62 2.71 15.10
CA SER A 9 -8.92 2.72 14.44
C SER A 9 -8.78 2.99 12.95
N LYS A 10 -7.65 2.55 12.37
CA LYS A 10 -7.40 2.75 10.95
C LYS A 10 -7.07 1.42 10.27
N THR A 11 -7.76 1.16 9.16
CA THR A 11 -7.54 -0.08 8.41
C THR A 11 -7.49 0.20 6.91
N THR A 12 -6.89 1.32 6.54
CA THR A 12 -6.77 1.70 5.15
C THR A 12 -5.66 2.72 4.94
N SER A 13 -4.75 2.42 4.00
CA SER A 13 -3.64 3.31 3.71
C SER A 13 -3.85 4.04 2.39
N THR A 14 -3.31 5.25 2.30
CA THR A 14 -3.45 6.05 1.08
C THR A 14 -2.12 6.73 0.73
N TRP A 15 -1.79 6.71 -0.56
CA TRP A 15 -0.55 7.32 -1.04
C TRP A 15 -0.81 8.18 -2.26
N VAL A 16 -0.44 9.46 -2.17
CA VAL A 16 -0.63 10.39 -3.27
C VAL A 16 0.69 10.64 -4.01
N LEU A 17 0.74 10.23 -5.27
CA LEU A 17 1.94 10.41 -6.09
C LEU A 17 1.57 10.74 -7.52
N ARG A 18 2.40 11.55 -8.18
CA ARG A 18 2.16 11.94 -9.55
C ARG A 18 2.47 10.79 -10.51
N LEU A 19 1.45 10.00 -10.83
CA LEU A 19 1.62 8.86 -11.72
C LEU A 19 0.69 8.98 -12.93
N ASP A 20 1.08 8.36 -14.03
CA ASP A 20 0.28 8.39 -15.25
C ASP A 20 0.19 9.82 -15.81
N GLY A 21 1.05 10.70 -15.31
CA GLY A 21 1.05 12.07 -15.77
C GLY A 21 0.14 12.95 -14.94
N GLU A 22 -0.53 12.35 -13.96
CA GLU A 22 -1.44 13.10 -13.10
C GLU A 22 -1.31 12.65 -11.65
N ASP A 23 -1.99 13.35 -10.75
CA ASP A 23 -1.96 13.03 -9.32
C ASP A 23 -2.65 11.70 -9.06
N LEU A 24 -1.90 10.61 -9.15
CA LEU A 24 -2.45 9.28 -8.91
C LEU A 24 -2.68 9.04 -7.42
N ARG A 25 -3.91 8.67 -7.07
CA ARG A 25 -4.26 8.40 -5.68
C ARG A 25 -4.30 6.90 -5.40
N VAL A 26 -3.35 6.42 -4.62
CA VAL A 26 -3.28 5.01 -4.27
C VAL A 26 -3.96 4.73 -2.93
N VAL A 27 -4.74 3.66 -2.88
CA VAL A 27 -5.45 3.27 -1.67
C VAL A 27 -5.37 1.77 -1.43
N LEU A 28 -4.93 1.40 -0.23
CA LEU A 28 -4.80 -0.01 0.12
C LEU A 28 -5.84 -0.40 1.17
N GLU A 29 -6.88 -1.12 0.73
CA GLU A 29 -7.94 -1.55 1.63
C GLU A 29 -7.53 -2.81 2.39
N LYS A 30 -7.81 -2.83 3.69
CA LYS A 30 -7.47 -3.97 4.53
C LYS A 30 -8.40 -5.14 4.25
N ASP A 31 -9.53 -4.87 3.59
CA ASP A 31 -10.49 -5.91 3.26
C ASP A 31 -9.82 -7.08 2.56
N THR A 32 -9.07 -6.78 1.49
CA THR A 32 -8.38 -7.80 0.73
C THR A 32 -6.96 -7.35 0.37
N MET A 33 -6.48 -6.32 1.05
CA MET A 33 -5.15 -5.80 0.79
C MET A 33 -4.98 -5.41 -0.67
N ASP A 34 -6.11 -5.09 -1.32
CA ASP A 34 -6.09 -4.70 -2.73
C ASP A 34 -5.67 -3.25 -2.88
N VAL A 35 -5.11 -2.91 -4.05
CA VAL A 35 -4.68 -1.55 -4.33
C VAL A 35 -5.64 -0.84 -5.28
N TRP A 36 -5.99 0.40 -4.95
CA TRP A 36 -6.90 1.18 -5.77
C TRP A 36 -6.22 2.44 -6.28
N CYS A 37 -6.27 2.64 -7.60
CA CYS A 37 -5.65 3.82 -8.21
C CYS A 37 -6.60 4.46 -9.21
N ASN A 38 -6.75 5.78 -9.11
CA ASN A 38 -7.64 6.51 -10.01
C ASN A 38 -9.01 5.86 -10.07
N GLY A 39 -9.63 5.67 -8.91
CA GLY A 39 -10.94 5.05 -8.85
C GLY A 39 -11.02 3.79 -9.68
N GLN A 40 -9.96 2.99 -9.63
CA GLN A 40 -9.93 1.74 -10.38
C GLN A 40 -9.10 0.69 -9.64
N LYS A 41 -9.48 -0.58 -9.80
CA LYS A 41 -8.77 -1.68 -9.16
C LYS A 41 -7.37 -1.85 -9.75
N MET A 42 -6.50 -2.51 -9.00
CA MET A 42 -5.13 -2.74 -9.46
C MET A 42 -4.79 -4.23 -9.43
N GLU A 43 -3.72 -4.60 -10.12
CA GLU A 43 -3.29 -6.00 -10.18
C GLU A 43 -1.89 -6.17 -9.58
N THR A 44 -1.83 -6.74 -8.40
CA THR A 44 -0.55 -6.96 -7.72
C THR A 44 -0.04 -8.37 -7.97
N ALA A 45 1.07 -8.71 -7.32
CA ALA A 45 1.67 -10.03 -7.47
C ALA A 45 1.31 -10.93 -6.30
N GLY A 46 1.15 -10.34 -5.12
CA GLY A 46 0.80 -11.10 -3.93
C GLY A 46 1.84 -12.14 -3.60
N GLU A 47 2.75 -11.82 -2.69
CA GLU A 47 3.81 -12.74 -2.29
C GLU A 47 4.23 -12.49 -0.85
N PHE A 48 3.76 -13.35 0.06
CA PHE A 48 4.08 -13.21 1.47
C PHE A 48 5.44 -13.84 1.78
N VAL A 49 6.14 -13.29 2.76
CA VAL A 49 7.45 -13.80 3.15
C VAL A 49 7.62 -13.77 4.67
N ASP A 50 8.80 -14.16 5.14
CA ASP A 50 9.09 -14.18 6.56
C ASP A 50 8.89 -12.79 7.18
N ASP A 51 8.94 -11.76 6.34
CA ASP A 51 8.76 -10.39 6.80
C ASP A 51 7.30 -9.97 6.69
N GLY A 52 6.85 -9.73 5.46
CA GLY A 52 5.47 -9.32 5.25
C GLY A 52 4.94 -9.77 3.91
N THR A 53 4.47 -8.82 3.11
CA THR A 53 3.93 -9.12 1.79
C THR A 53 4.43 -8.14 0.74
N GLU A 54 4.92 -8.66 -0.38
CA GLU A 54 5.44 -7.83 -1.46
C GLU A 54 4.45 -7.76 -2.61
N THR A 55 3.64 -6.71 -2.62
CA THR A 55 2.65 -6.52 -3.67
C THR A 55 3.24 -5.80 -4.88
N HIS A 56 3.40 -6.52 -5.98
CA HIS A 56 3.96 -5.95 -7.20
C HIS A 56 2.86 -5.67 -8.22
N PHE A 57 2.55 -4.38 -8.39
CA PHE A 57 1.52 -3.98 -9.34
C PHE A 57 2.08 -3.02 -10.39
N SER A 58 1.94 -3.40 -11.66
CA SER A 58 2.45 -2.58 -12.75
C SER A 58 1.43 -1.51 -13.14
N VAL A 59 1.92 -0.40 -13.70
CA VAL A 59 1.05 0.69 -14.12
C VAL A 59 1.62 1.40 -15.35
N GLY A 60 0.98 1.16 -16.49
CA GLY A 60 1.43 1.77 -17.73
C GLY A 60 2.87 1.46 -18.05
N ASN A 61 3.73 2.47 -17.94
CA ASN A 61 5.16 2.29 -18.22
C ASN A 61 5.99 2.55 -16.97
N HIS A 62 5.38 2.37 -15.81
CA HIS A 62 6.06 2.60 -14.54
C HIS A 62 6.03 1.34 -13.68
N ASP A 63 6.89 1.30 -12.67
CA ASP A 63 6.95 0.15 -11.77
C ASP A 63 6.73 0.58 -10.32
N CYS A 64 5.71 0.01 -9.69
CA CYS A 64 5.37 0.34 -8.31
C CYS A 64 4.95 -0.91 -7.54
N TYR A 65 5.27 -0.94 -6.25
CA TYR A 65 4.93 -2.08 -5.40
C TYR A 65 4.69 -1.64 -3.96
N ILE A 66 3.79 -2.32 -3.28
CA ILE A 66 3.48 -2.01 -1.89
C ILE A 66 4.23 -2.92 -0.93
N LYS A 67 5.19 -2.36 -0.20
CA LYS A 67 5.98 -3.12 0.76
C LYS A 67 5.22 -3.29 2.08
N ALA A 68 4.66 -4.47 2.29
CA ALA A 68 3.92 -4.75 3.52
C ALA A 68 4.80 -5.45 4.55
N VAL A 69 4.57 -5.17 5.82
CA VAL A 69 5.35 -5.77 6.89
C VAL A 69 4.49 -6.00 8.13
N SER A 70 4.32 -7.26 8.49
CA SER A 70 3.51 -7.63 9.65
C SER A 70 4.36 -7.66 10.92
N SER A 71 3.75 -7.31 12.05
CA SER A 71 4.45 -7.29 13.32
C SER A 71 3.52 -7.69 14.46
N GLY A 72 4.09 -8.25 15.53
CA GLY A 72 3.29 -8.67 16.66
C GLY A 72 3.28 -10.18 16.84
N LYS A 73 2.59 -10.64 17.87
CA LYS A 73 2.51 -12.07 18.15
C LYS A 73 1.86 -12.82 16.97
N ARG A 74 0.60 -12.51 16.70
CA ARG A 74 -0.12 -13.15 15.61
C ARG A 74 -0.87 -12.11 14.78
N LYS A 75 -0.16 -11.50 13.83
CA LYS A 75 -0.76 -10.49 12.96
C LYS A 75 -1.44 -9.40 13.78
N GLU A 76 -0.77 -8.95 14.84
CA GLU A 76 -1.32 -7.91 15.70
C GLU A 76 -1.44 -6.59 14.95
N GLY A 77 -0.35 -6.19 14.28
CA GLY A 77 -0.35 -4.95 13.54
C GLY A 77 0.48 -5.03 12.27
N ILE A 78 -0.09 -4.58 11.16
CA ILE A 78 0.60 -4.60 9.88
C ILE A 78 0.77 -3.20 9.32
N ILE A 79 1.87 -2.98 8.61
CA ILE A 79 2.15 -1.67 8.02
C ILE A 79 2.57 -1.81 6.56
N HIS A 80 1.90 -1.09 5.67
CA HIS A 80 2.21 -1.13 4.25
C HIS A 80 2.85 0.17 3.80
N THR A 81 3.91 0.07 3.01
CA THR A 81 4.61 1.24 2.50
C THR A 81 4.73 1.20 0.98
N LEU A 82 4.13 2.17 0.32
CA LEU A 82 4.17 2.25 -1.14
C LEU A 82 5.54 2.69 -1.63
N ILE A 83 6.07 1.99 -2.63
CA ILE A 83 7.37 2.31 -3.18
C ILE A 83 7.35 2.26 -4.71
N VAL A 84 7.62 3.40 -5.33
CA VAL A 84 7.63 3.49 -6.79
C VAL A 84 9.00 3.93 -7.30
N ASP A 85 9.56 3.16 -8.22
CA ASP A 85 10.86 3.47 -8.80
C ASP A 85 11.95 3.42 -7.73
N ASN A 86 11.82 2.49 -6.80
CA ASN A 86 12.79 2.33 -5.73
C ASN A 86 12.82 3.58 -4.84
N ARG A 87 11.64 4.10 -4.53
CA ARG A 87 11.54 5.30 -3.69
C ARG A 87 10.35 5.20 -2.74
N GLU A 88 10.60 5.41 -1.46
CA GLU A 88 9.54 5.34 -0.45
C GLU A 88 8.48 6.40 -0.71
N ILE A 89 7.23 6.06 -0.39
CA ILE A 89 6.12 6.98 -0.58
C ILE A 89 5.39 7.25 0.73
N PRO A 90 5.16 8.55 1.02
CA PRO A 90 4.47 8.97 2.24
C PRO A 90 2.99 8.60 2.23
N GLU A 91 2.50 8.13 3.37
CA GLU A 91 1.10 7.74 3.50
C GLU A 91 0.24 8.92 3.94
N LEU A 92 -0.51 9.47 3.00
CA LEU A 92 -1.37 10.61 3.28
C LEU A 92 -2.27 10.33 4.48
N THR A 93 -2.30 11.26 5.42
CA THR A 93 -3.13 11.11 6.62
C THR A 93 -4.12 12.25 6.75
N GLN A 94 -3.66 13.47 6.52
CA GLN A 94 -4.53 14.65 6.61
C GLN A 94 -4.43 15.48 5.34
N GLY A 1 -6.55 -13.29 8.11
CA GLY A 1 -7.95 -13.60 8.28
C GLY A 1 -8.60 -12.81 9.39
N PRO A 2 -8.73 -11.49 9.19
CA PRO A 2 -9.33 -10.58 10.18
C PRO A 2 -10.84 -10.83 10.34
N LEU A 3 -11.38 -10.35 11.45
CA LEU A 3 -12.81 -10.51 11.73
C LEU A 3 -13.26 -9.57 12.83
N GLY A 4 -14.31 -8.81 12.57
CA GLY A 4 -14.83 -7.87 13.55
C GLY A 4 -15.59 -6.72 12.92
N SER A 5 -15.75 -5.64 13.68
CA SER A 5 -16.47 -4.47 13.19
C SER A 5 -16.19 -3.25 14.07
N GLU A 6 -14.91 -2.90 14.20
CA GLU A 6 -14.52 -1.76 15.01
C GLU A 6 -13.39 -0.98 14.33
N ASN A 7 -13.73 -0.28 13.26
CA ASN A 7 -12.74 0.50 12.52
C ASN A 7 -13.43 1.52 11.60
N ARG A 8 -12.64 2.43 11.05
CA ARG A 8 -13.17 3.45 10.15
C ARG A 8 -12.12 3.87 9.13
N SER A 9 -11.08 4.54 9.60
CA SER A 9 -10.01 4.99 8.72
C SER A 9 -8.65 4.58 9.26
N LYS A 10 -8.57 3.37 9.80
CA LYS A 10 -7.33 2.85 10.35
C LYS A 10 -6.88 1.60 9.60
N THR A 11 -7.85 0.84 9.09
CA THR A 11 -7.55 -0.37 8.34
C THR A 11 -7.48 -0.10 6.85
N THR A 12 -6.89 1.02 6.48
CA THR A 12 -6.76 1.40 5.07
C THR A 12 -5.64 2.41 4.88
N SER A 13 -4.74 2.12 3.94
CA SER A 13 -3.62 3.01 3.66
C SER A 13 -3.83 3.73 2.34
N THR A 14 -3.24 4.93 2.23
CA THR A 14 -3.37 5.74 1.02
C THR A 14 -2.04 6.39 0.66
N TRP A 15 -1.88 6.74 -0.62
CA TRP A 15 -0.65 7.38 -1.08
C TRP A 15 -0.94 8.28 -2.28
N VAL A 16 -0.50 9.52 -2.20
CA VAL A 16 -0.71 10.47 -3.28
C VAL A 16 0.59 10.74 -4.05
N LEU A 17 0.61 10.35 -5.32
CA LEU A 17 1.79 10.53 -6.16
C LEU A 17 1.39 10.92 -7.57
N ARG A 18 2.23 11.73 -8.22
CA ARG A 18 1.96 12.18 -9.58
C ARG A 18 2.19 11.04 -10.58
N LEU A 19 1.13 10.30 -10.86
CA LEU A 19 1.21 9.18 -11.81
C LEU A 19 0.25 9.38 -12.97
N ASP A 20 0.59 8.81 -14.12
CA ASP A 20 -0.24 8.92 -15.31
C ASP A 20 -0.32 10.36 -15.79
N GLY A 21 0.57 11.20 -15.28
CA GLY A 21 0.59 12.60 -15.67
C GLY A 21 -0.29 13.45 -14.78
N GLU A 22 -0.93 12.82 -13.79
CA GLU A 22 -1.82 13.54 -12.87
C GLU A 22 -1.64 13.02 -11.45
N ASP A 23 -2.28 13.70 -10.50
CA ASP A 23 -2.20 13.31 -9.10
C ASP A 23 -2.92 11.97 -8.86
N LEU A 24 -2.18 10.88 -9.00
CA LEU A 24 -2.75 9.56 -8.80
C LEU A 24 -2.92 9.24 -7.31
N ARG A 25 -4.11 8.78 -6.94
CA ARG A 25 -4.40 8.45 -5.56
C ARG A 25 -4.45 6.94 -5.36
N VAL A 26 -3.51 6.42 -4.59
CA VAL A 26 -3.44 4.99 -4.32
C VAL A 26 -4.13 4.65 -3.00
N VAL A 27 -4.86 3.55 -2.99
CA VAL A 27 -5.57 3.10 -1.79
C VAL A 27 -5.40 1.60 -1.58
N LEU A 28 -4.93 1.22 -0.39
CA LEU A 28 -4.73 -0.18 -0.07
C LEU A 28 -5.72 -0.63 1.00
N GLU A 29 -6.73 -1.40 0.60
CA GLU A 29 -7.73 -1.90 1.52
C GLU A 29 -7.22 -3.12 2.27
N LYS A 30 -7.46 -3.13 3.58
CA LYS A 30 -7.01 -4.24 4.43
C LYS A 30 -7.89 -5.47 4.20
N ASP A 31 -9.05 -5.26 3.61
CA ASP A 31 -9.98 -6.35 3.33
C ASP A 31 -9.28 -7.50 2.61
N THR A 32 -8.66 -7.19 1.48
CA THR A 32 -7.95 -8.19 0.70
C THR A 32 -6.61 -7.66 0.21
N MET A 33 -6.15 -6.58 0.83
CA MET A 33 -4.87 -5.98 0.46
C MET A 33 -4.90 -5.48 -0.98
N ASP A 34 -6.10 -5.33 -1.52
CA ASP A 34 -6.26 -4.86 -2.90
C ASP A 34 -5.73 -3.44 -3.06
N VAL A 35 -5.05 -3.20 -4.17
CA VAL A 35 -4.49 -1.88 -4.45
C VAL A 35 -5.30 -1.13 -5.50
N TRP A 36 -5.87 0.01 -5.10
CA TRP A 36 -6.68 0.81 -6.01
C TRP A 36 -5.88 1.99 -6.55
N CYS A 37 -5.89 2.13 -7.88
CA CYS A 37 -5.16 3.23 -8.52
C CYS A 37 -6.10 4.07 -9.38
N ASN A 38 -6.46 5.24 -8.88
CA ASN A 38 -7.35 6.14 -9.59
C ASN A 38 -8.54 5.37 -10.18
N GLY A 39 -9.43 4.92 -9.30
CA GLY A 39 -10.60 4.19 -9.74
C GLY A 39 -10.24 3.08 -10.71
N GLN A 40 -9.13 2.40 -10.46
CA GLN A 40 -8.69 1.31 -11.32
C GLN A 40 -7.98 0.23 -10.51
N LYS A 41 -8.59 -0.95 -10.46
CA LYS A 41 -8.02 -2.08 -9.72
C LYS A 41 -6.58 -2.34 -10.15
N MET A 42 -5.83 -3.04 -9.31
CA MET A 42 -4.44 -3.36 -9.60
C MET A 42 -4.20 -4.86 -9.47
N GLU A 43 -3.09 -5.33 -10.03
CA GLU A 43 -2.74 -6.74 -9.98
C GLU A 43 -1.41 -6.95 -9.25
N THR A 44 -1.48 -7.46 -8.02
CA THR A 44 -0.29 -7.71 -7.22
C THR A 44 0.17 -9.14 -7.35
N ALA A 45 1.23 -9.48 -6.63
CA ALA A 45 1.77 -10.84 -6.66
C ALA A 45 1.17 -11.70 -5.56
N GLY A 46 0.82 -11.08 -4.45
CA GLY A 46 0.23 -11.81 -3.34
C GLY A 46 1.10 -12.97 -2.88
N GLU A 47 2.23 -12.65 -2.28
CA GLU A 47 3.16 -13.68 -1.80
C GLU A 47 3.50 -13.45 -0.33
N PHE A 48 3.07 -14.37 0.52
CA PHE A 48 3.34 -14.28 1.95
C PHE A 48 4.71 -14.86 2.28
N VAL A 49 5.61 -14.01 2.78
CA VAL A 49 6.95 -14.44 3.13
C VAL A 49 6.99 -14.99 4.55
N ASP A 50 8.18 -15.37 5.01
CA ASP A 50 8.34 -15.92 6.35
C ASP A 50 7.74 -14.98 7.40
N ASP A 51 7.75 -13.69 7.11
CA ASP A 51 7.19 -12.69 8.02
C ASP A 51 6.96 -11.37 7.29
N GLY A 52 5.73 -11.19 6.80
CA GLY A 52 5.40 -9.97 6.09
C GLY A 52 4.77 -10.23 4.74
N THR A 53 4.39 -9.16 4.05
CA THR A 53 3.77 -9.28 2.73
C THR A 53 4.38 -8.30 1.74
N GLU A 54 4.74 -8.81 0.56
CA GLU A 54 5.34 -7.98 -0.47
C GLU A 54 4.43 -7.89 -1.70
N THR A 55 3.63 -6.84 -1.77
CA THR A 55 2.71 -6.65 -2.89
C THR A 55 3.45 -6.15 -4.12
N HIS A 56 3.56 -7.01 -5.13
CA HIS A 56 4.24 -6.66 -6.38
C HIS A 56 3.23 -6.45 -7.50
N PHE A 57 2.99 -5.19 -7.85
CA PHE A 57 2.06 -4.85 -8.90
C PHE A 57 2.73 -3.98 -9.97
N SER A 58 1.94 -3.54 -10.95
CA SER A 58 2.46 -2.70 -12.02
C SER A 58 1.38 -1.75 -12.53
N VAL A 59 1.82 -0.68 -13.21
CA VAL A 59 0.89 0.31 -13.75
C VAL A 59 1.26 0.68 -15.18
N GLY A 60 0.57 0.07 -16.14
CA GLY A 60 0.84 0.35 -17.54
C GLY A 60 2.30 0.16 -17.89
N ASN A 61 2.98 1.25 -18.23
CA ASN A 61 4.39 1.20 -18.60
C ASN A 61 5.27 1.68 -17.46
N HIS A 62 4.76 1.57 -16.23
CA HIS A 62 5.50 1.99 -15.05
C HIS A 62 5.92 0.79 -14.21
N ASP A 63 6.43 1.06 -13.00
CA ASP A 63 6.86 0.01 -12.11
C ASP A 63 6.80 0.46 -10.65
N CYS A 64 5.82 -0.05 -9.91
CA CYS A 64 5.65 0.30 -8.51
C CYS A 64 5.22 -0.91 -7.69
N TYR A 65 5.39 -0.81 -6.37
CA TYR A 65 5.03 -1.90 -5.47
C TYR A 65 4.83 -1.39 -4.06
N ILE A 66 3.94 -2.03 -3.31
CA ILE A 66 3.67 -1.64 -1.93
C ILE A 66 4.42 -2.53 -0.95
N LYS A 67 5.37 -1.95 -0.23
CA LYS A 67 6.16 -2.69 0.74
C LYS A 67 5.40 -2.84 2.06
N ALA A 68 4.84 -4.02 2.29
CA ALA A 68 4.10 -4.30 3.51
C ALA A 68 4.94 -5.07 4.51
N VAL A 69 4.74 -4.79 5.80
CA VAL A 69 5.48 -5.46 6.85
C VAL A 69 4.62 -5.68 8.09
N SER A 70 4.67 -6.89 8.64
CA SER A 70 3.87 -7.23 9.82
C SER A 70 4.76 -7.28 11.06
N SER A 71 4.32 -6.59 12.11
CA SER A 71 5.07 -6.57 13.37
C SER A 71 4.14 -6.56 14.57
N GLY A 72 4.60 -7.12 15.68
CA GLY A 72 3.79 -7.17 16.88
C GLY A 72 3.72 -8.56 17.48
N LYS A 73 3.15 -8.66 18.68
CA LYS A 73 3.02 -9.95 19.35
C LYS A 73 2.12 -10.90 18.56
N ARG A 74 2.74 -11.74 17.74
CA ARG A 74 1.99 -12.69 16.92
C ARG A 74 1.07 -11.96 15.94
N LYS A 75 1.66 -11.17 15.06
CA LYS A 75 0.90 -10.42 14.07
C LYS A 75 -0.12 -9.51 14.75
N GLU A 76 0.33 -8.35 15.19
CA GLU A 76 -0.55 -7.38 15.85
C GLU A 76 -0.92 -6.24 14.90
N GLY A 77 0.11 -5.60 14.34
CA GLY A 77 -0.13 -4.51 13.43
C GLY A 77 0.70 -4.61 12.16
N ILE A 78 0.15 -4.12 11.06
CA ILE A 78 0.85 -4.16 9.77
C ILE A 78 0.90 -2.78 9.13
N ILE A 79 2.03 -2.47 8.50
CA ILE A 79 2.21 -1.19 7.85
C ILE A 79 2.61 -1.36 6.39
N HIS A 80 2.07 -0.52 5.52
CA HIS A 80 2.38 -0.58 4.09
C HIS A 80 3.09 0.68 3.63
N THR A 81 4.04 0.52 2.71
CA THR A 81 4.81 1.65 2.20
C THR A 81 4.89 1.60 0.67
N LEU A 82 4.15 2.50 0.02
CA LEU A 82 4.14 2.57 -1.43
C LEU A 82 5.49 3.03 -1.97
N ILE A 83 6.00 2.33 -2.98
CA ILE A 83 7.29 2.67 -3.58
C ILE A 83 7.21 2.64 -5.10
N VAL A 84 7.34 3.79 -5.74
CA VAL A 84 7.29 3.89 -7.19
C VAL A 84 8.61 4.41 -7.75
N ASP A 85 9.14 3.70 -8.74
CA ASP A 85 10.40 4.09 -9.37
C ASP A 85 11.55 4.05 -8.37
N ASN A 86 11.48 3.10 -7.44
CA ASN A 86 12.52 2.95 -6.42
C ASN A 86 12.57 4.17 -5.51
N ARG A 87 11.39 4.66 -5.13
CA ARG A 87 11.31 5.83 -4.25
C ARG A 87 10.17 5.68 -3.26
N GLU A 88 10.48 5.88 -1.98
CA GLU A 88 9.48 5.77 -0.92
C GLU A 88 8.38 6.81 -1.11
N ILE A 89 7.15 6.44 -0.73
CA ILE A 89 6.02 7.34 -0.85
C ILE A 89 5.33 7.54 0.50
N PRO A 90 5.08 8.82 0.85
CA PRO A 90 4.43 9.17 2.11
C PRO A 90 2.96 8.77 2.14
N GLU A 91 2.52 8.22 3.27
CA GLU A 91 1.15 7.78 3.43
C GLU A 91 0.28 8.91 3.98
N LEU A 92 -0.87 9.13 3.36
CA LEU A 92 -1.79 10.18 3.79
C LEU A 92 -2.16 10.02 5.26
N THR A 93 -1.73 10.98 6.08
CA THR A 93 -2.01 10.95 7.51
C THR A 93 -2.73 12.22 7.96
N GLN A 94 -3.48 12.82 7.05
CA GLN A 94 -4.21 14.04 7.35
C GLN A 94 -3.26 15.17 7.71
N GLY A 1 -23.31 5.23 -1.22
CA GLY A 1 -24.04 6.16 -2.05
C GLY A 1 -24.10 7.55 -1.44
N PRO A 2 -24.93 8.43 -2.04
CA PRO A 2 -25.08 9.80 -1.57
C PRO A 2 -25.81 9.88 -0.23
N LEU A 3 -26.82 9.04 -0.07
CA LEU A 3 -27.59 9.01 1.17
C LEU A 3 -26.73 8.58 2.35
N GLY A 4 -26.87 9.30 3.46
CA GLY A 4 -26.10 8.98 4.65
C GLY A 4 -24.85 9.85 4.78
N SER A 5 -23.76 9.24 5.21
CA SER A 5 -22.50 9.96 5.38
C SER A 5 -21.31 9.01 5.31
N GLU A 6 -20.11 9.58 5.31
CA GLU A 6 -18.88 8.78 5.23
C GLU A 6 -18.13 8.84 6.55
N ASN A 7 -18.19 7.74 7.31
CA ASN A 7 -17.51 7.67 8.60
C ASN A 7 -16.01 7.41 8.41
N ARG A 8 -15.29 7.30 9.52
CA ARG A 8 -13.86 7.05 9.47
C ARG A 8 -13.53 5.64 9.97
N SER A 9 -12.26 5.27 9.89
CA SER A 9 -11.81 3.95 10.34
C SER A 9 -10.30 3.84 10.31
N LYS A 10 -9.78 2.70 10.74
CA LYS A 10 -8.34 2.47 10.76
C LYS A 10 -7.98 1.16 10.07
N THR A 11 -8.56 0.95 8.88
CA THR A 11 -8.29 -0.26 8.11
C THR A 11 -8.21 0.04 6.61
N THR A 12 -7.55 1.15 6.28
CA THR A 12 -7.40 1.55 4.88
C THR A 12 -6.24 2.52 4.72
N SER A 13 -5.34 2.20 3.79
CA SER A 13 -4.18 3.05 3.53
C SER A 13 -4.35 3.83 2.24
N THR A 14 -3.71 4.99 2.16
CA THR A 14 -3.79 5.83 0.97
C THR A 14 -2.45 6.48 0.67
N TRP A 15 -2.27 6.91 -0.58
CA TRP A 15 -1.03 7.56 -0.99
C TRP A 15 -1.28 8.52 -2.15
N VAL A 16 -0.38 9.48 -2.31
CA VAL A 16 -0.51 10.47 -3.38
C VAL A 16 0.83 10.71 -4.07
N LEU A 17 0.90 10.34 -5.34
CA LEU A 17 2.12 10.51 -6.12
C LEU A 17 1.81 10.91 -7.56
N ARG A 18 2.71 11.69 -8.15
CA ARG A 18 2.52 12.15 -9.53
C ARG A 18 2.73 11.01 -10.52
N LEU A 19 1.66 10.29 -10.82
CA LEU A 19 1.72 9.17 -11.76
C LEU A 19 0.86 9.44 -12.99
N ASP A 20 1.28 8.90 -14.13
CA ASP A 20 0.55 9.07 -15.37
C ASP A 20 0.56 10.54 -15.81
N GLY A 21 1.44 11.33 -15.20
CA GLY A 21 1.52 12.74 -15.53
C GLY A 21 0.60 13.59 -14.68
N GLU A 22 -0.12 12.95 -13.76
CA GLU A 22 -1.04 13.66 -12.89
C GLU A 22 -0.98 13.10 -11.47
N ASP A 23 -1.60 13.82 -10.52
CA ASP A 23 -1.61 13.40 -9.14
C ASP A 23 -2.41 12.11 -8.96
N LEU A 24 -1.74 10.99 -9.09
CA LEU A 24 -2.39 9.68 -8.95
C LEU A 24 -2.56 9.32 -7.48
N ARG A 25 -3.77 8.92 -7.11
CA ARG A 25 -4.07 8.54 -5.74
C ARG A 25 -4.21 7.03 -5.60
N VAL A 26 -3.38 6.44 -4.73
CA VAL A 26 -3.40 5.01 -4.51
C VAL A 26 -4.04 4.67 -3.16
N VAL A 27 -4.75 3.55 -3.12
CA VAL A 27 -5.40 3.11 -1.90
C VAL A 27 -5.21 1.61 -1.67
N LEU A 28 -5.06 1.22 -0.41
CA LEU A 28 -4.87 -0.17 -0.05
C LEU A 28 -5.86 -0.61 1.03
N GLU A 29 -6.89 -1.34 0.61
CA GLU A 29 -7.91 -1.82 1.55
C GLU A 29 -7.37 -2.97 2.38
N LYS A 30 -7.60 -2.90 3.69
CA LYS A 30 -7.14 -3.94 4.61
C LYS A 30 -8.00 -5.18 4.48
N ASP A 31 -9.17 -5.04 3.88
CA ASP A 31 -10.08 -6.16 3.69
C ASP A 31 -9.37 -7.34 3.04
N THR A 32 -8.76 -7.10 1.89
CA THR A 32 -8.04 -8.15 1.17
C THR A 32 -6.70 -7.64 0.66
N MET A 33 -6.24 -6.53 1.22
CA MET A 33 -4.97 -5.94 0.81
C MET A 33 -4.98 -5.57 -0.67
N ASP A 34 -6.16 -5.25 -1.19
CA ASP A 34 -6.30 -4.89 -2.59
C ASP A 34 -5.82 -3.45 -2.83
N VAL A 35 -5.23 -3.22 -4.00
CA VAL A 35 -4.72 -1.91 -4.35
C VAL A 35 -5.64 -1.21 -5.36
N TRP A 36 -5.85 0.08 -5.16
CA TRP A 36 -6.71 0.86 -6.06
C TRP A 36 -5.97 2.06 -6.60
N CYS A 37 -5.92 2.18 -7.93
CA CYS A 37 -5.24 3.28 -8.58
C CYS A 37 -6.23 4.17 -9.33
N ASN A 38 -6.45 5.38 -8.81
CA ASN A 38 -7.38 6.31 -9.43
C ASN A 38 -8.70 5.63 -9.76
N GLY A 39 -9.44 5.25 -8.72
CA GLY A 39 -10.72 4.59 -8.92
C GLY A 39 -10.63 3.44 -9.90
N GLN A 40 -9.48 2.79 -9.95
CA GLN A 40 -9.27 1.67 -10.86
C GLN A 40 -8.58 0.51 -10.15
N LYS A 41 -9.24 -0.63 -10.13
CA LYS A 41 -8.69 -1.83 -9.47
C LYS A 41 -7.28 -2.14 -10.01
N MET A 42 -6.47 -2.75 -9.16
CA MET A 42 -5.11 -3.11 -9.54
C MET A 42 -4.90 -4.62 -9.49
N GLU A 43 -3.82 -5.08 -10.10
CA GLU A 43 -3.51 -6.51 -10.13
C GLU A 43 -2.18 -6.80 -9.43
N THR A 44 -2.26 -7.38 -8.24
CA THR A 44 -1.06 -7.70 -7.47
C THR A 44 -0.65 -9.15 -7.69
N ALA A 45 0.54 -9.50 -7.22
CA ALA A 45 1.06 -10.85 -7.35
C ALA A 45 0.79 -11.67 -6.10
N GLY A 46 0.63 -10.98 -4.96
CA GLY A 46 0.37 -11.66 -3.71
C GLY A 46 1.51 -12.58 -3.31
N GLU A 47 2.59 -11.99 -2.81
CA GLU A 47 3.75 -12.77 -2.38
C GLU A 47 4.17 -12.38 -0.97
N PHE A 48 3.81 -13.22 0.00
CA PHE A 48 4.15 -12.96 1.40
C PHE A 48 5.52 -13.55 1.74
N VAL A 49 6.37 -12.73 2.35
CA VAL A 49 7.70 -13.17 2.73
C VAL A 49 7.68 -13.93 4.04
N ASP A 50 8.85 -14.30 4.54
CA ASP A 50 8.97 -15.04 5.79
C ASP A 50 8.20 -14.34 6.90
N ASP A 51 8.10 -13.02 6.81
CA ASP A 51 7.39 -12.22 7.80
C ASP A 51 6.45 -11.23 7.14
N GLY A 52 7.01 -10.14 6.61
CA GLY A 52 6.22 -9.13 5.95
C GLY A 52 5.49 -9.66 4.74
N THR A 53 5.03 -8.75 3.88
CA THR A 53 4.31 -9.14 2.67
C THR A 53 4.67 -8.23 1.51
N GLU A 54 4.94 -8.84 0.36
CA GLU A 54 5.30 -8.07 -0.84
C GLU A 54 4.17 -8.10 -1.86
N THR A 55 3.84 -6.93 -2.40
CA THR A 55 2.77 -6.82 -3.39
C THR A 55 3.30 -6.29 -4.72
N HIS A 56 3.32 -7.16 -5.72
CA HIS A 56 3.81 -6.79 -7.05
C HIS A 56 2.65 -6.51 -7.99
N PHE A 57 2.48 -5.24 -8.36
CA PHE A 57 1.40 -4.84 -9.25
C PHE A 57 1.91 -3.87 -10.32
N SER A 58 1.53 -4.11 -11.56
CA SER A 58 1.94 -3.26 -12.68
C SER A 58 1.04 -2.03 -12.80
N VAL A 59 1.59 -0.95 -13.32
CA VAL A 59 0.83 0.29 -13.50
C VAL A 59 1.11 0.91 -14.85
N GLY A 60 0.23 0.66 -15.82
CA GLY A 60 0.40 1.22 -17.15
C GLY A 60 1.75 0.87 -17.74
N ASN A 61 2.63 1.87 -17.81
CA ASN A 61 3.97 1.67 -18.36
C ASN A 61 5.04 1.88 -17.29
N HIS A 62 4.66 1.67 -16.03
CA HIS A 62 5.59 1.83 -14.93
C HIS A 62 5.67 0.56 -14.09
N ASP A 63 6.32 0.65 -12.92
CA ASP A 63 6.46 -0.49 -12.03
C ASP A 63 6.37 -0.04 -10.57
N CYS A 64 5.24 -0.34 -9.94
CA CYS A 64 5.03 0.03 -8.54
C CYS A 64 4.76 -1.20 -7.69
N TYR A 65 5.00 -1.08 -6.39
CA TYR A 65 4.80 -2.19 -5.46
C TYR A 65 4.61 -1.68 -4.03
N ILE A 66 3.74 -2.34 -3.28
CA ILE A 66 3.48 -1.96 -1.90
C ILE A 66 4.26 -2.84 -0.92
N LYS A 67 5.25 -2.25 -0.26
CA LYS A 67 6.05 -2.98 0.70
C LYS A 67 5.35 -3.10 2.05
N ALA A 68 4.79 -4.28 2.32
CA ALA A 68 4.08 -4.53 3.56
C ALA A 68 5.02 -5.10 4.63
N VAL A 69 4.97 -4.54 5.82
CA VAL A 69 5.81 -5.00 6.92
C VAL A 69 4.98 -5.32 8.16
N SER A 70 5.13 -6.53 8.67
CA SER A 70 4.39 -6.97 9.85
C SER A 70 5.20 -6.71 11.12
N SER A 71 4.53 -6.21 12.15
CA SER A 71 5.19 -5.92 13.42
C SER A 71 4.30 -6.33 14.60
N GLY A 72 4.93 -6.78 15.67
CA GLY A 72 4.19 -7.20 16.85
C GLY A 72 4.64 -8.54 17.39
N LYS A 73 4.29 -8.84 18.63
CA LYS A 73 4.67 -10.09 19.26
C LYS A 73 4.22 -11.28 18.41
N ARG A 74 3.01 -11.19 17.86
CA ARG A 74 2.46 -12.26 17.03
C ARG A 74 1.79 -11.68 15.78
N LYS A 75 2.46 -10.74 15.13
CA LYS A 75 1.93 -10.11 13.93
C LYS A 75 0.55 -9.54 14.19
N GLU A 76 0.51 -8.42 14.91
CA GLU A 76 -0.75 -7.76 15.22
C GLU A 76 -0.86 -6.41 14.52
N GLY A 77 0.27 -5.71 14.41
CA GLY A 77 0.28 -4.41 13.76
C GLY A 77 1.07 -4.43 12.46
N ILE A 78 0.35 -4.28 11.34
CA ILE A 78 0.98 -4.28 10.03
C ILE A 78 0.95 -2.89 9.40
N ILE A 79 1.96 -2.58 8.61
CA ILE A 79 2.05 -1.28 7.95
C ILE A 79 2.52 -1.43 6.51
N HIS A 80 1.71 -0.95 5.58
CA HIS A 80 2.04 -1.03 4.16
C HIS A 80 2.71 0.27 3.69
N THR A 81 3.77 0.13 2.91
CA THR A 81 4.50 1.28 2.40
C THR A 81 4.61 1.22 0.87
N LEU A 82 3.85 2.07 0.20
CA LEU A 82 3.87 2.12 -1.26
C LEU A 82 5.21 2.62 -1.77
N ILE A 83 5.72 1.96 -2.81
CA ILE A 83 7.01 2.34 -3.40
C ILE A 83 6.94 2.31 -4.92
N VAL A 84 7.30 3.42 -5.54
CA VAL A 84 7.29 3.52 -7.00
C VAL A 84 8.68 3.89 -7.54
N ASP A 85 9.23 3.02 -8.37
CA ASP A 85 10.54 3.24 -8.96
C ASP A 85 11.63 3.28 -7.88
N ASN A 86 11.50 2.40 -6.89
CA ASN A 86 12.45 2.32 -5.80
C ASN A 86 12.46 3.62 -4.99
N ARG A 87 11.26 4.14 -4.72
CA ARG A 87 11.13 5.38 -3.95
C ARG A 87 9.97 5.28 -2.96
N GLU A 88 10.26 5.57 -1.69
CA GLU A 88 9.24 5.51 -0.65
C GLU A 88 8.13 6.52 -0.91
N ILE A 89 6.91 6.16 -0.53
CA ILE A 89 5.76 7.02 -0.73
C ILE A 89 5.09 7.37 0.60
N PRO A 90 4.84 8.67 0.80
CA PRO A 90 4.20 9.17 2.03
C PRO A 90 2.74 8.76 2.13
N GLU A 91 2.37 8.16 3.26
CA GLU A 91 1.00 7.72 3.47
C GLU A 91 0.20 8.79 4.20
N LEU A 92 -0.93 9.16 3.63
CA LEU A 92 -1.80 10.18 4.24
C LEU A 92 -2.60 9.60 5.40
N THR A 93 -2.12 9.86 6.61
CA THR A 93 -2.80 9.35 7.81
C THR A 93 -2.50 10.25 9.01
N GLN A 94 -3.44 10.29 9.95
CA GLN A 94 -3.29 11.11 11.14
C GLN A 94 -3.14 10.24 12.39
N GLY A 1 -16.61 6.41 -0.87
CA GLY A 1 -17.28 6.92 0.32
C GLY A 1 -18.20 8.08 0.01
N PRO A 2 -19.01 8.48 1.00
CA PRO A 2 -19.97 9.58 0.85
C PRO A 2 -19.27 10.94 0.73
N LEU A 3 -20.07 12.00 0.65
CA LEU A 3 -19.53 13.35 0.54
C LEU A 3 -19.57 14.07 1.88
N GLY A 4 -18.71 13.63 2.81
CA GLY A 4 -18.67 14.25 4.12
C GLY A 4 -17.39 15.02 4.35
N SER A 5 -16.27 14.31 4.43
CA SER A 5 -14.97 14.94 4.66
C SER A 5 -13.85 13.91 4.58
N GLU A 6 -13.80 13.02 5.57
CA GLU A 6 -12.78 11.99 5.62
C GLU A 6 -13.14 10.91 6.64
N ASN A 7 -12.58 9.72 6.45
CA ASN A 7 -12.85 8.59 7.35
C ASN A 7 -11.56 8.08 7.97
N ARG A 8 -11.68 7.45 9.14
CA ARG A 8 -10.52 6.91 9.84
C ARG A 8 -9.74 5.96 8.94
N SER A 9 -8.41 6.12 8.92
CA SER A 9 -7.55 5.29 8.10
C SER A 9 -6.83 4.25 8.95
N LYS A 10 -7.60 3.48 9.72
CA LYS A 10 -7.03 2.46 10.59
C LYS A 10 -6.93 1.12 9.86
N THR A 11 -7.83 0.91 8.90
CA THR A 11 -7.84 -0.32 8.13
C THR A 11 -7.76 -0.04 6.63
N THR A 12 -7.16 1.09 6.28
CA THR A 12 -7.01 1.49 4.89
C THR A 12 -5.90 2.51 4.72
N SER A 13 -4.98 2.23 3.80
CA SER A 13 -3.86 3.13 3.54
C SER A 13 -4.05 3.87 2.22
N THR A 14 -3.45 5.06 2.13
CA THR A 14 -3.56 5.87 0.92
C THR A 14 -2.22 6.51 0.57
N TRP A 15 -2.04 6.82 -0.71
CA TRP A 15 -0.80 7.43 -1.18
C TRP A 15 -1.04 8.31 -2.40
N VAL A 16 -0.68 9.58 -2.31
CA VAL A 16 -0.86 10.51 -3.41
C VAL A 16 0.47 10.81 -4.11
N LEU A 17 0.57 10.40 -5.37
CA LEU A 17 1.78 10.61 -6.15
C LEU A 17 1.44 10.94 -7.60
N ARG A 18 2.26 11.78 -8.23
CA ARG A 18 2.05 12.17 -9.62
C ARG A 18 2.41 11.03 -10.56
N LEU A 19 1.41 10.23 -10.92
CA LEU A 19 1.62 9.09 -11.82
C LEU A 19 0.71 9.18 -13.03
N ASP A 20 1.14 8.61 -14.13
CA ASP A 20 0.35 8.61 -15.37
C ASP A 20 0.20 10.03 -15.90
N GLY A 21 1.02 10.95 -15.39
CA GLY A 21 0.96 12.34 -15.82
C GLY A 21 -0.02 13.16 -15.01
N GLU A 22 -0.66 12.51 -14.04
CA GLU A 22 -1.64 13.19 -13.19
C GLU A 22 -1.50 12.74 -11.74
N ASP A 23 -2.24 13.40 -10.85
CA ASP A 23 -2.21 13.07 -9.43
C ASP A 23 -2.84 11.70 -9.18
N LEU A 24 -2.02 10.66 -9.24
CA LEU A 24 -2.49 9.29 -9.02
C LEU A 24 -2.76 9.04 -7.55
N ARG A 25 -3.97 8.60 -7.23
CA ARG A 25 -4.36 8.32 -5.86
C ARG A 25 -4.39 6.82 -5.59
N VAL A 26 -3.42 6.34 -4.80
CA VAL A 26 -3.34 4.93 -4.47
C VAL A 26 -4.02 4.63 -3.14
N VAL A 27 -4.79 3.55 -3.10
CA VAL A 27 -5.49 3.16 -1.88
C VAL A 27 -5.38 1.66 -1.64
N LEU A 28 -4.93 1.28 -0.45
CA LEU A 28 -4.78 -0.12 -0.10
C LEU A 28 -5.82 -0.54 0.95
N GLU A 29 -6.81 -1.31 0.51
CA GLU A 29 -7.86 -1.78 1.41
C GLU A 29 -7.42 -3.01 2.18
N LYS A 30 -7.70 -3.04 3.48
CA LYS A 30 -7.33 -4.16 4.33
C LYS A 30 -8.22 -5.37 4.05
N ASP A 31 -9.35 -5.12 3.39
CA ASP A 31 -10.29 -6.19 3.07
C ASP A 31 -9.57 -7.35 2.37
N THR A 32 -8.88 -7.04 1.28
CA THR A 32 -8.15 -8.05 0.52
C THR A 32 -6.78 -7.56 0.12
N MET A 33 -6.32 -6.50 0.77
CA MET A 33 -5.01 -5.92 0.48
C MET A 33 -4.92 -5.50 -0.98
N ASP A 34 -6.07 -5.25 -1.59
CA ASP A 34 -6.12 -4.84 -2.99
C ASP A 34 -5.66 -3.38 -3.14
N VAL A 35 -5.04 -3.07 -4.27
CA VAL A 35 -4.56 -1.72 -4.54
C VAL A 35 -5.44 -1.02 -5.55
N TRP A 36 -5.98 0.14 -5.15
CA TRP A 36 -6.87 0.91 -6.02
C TRP A 36 -6.12 2.12 -6.59
N CYS A 37 -6.23 2.31 -7.90
CA CYS A 37 -5.57 3.44 -8.56
C CYS A 37 -6.58 4.24 -9.39
N ASN A 38 -6.90 5.44 -8.91
CA ASN A 38 -7.85 6.30 -9.60
C ASN A 38 -9.00 5.49 -10.18
N GLY A 39 -9.86 4.98 -9.30
CA GLY A 39 -10.99 4.19 -9.74
C GLY A 39 -10.60 3.11 -10.73
N GLN A 40 -9.50 2.42 -10.44
CA GLN A 40 -9.01 1.36 -11.30
C GLN A 40 -8.30 0.29 -10.50
N LYS A 41 -8.91 -0.89 -10.40
CA LYS A 41 -8.34 -2.00 -9.66
C LYS A 41 -6.92 -2.30 -10.13
N MET A 42 -6.12 -2.89 -9.25
CA MET A 42 -4.74 -3.23 -9.59
C MET A 42 -4.48 -4.71 -9.36
N GLU A 43 -3.43 -5.22 -9.98
CA GLU A 43 -3.07 -6.64 -9.85
C GLU A 43 -1.71 -6.78 -9.15
N THR A 44 -1.74 -7.23 -7.90
CA THR A 44 -0.52 -7.41 -7.13
C THR A 44 -0.04 -8.86 -7.20
N ALA A 45 1.08 -9.14 -6.55
CA ALA A 45 1.64 -10.48 -6.54
C ALA A 45 1.11 -11.29 -5.35
N GLY A 46 0.99 -10.64 -4.20
CA GLY A 46 0.49 -11.32 -3.02
C GLY A 46 1.33 -12.52 -2.64
N GLU A 47 2.61 -12.28 -2.36
CA GLU A 47 3.52 -13.34 -1.98
C GLU A 47 4.02 -13.17 -0.54
N PHE A 48 3.55 -14.03 0.35
CA PHE A 48 3.94 -13.97 1.75
C PHE A 48 5.40 -14.39 1.94
N VAL A 49 6.16 -13.57 2.66
CA VAL A 49 7.57 -13.85 2.90
C VAL A 49 7.78 -14.38 4.31
N ASP A 50 9.04 -14.61 4.67
CA ASP A 50 9.38 -15.10 5.99
C ASP A 50 8.77 -14.22 7.08
N ASP A 51 8.61 -12.95 6.77
CA ASP A 51 8.04 -11.99 7.72
C ASP A 51 7.60 -10.72 7.01
N GLY A 52 6.33 -10.68 6.60
CA GLY A 52 5.82 -9.50 5.91
C GLY A 52 5.16 -9.85 4.60
N THR A 53 4.71 -8.83 3.88
CA THR A 53 4.05 -9.03 2.59
C THR A 53 4.58 -8.05 1.54
N GLU A 54 4.93 -8.59 0.37
CA GLU A 54 5.45 -7.76 -0.71
C GLU A 54 4.48 -7.75 -1.89
N THR A 55 3.66 -6.71 -1.96
CA THR A 55 2.68 -6.58 -3.03
C THR A 55 3.33 -6.01 -4.30
N HIS A 56 3.46 -6.84 -5.32
CA HIS A 56 4.05 -6.42 -6.58
C HIS A 56 2.99 -6.20 -7.65
N PHE A 57 2.71 -4.93 -7.95
CA PHE A 57 1.71 -4.59 -8.94
C PHE A 57 2.30 -3.69 -10.03
N SER A 58 2.04 -4.04 -11.28
CA SER A 58 2.56 -3.27 -12.41
C SER A 58 1.69 -2.06 -12.69
N VAL A 59 2.31 -0.97 -13.15
CA VAL A 59 1.58 0.25 -13.46
C VAL A 59 2.08 0.87 -14.77
N GLY A 60 1.35 0.61 -15.84
CA GLY A 60 1.73 1.15 -17.14
C GLY A 60 3.17 0.84 -17.49
N ASN A 61 3.96 1.88 -17.72
CA ASN A 61 5.37 1.72 -18.08
C ASN A 61 6.26 1.91 -16.86
N HIS A 62 5.71 1.64 -15.68
CA HIS A 62 6.46 1.78 -14.43
C HIS A 62 6.40 0.49 -13.61
N ASP A 63 7.14 0.45 -12.52
CA ASP A 63 7.17 -0.72 -11.65
C ASP A 63 7.01 -0.31 -10.18
N CYS A 64 5.76 -0.24 -9.74
CA CYS A 64 5.47 0.14 -8.36
C CYS A 64 5.15 -1.10 -7.52
N TYR A 65 5.18 -0.93 -6.20
CA TYR A 65 4.90 -2.03 -5.28
C TYR A 65 4.69 -1.51 -3.86
N ILE A 66 3.80 -2.16 -3.12
CA ILE A 66 3.51 -1.77 -1.74
C ILE A 66 4.28 -2.64 -0.77
N LYS A 67 5.25 -2.03 -0.07
CA LYS A 67 6.05 -2.75 0.90
C LYS A 67 5.31 -2.89 2.23
N ALA A 68 4.78 -4.08 2.48
CA ALA A 68 4.04 -4.34 3.71
C ALA A 68 4.95 -4.93 4.78
N VAL A 69 4.68 -4.59 6.03
CA VAL A 69 5.48 -5.08 7.15
C VAL A 69 4.61 -5.34 8.37
N SER A 70 4.62 -6.58 8.86
CA SER A 70 3.83 -6.96 10.02
C SER A 70 4.66 -6.86 11.30
N SER A 71 4.06 -6.32 12.34
CA SER A 71 4.75 -6.17 13.62
C SER A 71 3.88 -6.65 14.77
N GLY A 72 4.47 -7.45 15.66
CA GLY A 72 3.73 -7.98 16.80
C GLY A 72 4.15 -9.39 17.16
N LYS A 73 3.46 -9.99 18.12
CA LYS A 73 3.76 -11.34 18.55
C LYS A 73 3.48 -12.34 17.44
N ARG A 74 2.57 -11.99 16.55
CA ARG A 74 2.20 -12.87 15.44
C ARG A 74 1.39 -12.11 14.39
N LYS A 75 0.46 -11.29 14.86
CA LYS A 75 -0.38 -10.50 13.97
C LYS A 75 -1.04 -9.34 14.72
N GLU A 76 -0.21 -8.51 15.35
CA GLU A 76 -0.72 -7.37 16.10
C GLU A 76 -1.12 -6.24 15.16
N GLY A 77 -0.16 -5.71 14.42
CA GLY A 77 -0.44 -4.63 13.49
C GLY A 77 0.33 -4.76 12.20
N ILE A 78 -0.13 -4.09 11.16
CA ILE A 78 0.53 -4.13 9.86
C ILE A 78 0.62 -2.74 9.23
N ILE A 79 1.75 -2.45 8.61
CA ILE A 79 1.97 -1.16 7.98
C ILE A 79 2.39 -1.32 6.52
N HIS A 80 1.74 -0.60 5.63
CA HIS A 80 2.05 -0.65 4.21
C HIS A 80 2.80 0.59 3.76
N THR A 81 3.80 0.40 2.90
CA THR A 81 4.59 1.52 2.40
C THR A 81 4.72 1.46 0.89
N LEU A 82 3.97 2.32 0.20
CA LEU A 82 4.00 2.37 -1.26
C LEU A 82 5.36 2.82 -1.76
N ILE A 83 5.85 2.18 -2.80
CA ILE A 83 7.14 2.52 -3.39
C ILE A 83 7.08 2.51 -4.91
N VAL A 84 7.57 3.58 -5.52
CA VAL A 84 7.57 3.70 -6.98
C VAL A 84 8.97 4.01 -7.49
N ASP A 85 9.52 3.09 -8.28
CA ASP A 85 10.85 3.28 -8.85
C ASP A 85 11.91 3.35 -7.75
N ASN A 86 11.83 2.42 -6.79
CA ASN A 86 12.77 2.39 -5.68
C ASN A 86 12.74 3.70 -4.89
N ARG A 87 11.54 4.20 -4.65
CA ARG A 87 11.37 5.45 -3.91
C ARG A 87 10.19 5.36 -2.94
N GLU A 88 10.45 5.63 -1.67
CA GLU A 88 9.40 5.56 -0.66
C GLU A 88 8.32 6.59 -0.94
N ILE A 89 7.08 6.25 -0.59
CA ILE A 89 5.95 7.15 -0.80
C ILE A 89 5.26 7.48 0.52
N PRO A 90 5.02 8.78 0.74
CA PRO A 90 4.36 9.26 1.96
C PRO A 90 2.88 8.88 2.01
N GLU A 91 2.44 8.38 3.16
CA GLU A 91 1.05 7.98 3.33
C GLU A 91 0.22 9.13 3.90
N LEU A 92 -0.92 9.39 3.28
CA LEU A 92 -1.81 10.45 3.72
C LEU A 92 -2.50 10.09 5.03
N THR A 93 -2.55 11.06 5.95
CA THR A 93 -3.18 10.84 7.25
C THR A 93 -3.87 12.11 7.74
N GLN A 94 -4.78 11.95 8.69
CA GLN A 94 -5.50 13.08 9.26
C GLN A 94 -6.27 12.67 10.51
N GLY A 1 -23.32 -11.93 2.60
CA GLY A 1 -22.70 -10.65 2.94
C GLY A 1 -22.15 -10.64 4.35
N PRO A 2 -21.67 -9.46 4.79
CA PRO A 2 -21.11 -9.30 6.14
C PRO A 2 -22.16 -9.40 7.22
N LEU A 3 -21.73 -9.79 8.43
CA LEU A 3 -22.64 -9.93 9.56
C LEU A 3 -22.05 -9.30 10.82
N GLY A 4 -22.90 -8.76 11.67
CA GLY A 4 -22.44 -8.16 12.90
C GLY A 4 -23.03 -6.78 13.13
N SER A 5 -23.34 -6.09 12.03
CA SER A 5 -23.92 -4.75 12.11
C SER A 5 -22.93 -3.78 12.77
N GLU A 6 -23.24 -2.49 12.69
CA GLU A 6 -22.39 -1.46 13.27
C GLU A 6 -20.98 -1.50 12.66
N ASN A 7 -20.93 -1.64 11.34
CA ASN A 7 -19.65 -1.69 10.64
C ASN A 7 -19.05 -0.30 10.49
N ARG A 8 -17.85 -0.11 11.05
CA ARG A 8 -17.18 1.17 10.99
C ARG A 8 -15.66 0.99 10.98
N SER A 9 -15.15 0.34 12.02
CA SER A 9 -13.72 0.09 12.14
C SER A 9 -13.17 -0.56 10.87
N LYS A 10 -12.08 0.00 10.35
CA LYS A 10 -11.45 -0.52 9.14
C LYS A 10 -10.19 0.26 8.80
N THR A 11 -9.09 -0.45 8.63
CA THR A 11 -7.81 0.17 8.31
C THR A 11 -7.62 0.28 6.80
N THR A 12 -6.92 1.33 6.37
CA THR A 12 -6.67 1.55 4.95
C THR A 12 -5.49 2.48 4.74
N SER A 13 -4.54 2.03 3.91
CA SER A 13 -3.34 2.83 3.64
C SER A 13 -3.40 3.41 2.23
N THR A 14 -3.44 4.73 2.14
CA THR A 14 -3.49 5.42 0.86
C THR A 14 -2.20 6.18 0.59
N TRP A 15 -2.00 6.57 -0.67
CA TRP A 15 -0.81 7.30 -1.07
C TRP A 15 -1.10 8.24 -2.23
N VAL A 16 -0.34 9.32 -2.33
CA VAL A 16 -0.53 10.29 -3.40
C VAL A 16 0.78 10.52 -4.16
N LEU A 17 0.79 10.14 -5.44
CA LEU A 17 1.97 10.31 -6.27
C LEU A 17 1.58 10.73 -7.69
N ARG A 18 2.44 11.53 -8.32
CA ARG A 18 2.19 11.99 -9.67
C ARG A 18 2.36 10.86 -10.69
N LEU A 19 1.27 10.16 -10.97
CA LEU A 19 1.30 9.05 -11.92
C LEU A 19 0.32 9.30 -13.07
N ASP A 20 0.64 8.73 -14.23
CA ASP A 20 -0.21 8.89 -15.40
C ASP A 20 -0.26 10.34 -15.86
N GLY A 21 0.67 11.14 -15.36
CA GLY A 21 0.72 12.54 -15.72
C GLY A 21 -0.12 13.41 -14.80
N GLU A 22 -0.77 12.79 -13.82
CA GLU A 22 -1.61 13.51 -12.88
C GLU A 22 -1.43 12.97 -11.46
N ASP A 23 -2.03 13.65 -10.49
CA ASP A 23 -1.95 13.23 -9.09
C ASP A 23 -2.71 11.93 -8.87
N LEU A 24 -2.02 10.81 -9.04
CA LEU A 24 -2.62 9.49 -8.86
C LEU A 24 -2.81 9.18 -7.37
N ARG A 25 -4.00 8.74 -6.99
CA ARG A 25 -4.30 8.41 -5.61
C ARG A 25 -4.40 6.89 -5.43
N VAL A 26 -3.45 6.32 -4.69
CA VAL A 26 -3.44 4.89 -4.43
C VAL A 26 -4.11 4.56 -3.10
N VAL A 27 -4.86 3.47 -3.08
CA VAL A 27 -5.54 3.03 -1.88
C VAL A 27 -5.40 1.53 -1.65
N LEU A 28 -4.93 1.16 -0.47
CA LEU A 28 -4.74 -0.25 -0.14
C LEU A 28 -5.70 -0.69 0.96
N GLU A 29 -6.78 -1.34 0.56
CA GLU A 29 -7.78 -1.82 1.51
C GLU A 29 -7.29 -3.07 2.24
N LYS A 30 -7.27 -2.99 3.57
CA LYS A 30 -6.83 -4.13 4.38
C LYS A 30 -7.75 -5.32 4.21
N ASP A 31 -8.93 -5.07 3.65
CA ASP A 31 -9.90 -6.14 3.43
C ASP A 31 -9.27 -7.31 2.68
N THR A 32 -8.69 -7.01 1.52
CA THR A 32 -8.06 -8.05 0.71
C THR A 32 -6.67 -7.60 0.24
N MET A 33 -6.14 -6.57 0.89
CA MET A 33 -4.82 -6.05 0.54
C MET A 33 -4.77 -5.66 -0.94
N ASP A 34 -5.92 -5.29 -1.49
CA ASP A 34 -6.00 -4.90 -2.90
C ASP A 34 -5.56 -3.45 -3.07
N VAL A 35 -4.95 -3.16 -4.22
CA VAL A 35 -4.48 -1.81 -4.52
C VAL A 35 -5.39 -1.12 -5.53
N TRP A 36 -5.82 0.09 -5.20
CA TRP A 36 -6.70 0.86 -6.07
C TRP A 36 -6.05 2.17 -6.49
N CYS A 37 -5.67 2.27 -7.76
CA CYS A 37 -5.03 3.48 -8.27
C CYS A 37 -6.05 4.37 -8.97
N ASN A 38 -6.24 5.57 -8.44
CA ASN A 38 -7.17 6.52 -9.00
C ASN A 38 -8.61 6.01 -8.89
N GLY A 39 -9.00 5.16 -9.83
CA GLY A 39 -10.34 4.61 -9.81
C GLY A 39 -10.44 3.30 -10.58
N GLN A 40 -9.48 2.40 -10.33
CA GLN A 40 -9.46 1.11 -11.00
C GLN A 40 -8.63 0.10 -10.22
N LYS A 41 -9.16 -1.10 -10.05
CA LYS A 41 -8.47 -2.16 -9.32
C LYS A 41 -7.08 -2.37 -9.89
N MET A 42 -6.21 -3.03 -9.10
CA MET A 42 -4.85 -3.31 -9.52
C MET A 42 -4.52 -4.79 -9.37
N GLU A 43 -3.41 -5.21 -9.96
CA GLU A 43 -3.00 -6.61 -9.89
C GLU A 43 -1.63 -6.73 -9.21
N THR A 44 -1.62 -7.21 -7.97
CA THR A 44 -0.39 -7.38 -7.22
C THR A 44 0.15 -8.80 -7.34
N ALA A 45 1.22 -9.08 -6.61
CA ALA A 45 1.83 -10.41 -6.63
C ALA A 45 1.51 -11.18 -5.36
N GLY A 46 1.22 -10.46 -4.29
CA GLY A 46 0.90 -11.10 -3.03
C GLY A 46 1.95 -12.10 -2.59
N GLU A 47 3.21 -11.69 -2.66
CA GLU A 47 4.31 -12.56 -2.27
C GLU A 47 4.51 -12.57 -0.76
N PHE A 48 4.03 -13.61 -0.11
CA PHE A 48 4.15 -13.73 1.33
C PHE A 48 5.56 -14.16 1.73
N VAL A 49 6.14 -13.44 2.70
CA VAL A 49 7.49 -13.73 3.16
C VAL A 49 7.47 -14.25 4.60
N ASP A 50 8.65 -14.52 5.15
CA ASP A 50 8.77 -15.01 6.51
C ASP A 50 8.08 -14.07 7.49
N ASP A 51 7.99 -12.79 7.11
CA ASP A 51 7.36 -11.78 7.96
C ASP A 51 6.95 -10.57 7.14
N GLY A 52 5.66 -10.49 6.82
CA GLY A 52 5.16 -9.37 6.03
C GLY A 52 4.66 -9.79 4.67
N THR A 53 4.20 -8.82 3.88
CA THR A 53 3.69 -9.11 2.55
C THR A 53 4.23 -8.11 1.53
N GLU A 54 4.75 -8.62 0.41
CA GLU A 54 5.30 -7.76 -0.63
C GLU A 54 4.37 -7.72 -1.83
N THR A 55 3.54 -6.68 -1.89
CA THR A 55 2.59 -6.52 -2.99
C THR A 55 3.27 -5.90 -4.21
N HIS A 56 3.44 -6.69 -5.26
CA HIS A 56 4.07 -6.21 -6.48
C HIS A 56 3.04 -6.03 -7.59
N PHE A 57 2.72 -4.77 -7.90
CA PHE A 57 1.74 -4.47 -8.94
C PHE A 57 2.35 -3.59 -10.02
N SER A 58 2.21 -4.01 -11.27
CA SER A 58 2.75 -3.27 -12.41
C SER A 58 1.74 -2.24 -12.91
N VAL A 59 2.25 -1.23 -13.62
CA VAL A 59 1.40 -0.18 -14.17
C VAL A 59 1.95 0.34 -15.48
N GLY A 60 1.27 0.02 -16.58
CA GLY A 60 1.71 0.47 -17.89
C GLY A 60 3.15 0.13 -18.16
N ASN A 61 3.97 1.17 -18.37
CA ASN A 61 5.39 0.98 -18.65
C ASN A 61 6.23 1.39 -17.45
N HIS A 62 5.63 1.37 -16.26
CA HIS A 62 6.32 1.74 -15.04
C HIS A 62 6.50 0.53 -14.12
N ASP A 63 6.92 0.79 -12.90
CA ASP A 63 7.13 -0.28 -11.92
C ASP A 63 6.92 0.23 -10.50
N CYS A 64 5.95 -0.34 -9.80
CA CYS A 64 5.66 0.07 -8.43
C CYS A 64 5.27 -1.14 -7.58
N TYR A 65 5.31 -0.97 -6.27
CA TYR A 65 4.97 -2.04 -5.34
C TYR A 65 4.78 -1.50 -3.92
N ILE A 66 3.86 -2.10 -3.18
CA ILE A 66 3.58 -1.68 -1.82
C ILE A 66 4.32 -2.58 -0.81
N LYS A 67 5.30 -2.00 -0.13
CA LYS A 67 6.07 -2.74 0.86
C LYS A 67 5.33 -2.82 2.19
N ALA A 68 4.81 -4.01 2.50
CA ALA A 68 4.07 -4.22 3.74
C ALA A 68 4.95 -4.92 4.78
N VAL A 69 4.73 -4.59 6.05
CA VAL A 69 5.49 -5.19 7.14
C VAL A 69 4.61 -5.44 8.35
N SER A 70 4.71 -6.64 8.91
CA SER A 70 3.92 -7.00 10.09
C SER A 70 4.75 -6.91 11.36
N SER A 71 4.14 -6.41 12.43
CA SER A 71 4.82 -6.27 13.71
C SER A 71 3.97 -6.81 14.84
N GLY A 72 4.59 -7.54 15.76
CA GLY A 72 3.88 -8.10 16.89
C GLY A 72 4.24 -9.54 17.15
N LYS A 73 3.47 -10.20 18.02
CA LYS A 73 3.73 -11.59 18.36
C LYS A 73 3.53 -12.50 17.14
N ARG A 74 2.67 -12.07 16.22
CA ARG A 74 2.40 -12.84 15.02
C ARG A 74 1.75 -11.96 13.95
N LYS A 75 0.74 -11.19 14.36
CA LYS A 75 0.04 -10.32 13.44
C LYS A 75 -0.76 -9.26 14.20
N GLU A 76 -0.08 -8.50 15.05
CA GLU A 76 -0.72 -7.46 15.84
C GLU A 76 -1.03 -6.24 14.97
N GLY A 77 -0.01 -5.70 14.33
CA GLY A 77 -0.21 -4.54 13.48
C GLY A 77 0.59 -4.62 12.19
N ILE A 78 -0.01 -4.16 11.10
CA ILE A 78 0.65 -4.19 9.80
C ILE A 78 0.68 -2.80 9.17
N ILE A 79 1.82 -2.44 8.59
CA ILE A 79 1.98 -1.15 7.94
C ILE A 79 2.41 -1.30 6.49
N HIS A 80 1.73 -0.60 5.59
CA HIS A 80 2.04 -0.65 4.17
C HIS A 80 2.76 0.61 3.72
N THR A 81 3.70 0.46 2.78
CA THR A 81 4.45 1.59 2.27
C THR A 81 4.59 1.52 0.76
N LEU A 82 3.83 2.36 0.06
CA LEU A 82 3.86 2.39 -1.40
C LEU A 82 5.24 2.82 -1.91
N ILE A 83 5.75 2.12 -2.90
CA ILE A 83 7.06 2.43 -3.48
C ILE A 83 7.02 2.38 -5.00
N VAL A 84 7.01 3.55 -5.62
CA VAL A 84 6.98 3.63 -7.08
C VAL A 84 8.28 4.21 -7.63
N ASP A 85 8.80 3.58 -8.69
CA ASP A 85 10.04 4.02 -9.30
C ASP A 85 11.20 3.89 -8.33
N ASN A 86 11.13 2.89 -7.45
CA ASN A 86 12.18 2.65 -6.47
C ASN A 86 12.31 3.84 -5.51
N ARG A 87 11.17 4.35 -5.07
CA ARG A 87 11.14 5.48 -4.15
C ARG A 87 10.00 5.34 -3.15
N GLU A 88 10.32 5.50 -1.87
CA GLU A 88 9.31 5.39 -0.81
C GLU A 88 8.25 6.48 -0.96
N ILE A 89 7.01 6.14 -0.60
CA ILE A 89 5.91 7.08 -0.70
C ILE A 89 5.20 7.24 0.64
N PRO A 90 4.98 8.50 1.05
CA PRO A 90 4.32 8.82 2.32
C PRO A 90 2.84 8.46 2.29
N GLU A 91 2.37 7.81 3.35
CA GLU A 91 0.98 7.41 3.46
C GLU A 91 0.15 8.49 4.13
N LEU A 92 -1.00 8.80 3.54
CA LEU A 92 -1.89 9.82 4.09
C LEU A 92 -2.81 9.24 5.15
N THR A 93 -2.53 9.56 6.41
CA THR A 93 -3.35 9.07 7.52
C THR A 93 -3.13 9.92 8.77
N GLN A 94 -4.13 9.93 9.65
CA GLN A 94 -4.05 10.69 10.89
C GLN A 94 -3.59 9.82 12.04
N GLY A 1 8.67 18.79 4.56
CA GLY A 1 9.51 18.17 5.56
C GLY A 1 9.37 16.66 5.59
N PRO A 2 9.88 16.03 6.66
CA PRO A 2 9.83 14.58 6.83
C PRO A 2 8.41 14.08 7.09
N LEU A 3 8.27 12.77 7.29
CA LEU A 3 6.96 12.17 7.56
C LEU A 3 7.12 10.81 8.22
N GLY A 4 7.07 10.78 9.54
CA GLY A 4 7.20 9.53 10.27
C GLY A 4 5.87 8.94 10.66
N SER A 5 5.83 8.26 11.80
CA SER A 5 4.60 7.64 12.28
C SER A 5 4.80 7.08 13.68
N GLU A 6 3.99 7.56 14.63
CA GLU A 6 4.07 7.10 16.00
C GLU A 6 3.17 5.90 16.23
N ASN A 7 1.86 6.11 16.13
CA ASN A 7 0.89 5.03 16.31
C ASN A 7 -0.52 5.50 15.99
N ARG A 8 -1.20 4.76 15.12
CA ARG A 8 -2.55 5.11 14.72
C ARG A 8 -3.41 3.85 14.55
N SER A 9 -4.72 4.00 14.67
CA SER A 9 -5.64 2.89 14.53
C SER A 9 -6.48 3.02 13.27
N LYS A 10 -5.97 2.47 12.16
CA LYS A 10 -6.66 2.54 10.89
C LYS A 10 -6.69 1.16 10.22
N THR A 11 -7.40 1.07 9.09
CA THR A 11 -7.51 -0.19 8.36
C THR A 11 -7.45 0.05 6.87
N THR A 12 -6.89 1.18 6.47
CA THR A 12 -6.77 1.53 5.06
C THR A 12 -5.69 2.59 4.84
N SER A 13 -4.77 2.30 3.92
CA SER A 13 -3.68 3.23 3.62
C SER A 13 -3.92 3.93 2.29
N THR A 14 -3.46 5.17 2.18
CA THR A 14 -3.62 5.95 0.96
C THR A 14 -2.34 6.70 0.61
N TRP A 15 -2.01 6.70 -0.67
CA TRP A 15 -0.80 7.38 -1.14
C TRP A 15 -1.09 8.23 -2.38
N VAL A 16 -0.80 9.52 -2.29
CA VAL A 16 -1.03 10.44 -3.40
C VAL A 16 0.28 10.76 -4.12
N LEU A 17 0.36 10.34 -5.38
CA LEU A 17 1.55 10.58 -6.19
C LEU A 17 1.17 10.88 -7.64
N ARG A 18 1.97 11.72 -8.28
CA ARG A 18 1.71 12.10 -9.67
C ARG A 18 2.09 10.96 -10.61
N LEU A 19 1.12 10.11 -10.93
CA LEU A 19 1.34 8.98 -11.82
C LEU A 19 0.42 9.05 -13.03
N ASP A 20 0.86 8.45 -14.14
CA ASP A 20 0.07 8.44 -15.36
C ASP A 20 -0.08 9.85 -15.91
N GLY A 21 0.73 10.78 -15.41
CA GLY A 21 0.66 12.15 -15.87
C GLY A 21 -0.31 12.99 -15.06
N GLU A 22 -0.95 12.36 -14.07
CA GLU A 22 -1.92 13.05 -13.23
C GLU A 22 -1.77 12.62 -11.77
N ASP A 23 -2.50 13.29 -10.89
CA ASP A 23 -2.46 12.97 -9.47
C ASP A 23 -3.09 11.61 -9.19
N LEU A 24 -2.27 10.56 -9.27
CA LEU A 24 -2.76 9.20 -9.03
C LEU A 24 -2.97 8.96 -7.54
N ARG A 25 -4.18 8.52 -7.18
CA ARG A 25 -4.52 8.24 -5.80
C ARG A 25 -4.49 6.74 -5.51
N VAL A 26 -3.51 6.32 -4.72
CA VAL A 26 -3.38 4.91 -4.38
C VAL A 26 -4.06 4.59 -3.05
N VAL A 27 -4.80 3.49 -3.01
CA VAL A 27 -5.50 3.08 -1.80
C VAL A 27 -5.35 1.59 -1.56
N LEU A 28 -4.89 1.23 -0.36
CA LEU A 28 -4.70 -0.17 0.00
C LEU A 28 -5.69 -0.60 1.07
N GLU A 29 -6.72 -1.34 0.65
CA GLU A 29 -7.75 -1.82 1.57
C GLU A 29 -7.26 -3.05 2.33
N LYS A 30 -7.40 -3.01 3.66
CA LYS A 30 -6.98 -4.13 4.50
C LYS A 30 -7.87 -5.34 4.29
N ASP A 31 -9.02 -5.12 3.66
CA ASP A 31 -9.97 -6.20 3.40
C ASP A 31 -9.26 -7.37 2.70
N THR A 32 -8.56 -7.08 1.62
CA THR A 32 -7.85 -8.11 0.86
C THR A 32 -6.48 -7.62 0.43
N MET A 33 -6.01 -6.55 1.07
CA MET A 33 -4.71 -5.98 0.74
C MET A 33 -4.62 -5.60 -0.74
N ASP A 34 -5.77 -5.32 -1.33
CA ASP A 34 -5.84 -4.94 -2.74
C ASP A 34 -5.46 -3.48 -2.93
N VAL A 35 -4.90 -3.16 -4.09
CA VAL A 35 -4.50 -1.79 -4.40
C VAL A 35 -5.47 -1.13 -5.37
N TRP A 36 -5.86 0.10 -5.08
CA TRP A 36 -6.79 0.83 -5.92
C TRP A 36 -6.18 2.16 -6.38
N CYS A 37 -5.97 2.31 -7.68
CA CYS A 37 -5.40 3.53 -8.23
C CYS A 37 -6.35 4.16 -9.24
N ASN A 38 -6.55 5.47 -9.10
CA ASN A 38 -7.44 6.20 -10.00
C ASN A 38 -8.74 5.44 -10.22
N GLY A 39 -9.38 5.04 -9.12
CA GLY A 39 -10.63 4.31 -9.22
C GLY A 39 -10.53 3.12 -10.16
N GLN A 40 -9.41 2.41 -10.09
CA GLN A 40 -9.20 1.25 -10.95
C GLN A 40 -8.42 0.16 -10.21
N LYS A 41 -9.01 -1.02 -10.12
CA LYS A 41 -8.37 -2.14 -9.44
C LYS A 41 -6.97 -2.39 -10.00
N MET A 42 -6.06 -2.86 -9.14
CA MET A 42 -4.70 -3.14 -9.54
C MET A 42 -4.40 -4.63 -9.46
N GLU A 43 -3.26 -5.03 -10.02
CA GLU A 43 -2.86 -6.44 -10.00
C GLU A 43 -1.53 -6.61 -9.27
N THR A 44 -1.60 -7.16 -8.06
CA THR A 44 -0.41 -7.39 -7.26
C THR A 44 0.06 -8.84 -7.35
N ALA A 45 1.08 -9.18 -6.58
CA ALA A 45 1.63 -10.54 -6.58
C ALA A 45 1.00 -11.37 -5.47
N GLY A 46 0.91 -10.79 -4.28
CA GLY A 46 0.34 -11.50 -3.15
C GLY A 46 1.17 -12.69 -2.73
N GLU A 47 2.46 -12.46 -2.49
CA GLU A 47 3.37 -13.53 -2.09
C GLU A 47 3.67 -13.44 -0.60
N PHE A 48 3.03 -14.30 0.19
CA PHE A 48 3.22 -14.32 1.63
C PHE A 48 4.59 -14.92 1.98
N VAL A 49 5.47 -14.09 2.54
CA VAL A 49 6.80 -14.54 2.93
C VAL A 49 6.82 -15.01 4.37
N ASP A 50 8.00 -15.44 4.83
CA ASP A 50 8.16 -15.92 6.19
C ASP A 50 7.63 -14.89 7.19
N ASP A 51 7.71 -13.61 6.83
CA ASP A 51 7.25 -12.54 7.69
C ASP A 51 7.04 -11.26 6.88
N GLY A 52 5.78 -10.96 6.57
CA GLY A 52 5.46 -9.77 5.82
C GLY A 52 4.83 -10.09 4.47
N THR A 53 4.44 -9.05 3.74
CA THR A 53 3.83 -9.23 2.43
C THR A 53 4.42 -8.26 1.41
N GLU A 54 4.81 -8.79 0.26
CA GLU A 54 5.39 -7.97 -0.80
C GLU A 54 4.46 -7.88 -2.00
N THR A 55 3.68 -6.81 -2.06
CA THR A 55 2.73 -6.61 -3.16
C THR A 55 3.44 -6.09 -4.40
N HIS A 56 3.53 -6.94 -5.42
CA HIS A 56 4.18 -6.57 -6.67
C HIS A 56 3.15 -6.28 -7.76
N PHE A 57 2.97 -5.01 -8.08
CA PHE A 57 2.01 -4.59 -9.11
C PHE A 57 2.68 -3.69 -10.14
N SER A 58 1.92 -3.33 -11.18
CA SER A 58 2.43 -2.48 -12.24
C SER A 58 1.37 -1.50 -12.72
N VAL A 59 1.80 -0.38 -13.28
CA VAL A 59 0.87 0.63 -13.78
C VAL A 59 1.33 1.16 -15.14
N GLY A 60 0.63 0.73 -16.19
CA GLY A 60 0.97 1.18 -17.53
C GLY A 60 2.37 0.75 -17.95
N ASN A 61 3.31 1.69 -17.91
CA ASN A 61 4.69 1.41 -18.29
C ASN A 61 5.62 1.56 -17.08
N HIS A 62 5.22 2.40 -16.14
CA HIS A 62 6.02 2.64 -14.93
C HIS A 62 6.18 1.34 -14.14
N ASP A 63 6.72 1.46 -12.93
CA ASP A 63 6.93 0.30 -12.06
C ASP A 63 6.89 0.72 -10.60
N CYS A 64 5.91 0.20 -9.86
CA CYS A 64 5.77 0.51 -8.44
C CYS A 64 5.30 -0.72 -7.67
N TYR A 65 5.49 -0.68 -6.34
CA TYR A 65 5.09 -1.79 -5.49
C TYR A 65 4.87 -1.31 -4.05
N ILE A 66 4.01 -2.02 -3.33
CA ILE A 66 3.70 -1.68 -1.95
C ILE A 66 4.49 -2.55 -0.98
N LYS A 67 5.43 -1.94 -0.27
CA LYS A 67 6.25 -2.66 0.69
C LYS A 67 5.52 -2.81 2.02
N ALA A 68 4.99 -4.00 2.27
CA ALA A 68 4.27 -4.28 3.50
C ALA A 68 5.16 -4.99 4.52
N VAL A 69 4.92 -4.73 5.80
CA VAL A 69 5.71 -5.36 6.86
C VAL A 69 4.85 -5.62 8.08
N SER A 70 4.79 -6.89 8.50
CA SER A 70 4.00 -7.29 9.66
C SER A 70 4.83 -7.19 10.93
N SER A 71 4.20 -6.73 12.00
CA SER A 71 4.87 -6.58 13.29
C SER A 71 3.95 -6.95 14.43
N GLY A 72 4.49 -7.60 15.46
CA GLY A 72 3.70 -8.00 16.60
C GLY A 72 3.86 -9.47 16.94
N LYS A 73 3.24 -9.89 18.03
CA LYS A 73 3.32 -11.28 18.47
C LYS A 73 2.80 -12.22 17.38
N ARG A 74 1.75 -11.80 16.69
CA ARG A 74 1.16 -12.60 15.62
C ARG A 74 0.35 -11.73 14.66
N LYS A 75 1.05 -11.01 13.79
CA LYS A 75 0.39 -10.13 12.83
C LYS A 75 -0.52 -9.13 13.53
N GLU A 76 -0.16 -8.78 14.77
CA GLU A 76 -0.96 -7.84 15.54
C GLU A 76 -1.15 -6.53 14.77
N GLY A 77 -0.06 -6.04 14.17
CA GLY A 77 -0.14 -4.80 13.41
C GLY A 77 0.75 -4.83 12.19
N ILE A 78 0.19 -4.42 11.04
CA ILE A 78 0.95 -4.40 9.80
C ILE A 78 0.98 -2.99 9.21
N ILE A 79 2.09 -2.67 8.54
CA ILE A 79 2.25 -1.35 7.92
C ILE A 79 2.68 -1.48 6.47
N HIS A 80 1.99 -0.76 5.59
CA HIS A 80 2.30 -0.78 4.17
C HIS A 80 2.94 0.53 3.72
N THR A 81 3.97 0.43 2.90
CA THR A 81 4.67 1.61 2.41
C THR A 81 4.80 1.57 0.89
N LEU A 82 4.10 2.48 0.21
CA LEU A 82 4.15 2.55 -1.24
C LEU A 82 5.50 3.05 -1.73
N ILE A 83 6.04 2.38 -2.74
CA ILE A 83 7.35 2.77 -3.30
C ILE A 83 7.32 2.73 -4.82
N VAL A 84 7.61 3.87 -5.44
CA VAL A 84 7.62 3.97 -6.89
C VAL A 84 8.99 4.44 -7.40
N ASP A 85 9.57 3.65 -8.29
CA ASP A 85 10.88 3.97 -8.85
C ASP A 85 11.95 3.99 -7.77
N ASN A 86 11.84 3.06 -6.82
CA ASN A 86 12.80 2.97 -5.72
C ASN A 86 12.78 4.23 -4.87
N ARG A 87 11.57 4.72 -4.58
CA ARG A 87 11.40 5.91 -3.77
C ARG A 87 10.22 5.78 -2.82
N GLU A 88 10.46 6.03 -1.54
CA GLU A 88 9.42 5.93 -0.54
C GLU A 88 8.29 6.94 -0.81
N ILE A 89 7.08 6.54 -0.47
CA ILE A 89 5.92 7.40 -0.68
C ILE A 89 5.18 7.66 0.63
N PRO A 90 4.87 8.93 0.90
CA PRO A 90 4.17 9.35 2.12
C PRO A 90 2.70 8.90 2.12
N GLU A 91 2.24 8.41 3.26
CA GLU A 91 0.86 7.96 3.39
C GLU A 91 -0.05 9.11 3.81
N LEU A 92 -1.31 8.78 4.11
CA LEU A 92 -2.28 9.77 4.52
C LEU A 92 -2.10 10.13 6.00
N THR A 93 -2.37 9.17 6.87
CA THR A 93 -2.24 9.38 8.30
C THR A 93 -0.78 9.60 8.70
N GLN A 94 -0.55 10.57 9.58
CA GLN A 94 0.80 10.87 10.03
C GLN A 94 1.27 9.88 11.08
N GLY A 1 -13.22 18.39 -0.16
CA GLY A 1 -13.53 19.41 0.82
C GLY A 1 -13.68 18.84 2.22
N PRO A 2 -13.72 19.74 3.22
CA PRO A 2 -13.87 19.35 4.63
C PRO A 2 -15.25 18.79 4.93
N LEU A 3 -15.29 17.63 5.58
CA LEU A 3 -16.56 16.98 5.94
C LEU A 3 -16.56 16.57 7.41
N GLY A 4 -15.52 15.86 7.82
CA GLY A 4 -15.43 15.41 9.20
C GLY A 4 -14.13 14.67 9.48
N SER A 5 -14.25 13.38 9.79
CA SER A 5 -13.08 12.56 10.09
C SER A 5 -13.19 11.21 9.40
N GLU A 6 -12.03 10.58 9.16
CA GLU A 6 -11.99 9.28 8.50
C GLU A 6 -11.74 8.16 9.52
N ASN A 7 -12.14 8.42 10.76
CA ASN A 7 -11.96 7.43 11.82
C ASN A 7 -10.51 6.98 11.92
N ARG A 8 -9.60 7.95 11.95
CA ARG A 8 -8.18 7.66 12.04
C ARG A 8 -7.71 6.86 10.83
N SER A 9 -6.48 6.37 10.89
CA SER A 9 -5.91 5.58 9.80
C SER A 9 -6.85 4.45 9.40
N LYS A 10 -7.39 3.74 10.40
CA LYS A 10 -8.30 2.64 10.15
C LYS A 10 -7.61 1.54 9.36
N THR A 11 -8.38 0.53 8.98
CA THR A 11 -7.85 -0.60 8.22
C THR A 11 -7.82 -0.29 6.73
N THR A 12 -7.18 0.82 6.37
CA THR A 12 -7.08 1.24 4.98
C THR A 12 -5.93 2.21 4.78
N SER A 13 -5.06 1.91 3.81
CA SER A 13 -3.92 2.77 3.51
C SER A 13 -4.13 3.55 2.22
N THR A 14 -3.46 4.69 2.10
CA THR A 14 -3.58 5.53 0.92
C THR A 14 -2.27 6.24 0.62
N TRP A 15 -2.07 6.59 -0.65
CA TRP A 15 -0.86 7.27 -1.08
C TRP A 15 -1.13 8.17 -2.28
N VAL A 16 -0.62 9.39 -2.23
CA VAL A 16 -0.80 10.35 -3.32
C VAL A 16 0.52 10.66 -4.00
N LEU A 17 0.62 10.27 -5.27
CA LEU A 17 1.83 10.50 -6.05
C LEU A 17 1.50 10.94 -7.47
N ARG A 18 2.33 11.81 -8.03
CA ARG A 18 2.13 12.30 -9.38
C ARG A 18 2.47 11.23 -10.41
N LEU A 19 1.47 10.47 -10.85
CA LEU A 19 1.67 9.41 -11.83
C LEU A 19 0.71 9.57 -13.00
N ASP A 20 1.10 9.06 -14.16
CA ASP A 20 0.28 9.14 -15.36
C ASP A 20 0.08 10.59 -15.78
N GLY A 21 0.91 11.49 -15.25
CA GLY A 21 0.79 12.89 -15.58
C GLY A 21 -0.21 13.62 -14.71
N GLU A 22 -0.80 12.90 -13.76
CA GLU A 22 -1.78 13.49 -12.87
C GLU A 22 -1.59 12.97 -11.44
N ASP A 23 -2.34 13.55 -10.51
CA ASP A 23 -2.26 13.14 -9.11
C ASP A 23 -2.83 11.75 -8.91
N LEU A 24 -1.98 10.74 -9.08
CA LEU A 24 -2.39 9.35 -8.92
C LEU A 24 -2.71 9.04 -7.46
N ARG A 25 -3.92 8.54 -7.22
CA ARG A 25 -4.34 8.20 -5.87
C ARG A 25 -4.39 6.68 -5.68
N VAL A 26 -3.52 6.17 -4.81
CA VAL A 26 -3.45 4.74 -4.54
C VAL A 26 -4.04 4.42 -3.17
N VAL A 27 -4.78 3.33 -3.10
CA VAL A 27 -5.40 2.90 -1.84
C VAL A 27 -5.23 1.41 -1.63
N LEU A 28 -4.86 1.03 -0.41
CA LEU A 28 -4.68 -0.39 -0.07
C LEU A 28 -5.66 -0.82 1.01
N GLU A 29 -6.74 -1.49 0.60
CA GLU A 29 -7.75 -1.96 1.53
C GLU A 29 -7.25 -3.19 2.29
N LYS A 30 -7.48 -3.20 3.60
CA LYS A 30 -7.05 -4.32 4.44
C LYS A 30 -7.95 -5.52 4.23
N ASP A 31 -9.13 -5.29 3.65
CA ASP A 31 -10.08 -6.36 3.38
C ASP A 31 -9.42 -7.52 2.66
N THR A 32 -8.78 -7.21 1.53
CA THR A 32 -8.09 -8.22 0.73
C THR A 32 -6.71 -7.75 0.30
N MET A 33 -6.21 -6.72 0.98
CA MET A 33 -4.90 -6.17 0.67
C MET A 33 -4.79 -5.81 -0.81
N ASP A 34 -5.93 -5.49 -1.41
CA ASP A 34 -5.97 -5.11 -2.83
C ASP A 34 -5.57 -3.65 -3.01
N VAL A 35 -4.96 -3.35 -4.16
CA VAL A 35 -4.53 -1.99 -4.45
C VAL A 35 -5.46 -1.33 -5.46
N TRP A 36 -5.94 -0.14 -5.13
CA TRP A 36 -6.83 0.60 -6.02
C TRP A 36 -6.16 1.87 -6.55
N CYS A 37 -6.18 2.02 -7.87
CA CYS A 37 -5.57 3.19 -8.51
C CYS A 37 -6.42 3.66 -9.69
N ASN A 38 -6.71 4.95 -9.72
CA ASN A 38 -7.51 5.54 -10.78
C ASN A 38 -8.77 4.71 -11.03
N GLY A 39 -9.50 4.43 -9.96
CA GLY A 39 -10.72 3.64 -10.08
C GLY A 39 -10.51 2.39 -10.89
N GLN A 40 -9.45 1.65 -10.58
CA GLN A 40 -9.16 0.41 -11.29
C GLN A 40 -8.41 -0.57 -10.39
N LYS A 41 -9.05 -1.69 -10.08
CA LYS A 41 -8.44 -2.71 -9.23
C LYS A 41 -7.09 -3.15 -9.78
N MET A 42 -6.02 -2.62 -9.20
CA MET A 42 -4.67 -2.96 -9.63
C MET A 42 -4.41 -4.46 -9.48
N GLU A 43 -3.42 -4.96 -10.20
CA GLU A 43 -3.07 -6.38 -10.15
C GLU A 43 -1.80 -6.60 -9.34
N THR A 44 -1.95 -7.12 -8.13
CA THR A 44 -0.81 -7.39 -7.26
C THR A 44 -0.40 -8.85 -7.32
N ALA A 45 0.57 -9.22 -6.48
CA ALA A 45 1.06 -10.59 -6.44
C ALA A 45 0.72 -11.25 -5.11
N GLY A 46 1.01 -10.55 -4.01
CA GLY A 46 0.74 -11.07 -2.70
C GLY A 46 1.73 -12.15 -2.28
N GLU A 47 3.01 -11.85 -2.42
CA GLU A 47 4.06 -12.79 -2.06
C GLU A 47 4.31 -12.79 -0.56
N PHE A 48 3.94 -13.88 0.10
CA PHE A 48 4.13 -14.00 1.55
C PHE A 48 5.55 -14.44 1.88
N VAL A 49 6.26 -13.59 2.62
CA VAL A 49 7.63 -13.88 3.01
C VAL A 49 7.72 -14.28 4.48
N ASP A 50 8.93 -14.53 4.95
CA ASP A 50 9.15 -14.91 6.35
C ASP A 50 8.53 -13.90 7.30
N ASP A 51 8.54 -12.64 6.89
CA ASP A 51 7.99 -11.57 7.71
C ASP A 51 7.61 -10.37 6.85
N GLY A 52 6.36 -10.36 6.38
CA GLY A 52 5.89 -9.26 5.55
C GLY A 52 5.27 -9.74 4.25
N THR A 53 4.83 -8.80 3.42
CA THR A 53 4.21 -9.13 2.15
C THR A 53 4.73 -8.24 1.04
N GLU A 54 5.13 -8.85 -0.07
CA GLU A 54 5.66 -8.11 -1.21
C GLU A 54 4.61 -8.01 -2.32
N THR A 55 3.91 -6.89 -2.37
CA THR A 55 2.88 -6.66 -3.38
C THR A 55 3.50 -6.22 -4.70
N HIS A 56 3.43 -7.12 -5.70
CA HIS A 56 3.99 -6.81 -7.02
C HIS A 56 2.88 -6.45 -8.00
N PHE A 57 2.82 -5.17 -8.37
CA PHE A 57 1.81 -4.69 -9.30
C PHE A 57 2.42 -3.71 -10.31
N SER A 58 1.81 -3.62 -11.48
CA SER A 58 2.29 -2.73 -12.53
C SER A 58 1.27 -1.63 -12.82
N VAL A 59 1.70 -0.61 -13.55
CA VAL A 59 0.83 0.51 -13.89
C VAL A 59 1.20 1.10 -15.24
N GLY A 60 0.48 0.70 -16.29
CA GLY A 60 0.74 1.21 -17.62
C GLY A 60 2.15 0.88 -18.08
N ASN A 61 3.04 1.87 -18.02
CA ASN A 61 4.42 1.68 -18.44
C ASN A 61 5.39 2.04 -17.32
N HIS A 62 4.93 1.85 -16.08
CA HIS A 62 5.75 2.15 -14.91
C HIS A 62 5.94 0.91 -14.05
N ASP A 63 6.59 1.08 -12.91
CA ASP A 63 6.83 -0.03 -11.99
C ASP A 63 6.77 0.45 -10.54
N CYS A 64 5.81 -0.10 -9.78
CA CYS A 64 5.65 0.28 -8.39
C CYS A 64 5.25 -0.94 -7.55
N TYR A 65 5.52 -0.87 -6.25
CA TYR A 65 5.21 -1.97 -5.35
C TYR A 65 4.97 -1.45 -3.93
N ILE A 66 4.05 -2.10 -3.22
CA ILE A 66 3.72 -1.71 -1.85
C ILE A 66 4.48 -2.56 -0.84
N LYS A 67 5.42 -1.94 -0.13
CA LYS A 67 6.21 -2.63 0.87
C LYS A 67 5.43 -2.78 2.17
N ALA A 68 4.91 -3.98 2.41
CA ALA A 68 4.15 -4.26 3.61
C ALA A 68 5.03 -4.87 4.70
N VAL A 69 4.82 -4.45 5.94
CA VAL A 69 5.60 -4.95 7.06
C VAL A 69 4.71 -5.27 8.25
N SER A 70 4.76 -6.51 8.72
CA SER A 70 3.95 -6.94 9.85
C SER A 70 4.71 -6.75 11.16
N SER A 71 3.96 -6.51 12.23
CA SER A 71 4.56 -6.32 13.55
C SER A 71 3.68 -6.90 14.64
N GLY A 72 4.28 -7.71 15.50
CA GLY A 72 3.53 -8.33 16.59
C GLY A 72 3.86 -9.80 16.75
N LYS A 73 2.85 -10.60 17.11
CA LYS A 73 3.02 -12.04 17.29
C LYS A 73 2.67 -12.80 16.03
N ARG A 74 1.41 -12.72 15.63
CA ARG A 74 0.94 -13.40 14.43
C ARG A 74 0.33 -12.41 13.44
N LYS A 75 -0.35 -11.40 13.96
CA LYS A 75 -0.97 -10.38 13.12
C LYS A 75 -1.54 -9.25 13.97
N GLU A 76 -0.70 -8.70 14.84
CA GLU A 76 -1.12 -7.59 15.71
C GLU A 76 -1.36 -6.33 14.90
N GLY A 77 -0.31 -5.83 14.25
CA GLY A 77 -0.42 -4.63 13.46
C GLY A 77 0.43 -4.67 12.21
N ILE A 78 -0.13 -4.19 11.10
CA ILE A 78 0.59 -4.18 9.83
C ILE A 78 0.65 -2.77 9.24
N ILE A 79 1.74 -2.47 8.56
CA ILE A 79 1.92 -1.16 7.95
C ILE A 79 2.44 -1.28 6.52
N HIS A 80 1.70 -0.72 5.58
CA HIS A 80 2.08 -0.76 4.16
C HIS A 80 2.76 0.54 3.74
N THR A 81 3.79 0.42 2.91
CA THR A 81 4.51 1.59 2.42
C THR A 81 4.68 1.55 0.91
N LEU A 82 3.93 2.40 0.21
CA LEU A 82 4.00 2.46 -1.24
C LEU A 82 5.38 2.93 -1.70
N ILE A 83 5.93 2.25 -2.69
CA ILE A 83 7.24 2.60 -3.23
C ILE A 83 7.24 2.52 -4.75
N VAL A 84 7.36 3.69 -5.39
CA VAL A 84 7.38 3.76 -6.85
C VAL A 84 8.73 4.24 -7.35
N ASP A 85 9.34 3.45 -8.23
CA ASP A 85 10.65 3.79 -8.79
C ASP A 85 11.71 3.85 -7.70
N ASN A 86 11.68 2.86 -6.80
CA ASN A 86 12.64 2.80 -5.71
C ASN A 86 12.61 4.08 -4.88
N ARG A 87 11.41 4.57 -4.62
CA ARG A 87 11.23 5.79 -3.84
C ARG A 87 10.07 5.65 -2.86
N GLU A 88 10.35 5.90 -1.58
CA GLU A 88 9.33 5.80 -0.54
C GLU A 88 8.21 6.81 -0.78
N ILE A 89 6.98 6.41 -0.45
CA ILE A 89 5.83 7.28 -0.63
C ILE A 89 5.09 7.49 0.70
N PRO A 90 4.80 8.76 1.01
CA PRO A 90 4.09 9.12 2.24
C PRO A 90 2.63 8.69 2.22
N GLU A 91 2.15 8.16 3.35
CA GLU A 91 0.78 7.70 3.46
C GLU A 91 -0.15 8.84 3.90
N LEU A 92 -1.21 9.05 3.13
CA LEU A 92 -2.17 10.12 3.44
C LEU A 92 -2.99 9.76 4.67
N THR A 93 -2.71 10.42 5.79
CA THR A 93 -3.43 10.17 7.03
C THR A 93 -3.00 11.16 8.11
N GLN A 94 -3.86 11.33 9.12
CA GLN A 94 -3.57 12.23 10.22
C GLN A 94 -3.23 11.47 11.49
N GLY A 1 12.05 8.93 11.76
CA GLY A 1 11.04 8.12 11.09
C GLY A 1 9.72 8.10 11.83
N PRO A 2 8.79 7.25 11.37
CA PRO A 2 7.47 7.12 11.98
C PRO A 2 7.53 6.45 13.36
N LEU A 3 8.33 5.40 13.46
CA LEU A 3 8.48 4.68 14.72
C LEU A 3 7.14 4.18 15.22
N GLY A 4 6.76 2.98 14.79
CA GLY A 4 5.50 2.40 15.21
C GLY A 4 5.66 1.35 16.28
N SER A 5 5.14 1.61 17.47
CA SER A 5 5.24 0.67 18.58
C SER A 5 3.88 0.49 19.27
N GLU A 6 3.17 -0.56 18.87
CA GLU A 6 1.85 -0.84 19.44
C GLU A 6 0.90 0.32 19.21
N ASN A 7 0.52 0.53 17.95
CA ASN A 7 -0.39 1.62 17.60
C ASN A 7 -0.89 1.46 16.17
N ARG A 8 -2.20 1.30 16.02
CA ARG A 8 -2.81 1.13 14.70
C ARG A 8 -3.72 2.31 14.38
N SER A 9 -3.68 2.76 13.13
CA SER A 9 -4.50 3.87 12.69
C SER A 9 -5.84 3.39 12.15
N LYS A 10 -5.80 2.74 10.99
CA LYS A 10 -7.02 2.23 10.35
C LYS A 10 -6.72 0.96 9.57
N THR A 11 -7.73 0.46 8.86
CA THR A 11 -7.57 -0.76 8.07
C THR A 11 -7.50 -0.42 6.58
N THR A 12 -6.92 0.72 6.26
CA THR A 12 -6.78 1.16 4.87
C THR A 12 -5.69 2.22 4.74
N SER A 13 -4.77 1.98 3.81
CA SER A 13 -3.67 2.91 3.58
C SER A 13 -3.86 3.67 2.28
N THR A 14 -3.32 4.88 2.21
CA THR A 14 -3.44 5.72 1.02
C THR A 14 -2.10 6.36 0.67
N TRP A 15 -1.93 6.70 -0.60
CA TRP A 15 -0.70 7.33 -1.06
C TRP A 15 -0.99 8.27 -2.23
N VAL A 16 -0.42 9.48 -2.16
CA VAL A 16 -0.60 10.47 -3.22
C VAL A 16 0.69 10.74 -3.95
N LEU A 17 0.74 10.39 -5.23
CA LEU A 17 1.93 10.60 -6.05
C LEU A 17 1.55 11.07 -7.45
N ARG A 18 2.41 11.89 -8.04
CA ARG A 18 2.17 12.42 -9.37
C ARG A 18 2.39 11.34 -10.43
N LEU A 19 1.32 10.65 -10.80
CA LEU A 19 1.39 9.59 -11.80
C LEU A 19 0.41 9.85 -12.95
N ASP A 20 0.75 9.35 -14.14
CA ASP A 20 -0.10 9.53 -15.31
C ASP A 20 -0.19 11.00 -15.69
N GLY A 21 0.69 11.81 -15.14
CA GLY A 21 0.68 13.23 -15.43
C GLY A 21 -0.23 14.01 -14.51
N GLU A 22 -0.84 13.31 -13.56
CA GLU A 22 -1.74 13.94 -12.61
C GLU A 22 -1.56 13.37 -11.21
N ASP A 23 -2.23 13.97 -10.24
CA ASP A 23 -2.14 13.51 -8.85
C ASP A 23 -2.80 12.15 -8.68
N LEU A 24 -2.03 11.09 -8.88
CA LEU A 24 -2.54 9.73 -8.74
C LEU A 24 -2.75 9.37 -7.27
N ARG A 25 -3.92 8.82 -6.96
CA ARG A 25 -4.23 8.43 -5.60
C ARG A 25 -4.31 6.91 -5.47
N VAL A 26 -3.44 6.34 -4.65
CA VAL A 26 -3.41 4.90 -4.45
C VAL A 26 -3.93 4.53 -3.06
N VAL A 27 -4.63 3.40 -2.98
CA VAL A 27 -5.19 2.94 -1.72
C VAL A 27 -4.97 1.44 -1.54
N LEU A 28 -4.91 1.01 -0.29
CA LEU A 28 -4.70 -0.40 0.03
C LEU A 28 -5.73 -0.90 1.03
N GLU A 29 -6.69 -1.69 0.55
CA GLU A 29 -7.73 -2.22 1.40
C GLU A 29 -7.24 -3.47 2.15
N LYS A 30 -7.56 -3.53 3.44
CA LYS A 30 -7.15 -4.66 4.26
C LYS A 30 -7.97 -5.90 3.94
N ASP A 31 -9.09 -5.70 3.26
CA ASP A 31 -9.98 -6.80 2.89
C ASP A 31 -9.20 -7.90 2.19
N THR A 32 -8.51 -7.54 1.11
CA THR A 32 -7.73 -8.49 0.34
C THR A 32 -6.36 -7.93 -0.02
N MET A 33 -5.96 -6.85 0.67
CA MET A 33 -4.68 -6.22 0.42
C MET A 33 -4.58 -5.72 -1.02
N ASP A 34 -5.75 -5.55 -1.65
CA ASP A 34 -5.79 -5.07 -3.02
C ASP A 34 -5.40 -3.61 -3.11
N VAL A 35 -4.84 -3.21 -4.25
CA VAL A 35 -4.41 -1.82 -4.45
C VAL A 35 -5.38 -1.09 -5.38
N TRP A 36 -6.02 -0.05 -4.85
CA TRP A 36 -6.96 0.74 -5.63
C TRP A 36 -6.28 1.97 -6.23
N CYS A 37 -6.18 1.99 -7.55
CA CYS A 37 -5.55 3.11 -8.24
C CYS A 37 -6.32 3.46 -9.52
N ASN A 38 -6.58 4.75 -9.72
CA ASN A 38 -7.30 5.21 -10.89
C ASN A 38 -8.68 4.55 -10.98
N GLY A 39 -9.28 4.30 -9.83
CA GLY A 39 -10.59 3.66 -9.79
C GLY A 39 -10.61 2.32 -10.50
N GLN A 40 -9.65 1.47 -10.16
CA GLN A 40 -9.57 0.14 -10.75
C GLN A 40 -8.70 -0.78 -9.90
N LYS A 41 -9.28 -1.90 -9.47
CA LYS A 41 -8.57 -2.86 -8.65
C LYS A 41 -7.27 -3.30 -9.33
N MET A 42 -6.15 -2.73 -8.89
CA MET A 42 -4.85 -3.07 -9.46
C MET A 42 -4.58 -4.56 -9.35
N GLU A 43 -3.47 -4.99 -9.94
CA GLU A 43 -3.10 -6.41 -9.91
C GLU A 43 -1.76 -6.60 -9.22
N THR A 44 -1.79 -7.13 -8.00
CA THR A 44 -0.57 -7.37 -7.23
C THR A 44 -0.15 -8.83 -7.33
N ALA A 45 0.90 -9.17 -6.58
CA ALA A 45 1.41 -10.54 -6.58
C ALA A 45 0.92 -11.31 -5.37
N GLY A 46 0.85 -10.64 -4.23
CA GLY A 46 0.39 -11.29 -3.01
C GLY A 46 1.38 -12.30 -2.48
N GLU A 47 2.65 -11.94 -2.49
CA GLU A 47 3.71 -12.82 -2.01
C GLU A 47 3.84 -12.74 -0.49
N PHE A 48 3.56 -13.85 0.18
CA PHE A 48 3.64 -13.91 1.64
C PHE A 48 5.03 -14.36 2.09
N VAL A 49 5.70 -13.51 2.86
CA VAL A 49 7.04 -13.83 3.36
C VAL A 49 6.99 -14.28 4.81
N ASP A 50 8.15 -14.64 5.35
CA ASP A 50 8.23 -15.10 6.73
C ASP A 50 7.60 -14.09 7.68
N ASP A 51 7.66 -12.81 7.31
CA ASP A 51 7.09 -11.75 8.12
C ASP A 51 6.79 -10.52 7.28
N GLY A 52 5.57 -10.43 6.76
CA GLY A 52 5.19 -9.30 5.94
C GLY A 52 4.59 -9.72 4.60
N THR A 53 4.21 -8.75 3.79
CA THR A 53 3.62 -9.02 2.49
C THR A 53 4.21 -8.12 1.41
N GLU A 54 4.63 -8.72 0.30
CA GLU A 54 5.21 -7.97 -0.80
C GLU A 54 4.26 -7.92 -1.99
N THR A 55 3.51 -6.83 -2.09
CA THR A 55 2.56 -6.65 -3.18
C THR A 55 3.25 -6.11 -4.43
N HIS A 56 3.36 -6.96 -5.45
CA HIS A 56 4.00 -6.56 -6.71
C HIS A 56 2.95 -6.24 -7.77
N PHE A 57 2.75 -4.96 -8.04
CA PHE A 57 1.77 -4.53 -9.03
C PHE A 57 2.42 -3.60 -10.06
N SER A 58 2.12 -3.83 -11.33
CA SER A 58 2.67 -3.02 -12.41
C SER A 58 1.63 -2.02 -12.92
N VAL A 59 2.12 -0.94 -13.53
CA VAL A 59 1.24 0.09 -14.07
C VAL A 59 1.72 0.57 -15.44
N GLY A 60 1.02 0.15 -16.48
CA GLY A 60 1.39 0.56 -17.83
C GLY A 60 2.83 0.20 -18.16
N ASN A 61 3.69 1.23 -18.18
CA ASN A 61 5.10 1.03 -18.49
C ASN A 61 5.97 1.43 -17.31
N HIS A 62 5.39 1.37 -16.11
CA HIS A 62 6.12 1.73 -14.89
C HIS A 62 6.23 0.53 -13.96
N ASP A 63 7.02 0.68 -12.90
CA ASP A 63 7.21 -0.39 -11.92
C ASP A 63 6.98 0.12 -10.50
N CYS A 64 6.02 -0.48 -9.81
CA CYS A 64 5.71 -0.10 -8.44
C CYS A 64 5.36 -1.31 -7.59
N TYR A 65 5.24 -1.10 -6.28
CA TYR A 65 4.91 -2.19 -5.36
C TYR A 65 4.72 -1.66 -3.95
N ILE A 66 3.84 -2.29 -3.19
CA ILE A 66 3.55 -1.89 -1.82
C ILE A 66 4.35 -2.75 -0.83
N LYS A 67 5.31 -2.12 -0.17
CA LYS A 67 6.14 -2.82 0.82
C LYS A 67 5.43 -2.91 2.16
N ALA A 68 4.88 -4.08 2.47
CA ALA A 68 4.17 -4.29 3.72
C ALA A 68 5.10 -4.90 4.78
N VAL A 69 4.87 -4.54 6.03
CA VAL A 69 5.69 -5.05 7.13
C VAL A 69 4.85 -5.25 8.39
N SER A 70 4.78 -6.49 8.86
CA SER A 70 4.01 -6.81 10.05
C SER A 70 4.82 -6.55 11.32
N SER A 71 4.18 -5.97 12.33
CA SER A 71 4.84 -5.66 13.59
C SER A 71 3.99 -6.10 14.76
N GLY A 72 4.65 -6.40 15.88
CA GLY A 72 3.94 -6.84 17.07
C GLY A 72 4.20 -8.29 17.41
N LYS A 73 3.14 -9.06 17.57
CA LYS A 73 3.25 -10.47 17.90
C LYS A 73 2.56 -11.34 16.84
N ARG A 74 1.25 -11.21 16.73
CA ARG A 74 0.48 -11.97 15.76
C ARG A 74 -0.55 -11.09 15.07
N LYS A 75 -0.16 -10.51 13.93
CA LYS A 75 -1.05 -9.65 13.18
C LYS A 75 -1.49 -8.45 14.01
N GLU A 76 -0.66 -8.07 14.98
CA GLU A 76 -0.97 -6.94 15.84
C GLU A 76 -1.13 -5.66 15.02
N GLY A 77 -0.02 -5.17 14.49
CA GLY A 77 -0.05 -3.95 13.70
C GLY A 77 0.80 -4.04 12.45
N ILE A 78 0.17 -3.88 11.28
CA ILE A 78 0.87 -3.96 10.02
C ILE A 78 0.96 -2.58 9.35
N ILE A 79 2.06 -2.34 8.67
CA ILE A 79 2.26 -1.06 7.98
C ILE A 79 2.65 -1.27 6.52
N HIS A 80 1.97 -0.57 5.63
CA HIS A 80 2.25 -0.68 4.20
C HIS A 80 2.93 0.58 3.68
N THR A 81 3.94 0.40 2.84
CA THR A 81 4.68 1.51 2.27
C THR A 81 4.77 1.41 0.76
N LEU A 82 4.00 2.25 0.06
CA LEU A 82 4.00 2.25 -1.40
C LEU A 82 5.35 2.71 -1.95
N ILE A 83 5.82 2.02 -2.98
CA ILE A 83 7.10 2.36 -3.60
C ILE A 83 7.02 2.26 -5.12
N VAL A 84 7.14 3.40 -5.79
CA VAL A 84 7.09 3.44 -7.25
C VAL A 84 8.41 3.89 -7.84
N ASP A 85 8.95 3.09 -8.76
CA ASP A 85 10.21 3.41 -9.40
C ASP A 85 11.35 3.43 -8.38
N ASN A 86 11.32 2.49 -7.45
CA ASN A 86 12.34 2.40 -6.41
C ASN A 86 12.40 3.68 -5.59
N ARG A 87 11.22 4.21 -5.24
CA ARG A 87 11.14 5.43 -4.45
C ARG A 87 10.04 5.32 -3.40
N GLU A 88 10.41 5.55 -2.14
CA GLU A 88 9.46 5.48 -1.04
C GLU A 88 8.36 6.53 -1.20
N ILE A 89 7.13 6.14 -0.87
CA ILE A 89 6.00 7.05 -0.98
C ILE A 89 5.34 7.27 0.39
N PRO A 90 5.11 8.54 0.72
CA PRO A 90 4.48 8.93 1.99
C PRO A 90 3.01 8.53 2.05
N GLU A 91 2.60 7.97 3.20
CA GLU A 91 1.22 7.55 3.39
C GLU A 91 0.38 8.69 3.96
N LEU A 92 -0.78 8.92 3.35
CA LEU A 92 -1.67 9.98 3.80
C LEU A 92 -2.40 9.57 5.07
N THR A 93 -2.32 10.41 6.10
CA THR A 93 -2.98 10.14 7.38
C THR A 93 -3.69 11.38 7.90
N GLN A 94 -4.41 11.21 9.00
CA GLN A 94 -5.14 12.32 9.61
C GLN A 94 -4.20 13.21 10.42
N GLY A 1 10.22 10.04 22.66
CA GLY A 1 8.87 9.69 22.26
C GLY A 1 8.52 10.24 20.90
N PRO A 2 9.13 9.67 19.85
CA PRO A 2 8.89 10.09 18.47
C PRO A 2 7.49 9.72 17.98
N LEU A 3 6.99 8.59 18.45
CA LEU A 3 5.66 8.12 18.06
C LEU A 3 5.58 7.87 16.57
N GLY A 4 4.49 7.25 16.12
CA GLY A 4 4.32 6.98 14.71
C GLY A 4 3.28 7.87 14.06
N SER A 5 2.17 7.28 13.64
CA SER A 5 1.10 8.04 13.00
C SER A 5 -0.27 7.50 13.41
N GLU A 6 -0.88 8.15 14.39
CA GLU A 6 -2.18 7.74 14.88
C GLU A 6 -2.13 6.32 15.44
N ASN A 7 -3.22 5.91 16.10
CA ASN A 7 -3.30 4.58 16.69
C ASN A 7 -4.72 4.04 16.62
N ARG A 8 -4.86 2.80 16.15
CA ARG A 8 -6.18 2.18 16.03
C ARG A 8 -7.08 2.95 15.08
N SER A 9 -8.23 2.39 14.77
CA SER A 9 -9.18 3.03 13.86
C SER A 9 -8.50 3.43 12.56
N LYS A 10 -7.88 2.45 11.89
CA LYS A 10 -7.19 2.69 10.63
C LYS A 10 -6.96 1.39 9.88
N THR A 11 -7.91 1.03 9.02
CA THR A 11 -7.80 -0.20 8.23
C THR A 11 -7.75 0.11 6.75
N THR A 12 -7.13 1.24 6.39
CA THR A 12 -7.01 1.64 5.00
C THR A 12 -5.88 2.64 4.81
N SER A 13 -5.00 2.35 3.86
CA SER A 13 -3.86 3.22 3.58
C SER A 13 -4.06 3.98 2.28
N THR A 14 -3.46 5.17 2.19
CA THR A 14 -3.58 5.99 1.00
C THR A 14 -2.24 6.62 0.62
N TRP A 15 -2.03 6.82 -0.68
CA TRP A 15 -0.78 7.41 -1.16
C TRP A 15 -1.03 8.27 -2.39
N VAL A 16 -0.63 9.53 -2.33
CA VAL A 16 -0.81 10.46 -3.43
C VAL A 16 0.52 10.76 -4.13
N LEU A 17 0.65 10.34 -5.38
CA LEU A 17 1.86 10.57 -6.15
C LEU A 17 1.54 10.95 -7.58
N ARG A 18 2.38 11.78 -8.18
CA ARG A 18 2.19 12.22 -9.56
C ARG A 18 2.52 11.09 -10.54
N LEU A 19 1.50 10.33 -10.91
CA LEU A 19 1.67 9.22 -11.85
C LEU A 19 0.75 9.38 -13.05
N ASP A 20 1.18 8.84 -14.19
CA ASP A 20 0.40 8.91 -15.42
C ASP A 20 0.24 10.36 -15.87
N GLY A 21 1.06 11.25 -15.31
CA GLY A 21 0.99 12.65 -15.68
C GLY A 21 0.00 13.43 -14.84
N GLU A 22 -0.63 12.73 -13.89
CA GLU A 22 -1.61 13.36 -13.02
C GLU A 22 -1.47 12.85 -11.59
N ASP A 23 -2.21 13.47 -10.67
CA ASP A 23 -2.17 13.07 -9.26
C ASP A 23 -2.80 11.70 -9.06
N LEU A 24 -1.98 10.67 -9.16
CA LEU A 24 -2.45 9.29 -8.99
C LEU A 24 -2.67 8.98 -7.52
N ARG A 25 -3.85 8.44 -7.20
CA ARG A 25 -4.18 8.09 -5.83
C ARG A 25 -4.20 6.58 -5.64
N VAL A 26 -3.31 6.09 -4.77
CA VAL A 26 -3.23 4.66 -4.50
C VAL A 26 -3.69 4.34 -3.08
N VAL A 27 -4.78 3.58 -2.99
CA VAL A 27 -5.33 3.20 -1.69
C VAL A 27 -5.22 1.69 -1.47
N LEU A 28 -4.89 1.29 -0.24
CA LEU A 28 -4.77 -0.11 0.10
C LEU A 28 -5.83 -0.54 1.10
N GLU A 29 -6.79 -1.32 0.63
CA GLU A 29 -7.87 -1.79 1.49
C GLU A 29 -7.44 -3.00 2.30
N LYS A 30 -7.76 -3.00 3.60
CA LYS A 30 -7.40 -4.09 4.48
C LYS A 30 -8.27 -5.32 4.22
N ASP A 31 -9.39 -5.11 3.52
CA ASP A 31 -10.30 -6.20 3.20
C ASP A 31 -9.55 -7.36 2.56
N THR A 32 -8.81 -7.07 1.50
CA THR A 32 -8.05 -8.10 0.79
C THR A 32 -6.65 -7.60 0.42
N MET A 33 -6.23 -6.52 1.07
CA MET A 33 -4.92 -5.94 0.81
C MET A 33 -4.75 -5.59 -0.66
N ASP A 34 -5.86 -5.20 -1.30
CA ASP A 34 -5.84 -4.84 -2.71
C ASP A 34 -5.49 -3.37 -2.89
N VAL A 35 -4.93 -3.03 -4.04
CA VAL A 35 -4.56 -1.65 -4.35
C VAL A 35 -5.54 -1.01 -5.31
N TRP A 36 -6.01 0.19 -4.98
CA TRP A 36 -6.95 0.90 -5.82
C TRP A 36 -6.30 2.15 -6.42
N CYS A 37 -6.34 2.25 -7.74
CA CYS A 37 -5.76 3.39 -8.45
C CYS A 37 -6.82 4.11 -9.28
N ASN A 38 -7.28 5.25 -8.79
CA ASN A 38 -8.29 6.04 -9.48
C ASN A 38 -9.43 5.15 -9.97
N GLY A 39 -10.23 4.66 -9.02
CA GLY A 39 -11.35 3.80 -9.38
C GLY A 39 -10.96 2.70 -10.34
N GLN A 40 -9.78 2.12 -10.12
CA GLN A 40 -9.29 1.05 -10.97
C GLN A 40 -8.58 -0.02 -10.15
N LYS A 41 -9.26 -1.13 -9.91
CA LYS A 41 -8.69 -2.23 -9.14
C LYS A 41 -7.34 -2.66 -9.72
N MET A 42 -6.26 -2.23 -9.07
CA MET A 42 -4.91 -2.58 -9.52
C MET A 42 -4.67 -4.08 -9.41
N GLU A 43 -3.60 -4.55 -10.02
CA GLU A 43 -3.25 -5.97 -9.99
C GLU A 43 -1.89 -6.18 -9.34
N THR A 44 -1.90 -6.68 -8.11
CA THR A 44 -0.68 -6.95 -7.37
C THR A 44 -0.23 -8.39 -7.52
N ALA A 45 0.91 -8.72 -6.92
CA ALA A 45 1.44 -10.08 -6.99
C ALA A 45 1.69 -10.64 -5.59
N GLY A 46 0.65 -11.18 -4.97
CA GLY A 46 0.77 -11.74 -3.64
C GLY A 46 1.91 -12.73 -3.54
N GLU A 47 2.93 -12.38 -2.77
CA GLU A 47 4.09 -13.25 -2.59
C GLU A 47 4.48 -13.35 -1.12
N PHE A 48 4.25 -14.51 -0.52
CA PHE A 48 4.58 -14.73 0.88
C PHE A 48 6.08 -14.76 1.09
N VAL A 49 6.59 -13.77 1.82
CA VAL A 49 8.02 -13.69 2.09
C VAL A 49 8.34 -14.14 3.51
N ASP A 50 9.60 -14.04 3.89
CA ASP A 50 10.04 -14.44 5.23
C ASP A 50 9.19 -13.78 6.29
N ASP A 51 8.94 -12.48 6.12
CA ASP A 51 8.15 -11.72 7.08
C ASP A 51 7.42 -10.57 6.39
N GLY A 52 6.12 -10.74 6.18
CA GLY A 52 5.33 -9.71 5.54
C GLY A 52 4.90 -10.10 4.13
N THR A 53 4.33 -9.15 3.41
CA THR A 53 3.87 -9.40 2.04
C THR A 53 4.29 -8.29 1.10
N GLU A 54 4.89 -8.66 -0.04
CA GLU A 54 5.33 -7.68 -1.02
C GLU A 54 4.39 -7.63 -2.20
N THR A 55 3.48 -6.65 -2.20
CA THR A 55 2.52 -6.50 -3.28
C THR A 55 3.17 -5.86 -4.51
N HIS A 56 3.32 -6.66 -5.56
CA HIS A 56 3.92 -6.18 -6.80
C HIS A 56 2.85 -5.88 -7.85
N PHE A 57 2.63 -4.59 -8.10
CA PHE A 57 1.63 -4.17 -9.08
C PHE A 57 2.26 -3.28 -10.15
N SER A 58 2.10 -3.67 -11.40
CA SER A 58 2.65 -2.92 -12.52
C SER A 58 1.70 -1.81 -12.96
N VAL A 59 2.24 -0.79 -13.62
CA VAL A 59 1.44 0.32 -14.09
C VAL A 59 2.03 0.93 -15.36
N GLY A 60 1.41 0.64 -16.49
CA GLY A 60 1.89 1.17 -17.77
C GLY A 60 3.36 0.88 -17.99
N ASN A 61 4.17 1.94 -18.01
CA ASN A 61 5.61 1.79 -18.21
C ASN A 61 6.38 2.12 -16.94
N HIS A 62 5.72 1.95 -15.79
CA HIS A 62 6.34 2.22 -14.50
C HIS A 62 6.27 0.99 -13.60
N ASP A 63 7.13 0.96 -12.59
CA ASP A 63 7.17 -0.16 -11.65
C ASP A 63 6.93 0.33 -10.22
N CYS A 64 5.92 -0.23 -9.57
CA CYS A 64 5.58 0.15 -8.21
C CYS A 64 5.14 -1.07 -7.40
N TYR A 65 5.31 -1.00 -6.08
CA TYR A 65 4.93 -2.10 -5.20
C TYR A 65 4.70 -1.59 -3.78
N ILE A 66 3.80 -2.26 -3.06
CA ILE A 66 3.48 -1.87 -1.69
C ILE A 66 4.24 -2.76 -0.70
N LYS A 67 5.14 -2.14 0.05
CA LYS A 67 5.93 -2.86 1.04
C LYS A 67 5.15 -3.06 2.32
N ALA A 68 4.64 -4.27 2.52
CA ALA A 68 3.86 -4.60 3.70
C ALA A 68 4.72 -5.31 4.74
N VAL A 69 4.46 -5.03 6.01
CA VAL A 69 5.21 -5.64 7.10
C VAL A 69 4.33 -5.85 8.34
N SER A 70 4.27 -7.08 8.81
CA SER A 70 3.46 -7.42 9.97
C SER A 70 4.30 -7.37 11.25
N SER A 71 3.72 -6.84 12.31
CA SER A 71 4.41 -6.73 13.60
C SER A 71 3.46 -7.01 14.76
N GLY A 72 3.99 -7.63 15.80
CA GLY A 72 3.18 -7.95 16.97
C GLY A 72 3.33 -9.40 17.39
N LYS A 73 2.61 -9.79 18.44
CA LYS A 73 2.67 -11.15 18.95
C LYS A 73 2.42 -12.16 17.83
N ARG A 74 1.26 -12.05 17.18
CA ARG A 74 0.90 -12.95 16.10
C ARG A 74 0.00 -12.24 15.08
N LYS A 75 0.60 -11.45 14.21
CA LYS A 75 -0.14 -10.72 13.20
C LYS A 75 -1.14 -9.76 13.83
N GLU A 76 -0.63 -8.86 14.68
CA GLU A 76 -1.47 -7.88 15.35
C GLU A 76 -1.57 -6.60 14.54
N GLY A 77 -0.47 -5.86 14.44
CA GLY A 77 -0.46 -4.63 13.70
C GLY A 77 0.38 -4.72 12.44
N ILE A 78 -0.20 -4.34 11.31
CA ILE A 78 0.52 -4.38 10.03
C ILE A 78 0.59 -2.99 9.40
N ILE A 79 1.70 -2.72 8.73
CA ILE A 79 1.90 -1.43 8.07
C ILE A 79 2.31 -1.61 6.61
N HIS A 80 1.77 -0.76 5.74
CA HIS A 80 2.08 -0.82 4.33
C HIS A 80 2.75 0.47 3.86
N THR A 81 3.80 0.32 3.07
CA THR A 81 4.54 1.46 2.55
C THR A 81 4.69 1.39 1.04
N LEU A 82 3.99 2.28 0.33
CA LEU A 82 4.04 2.31 -1.12
C LEU A 82 5.42 2.77 -1.61
N ILE A 83 5.94 2.09 -2.61
CA ILE A 83 7.25 2.43 -3.17
C ILE A 83 7.23 2.33 -4.69
N VAL A 84 7.47 3.47 -5.35
CA VAL A 84 7.49 3.51 -6.81
C VAL A 84 8.86 3.94 -7.32
N ASP A 85 9.43 3.12 -8.20
CA ASP A 85 10.74 3.42 -8.77
C ASP A 85 11.82 3.43 -7.69
N ASN A 86 11.70 2.52 -6.73
CA ASN A 86 12.66 2.42 -5.64
C ASN A 86 12.67 3.71 -4.82
N ARG A 87 11.49 4.24 -4.54
CA ARG A 87 11.37 5.48 -3.77
C ARG A 87 10.19 5.40 -2.81
N GLU A 88 10.45 5.70 -1.54
CA GLU A 88 9.42 5.67 -0.51
C GLU A 88 8.31 6.67 -0.82
N ILE A 89 7.08 6.32 -0.45
CA ILE A 89 5.94 7.19 -0.69
C ILE A 89 5.22 7.50 0.62
N PRO A 90 4.95 8.79 0.85
CA PRO A 90 4.24 9.25 2.06
C PRO A 90 2.78 8.84 2.07
N GLU A 91 2.32 8.36 3.22
CA GLU A 91 0.93 7.93 3.36
C GLU A 91 0.06 9.07 3.86
N LEU A 92 -0.99 9.38 3.11
CA LEU A 92 -1.91 10.45 3.48
C LEU A 92 -2.41 10.28 4.91
N THR A 93 -2.18 11.30 5.74
CA THR A 93 -2.61 11.26 7.13
C THR A 93 -3.34 12.54 7.52
N GLN A 94 -4.52 12.39 8.10
CA GLN A 94 -5.32 13.52 8.53
C GLN A 94 -6.31 13.13 9.61
N GLY A 1 -21.36 -22.83 23.71
CA GLY A 1 -21.08 -22.76 22.29
C GLY A 1 -20.07 -21.67 21.96
N PRO A 2 -18.80 -21.89 22.32
CA PRO A 2 -17.73 -20.93 22.07
C PRO A 2 -17.39 -20.81 20.59
N LEU A 3 -17.36 -19.58 20.08
CA LEU A 3 -17.05 -19.33 18.68
C LEU A 3 -15.69 -18.64 18.54
N GLY A 4 -15.52 -17.53 19.25
CA GLY A 4 -14.28 -16.79 19.19
C GLY A 4 -14.48 -15.31 18.97
N SER A 5 -13.96 -14.50 19.89
CA SER A 5 -14.11 -13.06 19.80
C SER A 5 -13.53 -12.54 18.49
N GLU A 6 -14.21 -11.55 17.91
CA GLU A 6 -13.76 -10.97 16.64
C GLU A 6 -13.30 -9.53 16.85
N ASN A 7 -12.74 -8.94 15.79
CA ASN A 7 -12.25 -7.57 15.86
C ASN A 7 -13.18 -6.62 15.09
N ARG A 8 -13.13 -5.34 15.43
CA ARG A 8 -13.96 -4.34 14.77
C ARG A 8 -13.11 -3.15 14.32
N SER A 9 -12.46 -3.29 13.17
CA SER A 9 -11.61 -2.24 12.63
C SER A 9 -11.49 -2.36 11.12
N LYS A 10 -11.41 -1.22 10.44
CA LYS A 10 -11.28 -1.20 8.98
C LYS A 10 -10.02 -0.46 8.55
N THR A 11 -8.89 -1.17 8.57
CA THR A 11 -7.62 -0.57 8.17
C THR A 11 -7.59 -0.25 6.68
N THR A 12 -6.98 0.88 6.34
CA THR A 12 -6.89 1.29 4.94
C THR A 12 -5.75 2.29 4.75
N SER A 13 -4.87 2.01 3.79
CA SER A 13 -3.75 2.89 3.51
C SER A 13 -3.97 3.65 2.21
N THR A 14 -3.34 4.82 2.10
CA THR A 14 -3.47 5.65 0.91
C THR A 14 -2.15 6.32 0.56
N TRP A 15 -1.99 6.70 -0.71
CA TRP A 15 -0.78 7.35 -1.17
C TRP A 15 -1.06 8.27 -2.35
N VAL A 16 -0.58 9.50 -2.27
CA VAL A 16 -0.77 10.48 -3.34
C VAL A 16 0.53 10.77 -4.07
N LEU A 17 0.58 10.40 -5.35
CA LEU A 17 1.77 10.63 -6.15
C LEU A 17 1.39 11.03 -7.58
N ARG A 18 2.24 11.85 -8.20
CA ARG A 18 1.98 12.30 -9.56
C ARG A 18 2.28 11.20 -10.57
N LEU A 19 1.24 10.43 -10.91
CA LEU A 19 1.38 9.35 -11.86
C LEU A 19 0.45 9.54 -13.06
N ASP A 20 0.85 8.99 -14.21
CA ASP A 20 0.06 9.11 -15.42
C ASP A 20 -0.05 10.56 -15.87
N GLY A 21 0.81 11.41 -15.32
CA GLY A 21 0.80 12.82 -15.68
C GLY A 21 -0.14 13.63 -14.81
N GLU A 22 -0.79 12.96 -13.87
CA GLU A 22 -1.73 13.62 -12.96
C GLU A 22 -1.58 13.09 -11.54
N ASP A 23 -2.28 13.73 -10.60
CA ASP A 23 -2.23 13.32 -9.20
C ASP A 23 -2.92 11.97 -9.01
N LEU A 24 -2.14 10.90 -9.14
CA LEU A 24 -2.66 9.55 -8.98
C LEU A 24 -2.81 9.19 -7.51
N ARG A 25 -4.00 8.73 -7.14
CA ARG A 25 -4.27 8.35 -5.75
C ARG A 25 -4.34 6.82 -5.61
N VAL A 26 -3.46 6.28 -4.77
CA VAL A 26 -3.41 4.84 -4.55
C VAL A 26 -3.96 4.49 -3.16
N VAL A 27 -4.67 3.38 -3.09
CA VAL A 27 -5.25 2.92 -1.83
C VAL A 27 -5.03 1.42 -1.63
N LEU A 28 -4.86 1.02 -0.38
CA LEU A 28 -4.64 -0.39 -0.04
C LEU A 28 -5.60 -0.85 1.04
N GLU A 29 -6.66 -1.55 0.63
CA GLU A 29 -7.66 -2.04 1.57
C GLU A 29 -7.16 -3.29 2.28
N LYS A 30 -7.12 -3.23 3.61
CA LYS A 30 -6.66 -4.36 4.42
C LYS A 30 -7.57 -5.57 4.24
N ASP A 31 -8.75 -5.33 3.69
CA ASP A 31 -9.72 -6.40 3.46
C ASP A 31 -9.08 -7.56 2.70
N THR A 32 -8.50 -7.26 1.54
CA THR A 32 -7.86 -8.28 0.73
C THR A 32 -6.50 -7.80 0.23
N MET A 33 -5.97 -6.76 0.87
CA MET A 33 -4.67 -6.20 0.48
C MET A 33 -4.68 -5.77 -0.97
N ASP A 34 -5.87 -5.47 -1.49
CA ASP A 34 -6.01 -5.03 -2.88
C ASP A 34 -5.56 -3.58 -3.04
N VAL A 35 -4.96 -3.27 -4.18
CA VAL A 35 -4.49 -1.92 -4.46
C VAL A 35 -5.40 -1.21 -5.45
N TRP A 36 -6.01 -0.12 -5.02
CA TRP A 36 -6.90 0.65 -5.88
C TRP A 36 -6.19 1.85 -6.49
N CYS A 37 -6.38 2.06 -7.78
CA CYS A 37 -5.76 3.17 -8.48
C CYS A 37 -6.78 3.95 -9.31
N ASN A 38 -7.19 5.10 -8.80
CA ASN A 38 -8.17 5.94 -9.49
C ASN A 38 -9.33 5.10 -10.01
N GLY A 39 -10.14 4.60 -9.08
CA GLY A 39 -11.29 3.79 -9.46
C GLY A 39 -10.92 2.69 -10.44
N GLN A 40 -9.78 2.06 -10.21
CA GLN A 40 -9.31 0.99 -11.10
C GLN A 40 -8.47 -0.02 -10.32
N LYS A 41 -8.98 -1.25 -10.23
CA LYS A 41 -8.28 -2.32 -9.52
C LYS A 41 -6.86 -2.47 -10.03
N MET A 42 -6.01 -3.13 -9.25
CA MET A 42 -4.62 -3.34 -9.62
C MET A 42 -4.25 -4.81 -9.55
N GLU A 43 -3.11 -5.17 -10.13
CA GLU A 43 -2.65 -6.55 -10.13
C GLU A 43 -1.31 -6.69 -9.42
N THR A 44 -1.34 -7.25 -8.22
CA THR A 44 -0.12 -7.43 -7.44
C THR A 44 0.45 -8.84 -7.61
N ALA A 45 1.51 -9.14 -6.87
CA ALA A 45 2.14 -10.45 -6.95
C ALA A 45 1.57 -11.40 -5.90
N GLY A 46 1.24 -10.86 -4.74
CA GLY A 46 0.70 -11.68 -3.67
C GLY A 46 1.74 -12.57 -3.02
N GLU A 47 2.94 -12.01 -2.81
CA GLU A 47 4.03 -12.76 -2.19
C GLU A 47 3.95 -12.67 -0.67
N PHE A 48 3.94 -13.83 -0.02
CA PHE A 48 3.85 -13.89 1.43
C PHE A 48 5.15 -14.45 2.03
N VAL A 49 5.73 -13.71 2.97
CA VAL A 49 6.97 -14.13 3.61
C VAL A 49 6.71 -14.59 5.05
N ASP A 50 7.78 -15.00 5.73
CA ASP A 50 7.67 -15.44 7.11
C ASP A 50 6.97 -14.39 7.97
N ASP A 51 7.12 -13.13 7.60
CA ASP A 51 6.50 -12.04 8.33
C ASP A 51 6.36 -10.79 7.45
N GLY A 52 5.20 -10.67 6.80
CA GLY A 52 4.96 -9.54 5.94
C GLY A 52 4.48 -9.94 4.56
N THR A 53 4.09 -8.96 3.75
CA THR A 53 3.59 -9.23 2.41
C THR A 53 4.21 -8.27 1.40
N GLU A 54 4.72 -8.82 0.31
CA GLU A 54 5.34 -8.01 -0.74
C GLU A 54 4.42 -7.88 -1.96
N THR A 55 3.67 -6.79 -2.02
CA THR A 55 2.75 -6.55 -3.12
C THR A 55 3.46 -5.91 -4.30
N HIS A 56 3.62 -6.66 -5.38
CA HIS A 56 4.29 -6.16 -6.58
C HIS A 56 3.28 -5.97 -7.71
N PHE A 57 2.97 -4.72 -8.00
CA PHE A 57 2.01 -4.39 -9.07
C PHE A 57 2.63 -3.43 -10.07
N SER A 58 2.28 -3.61 -11.34
CA SER A 58 2.80 -2.75 -12.40
C SER A 58 1.89 -1.55 -12.64
N VAL A 59 2.50 -0.40 -12.90
CA VAL A 59 1.76 0.83 -13.15
C VAL A 59 2.36 1.62 -14.30
N GLY A 60 1.72 1.56 -15.47
CA GLY A 60 2.22 2.28 -16.62
C GLY A 60 3.67 1.97 -16.92
N ASN A 61 4.09 0.74 -16.62
CA ASN A 61 5.45 0.32 -16.86
C ASN A 61 6.44 1.14 -16.04
N HIS A 62 5.95 1.67 -14.91
CA HIS A 62 6.78 2.47 -14.02
C HIS A 62 7.40 1.61 -12.93
N ASP A 63 6.90 0.39 -12.79
CA ASP A 63 7.39 -0.54 -11.78
C ASP A 63 7.11 -0.01 -10.38
N CYS A 64 6.12 -0.59 -9.72
CA CYS A 64 5.75 -0.17 -8.37
C CYS A 64 5.47 -1.38 -7.48
N TYR A 65 5.37 -1.14 -6.18
CA TYR A 65 5.10 -2.21 -5.23
C TYR A 65 4.90 -1.66 -3.82
N ILE A 66 3.98 -2.26 -3.08
CA ILE A 66 3.69 -1.83 -1.72
C ILE A 66 4.41 -2.70 -0.70
N LYS A 67 5.39 -2.10 -0.02
CA LYS A 67 6.15 -2.83 1.00
C LYS A 67 5.39 -2.91 2.31
N ALA A 68 4.83 -4.07 2.60
CA ALA A 68 4.06 -4.27 3.83
C ALA A 68 4.92 -4.97 4.88
N VAL A 69 4.68 -4.62 6.15
CA VAL A 69 5.41 -5.21 7.26
C VAL A 69 4.52 -5.38 8.49
N SER A 70 4.45 -6.62 8.98
CA SER A 70 3.63 -6.92 10.15
C SER A 70 4.46 -6.83 11.43
N SER A 71 3.95 -6.09 12.41
CA SER A 71 4.63 -5.93 13.68
C SER A 71 3.70 -6.20 14.85
N GLY A 72 4.27 -6.62 15.97
CA GLY A 72 3.47 -6.92 17.15
C GLY A 72 2.88 -8.31 17.11
N LYS A 73 3.62 -9.28 17.66
CA LYS A 73 3.17 -10.66 17.70
C LYS A 73 2.97 -11.21 16.28
N ARG A 74 2.37 -12.38 16.17
CA ARG A 74 2.11 -13.01 14.88
C ARG A 74 1.38 -12.05 13.96
N LYS A 75 0.54 -11.20 14.53
CA LYS A 75 -0.22 -10.23 13.75
C LYS A 75 -0.99 -9.28 14.67
N GLU A 76 -0.76 -7.98 14.49
CA GLU A 76 -1.42 -6.97 15.31
C GLU A 76 -1.41 -5.61 14.60
N GLY A 77 -0.23 -5.17 14.21
CA GLY A 77 -0.11 -3.89 13.53
C GLY A 77 0.66 -4.00 12.23
N ILE A 78 -0.05 -3.93 11.11
CA ILE A 78 0.58 -4.02 9.80
C ILE A 78 0.68 -2.64 9.14
N ILE A 79 1.84 -2.34 8.57
CA ILE A 79 2.06 -1.06 7.90
C ILE A 79 2.43 -1.26 6.44
N HIS A 80 1.79 -0.50 5.56
CA HIS A 80 2.07 -0.60 4.13
C HIS A 80 2.81 0.64 3.63
N THR A 81 3.81 0.43 2.78
CA THR A 81 4.60 1.53 2.23
C THR A 81 4.70 1.42 0.72
N LEU A 82 3.95 2.24 0.02
CA LEU A 82 3.96 2.25 -1.44
C LEU A 82 5.32 2.72 -1.98
N ILE A 83 5.81 2.05 -3.01
CA ILE A 83 7.09 2.41 -3.61
C ILE A 83 7.00 2.40 -5.13
N VAL A 84 7.26 3.55 -5.74
CA VAL A 84 7.21 3.68 -7.20
C VAL A 84 8.57 4.08 -7.75
N ASP A 85 8.98 3.41 -8.83
CA ASP A 85 10.26 3.69 -9.47
C ASP A 85 11.40 3.61 -8.45
N ASN A 86 11.29 2.65 -7.53
CA ASN A 86 12.31 2.45 -6.51
C ASN A 86 12.41 3.67 -5.60
N ARG A 87 11.26 4.22 -5.22
CA ARG A 87 11.22 5.39 -4.35
C ARG A 87 10.08 5.28 -3.34
N GLU A 88 10.40 5.50 -2.07
CA GLU A 88 9.40 5.43 -1.01
C GLU A 88 8.32 6.48 -1.21
N ILE A 89 7.09 6.15 -0.83
CA ILE A 89 5.96 7.05 -0.96
C ILE A 89 5.29 7.30 0.38
N PRO A 90 5.06 8.59 0.69
CA PRO A 90 4.42 9.00 1.95
C PRO A 90 2.94 8.61 2.00
N GLU A 91 2.51 8.08 3.14
CA GLU A 91 1.12 7.67 3.31
C GLU A 91 0.28 8.82 3.86
N LEU A 92 -1.01 8.79 3.57
CA LEU A 92 -1.93 9.83 4.04
C LEU A 92 -1.79 10.04 5.55
N THR A 93 -1.56 8.95 6.27
CA THR A 93 -1.42 9.02 7.72
C THR A 93 -0.37 10.05 8.11
N GLN A 94 -0.56 10.65 9.29
CA GLN A 94 0.37 11.65 9.79
C GLN A 94 1.68 11.01 10.24
N GLY A 1 10.94 13.29 7.98
CA GLY A 1 11.69 12.83 9.13
C GLY A 1 10.82 12.65 10.37
N PRO A 2 9.92 11.66 10.32
CA PRO A 2 9.01 11.36 11.42
C PRO A 2 9.73 10.77 12.63
N LEU A 3 9.15 10.98 13.81
CA LEU A 3 9.74 10.46 15.04
C LEU A 3 8.66 10.03 16.02
N GLY A 4 8.69 8.76 16.40
CA GLY A 4 7.70 8.24 17.33
C GLY A 4 6.31 8.19 16.74
N SER A 5 6.04 7.18 15.93
CA SER A 5 4.74 7.03 15.29
C SER A 5 4.52 5.60 14.81
N GLU A 6 3.41 4.99 15.25
CA GLU A 6 3.09 3.63 14.85
C GLU A 6 1.70 3.55 14.22
N ASN A 7 1.52 2.57 13.34
CA ASN A 7 0.24 2.38 12.66
C ASN A 7 -0.01 3.52 11.67
N ARG A 8 -0.38 4.68 12.20
CA ARG A 8 -0.66 5.85 11.36
C ARG A 8 -1.74 5.53 10.33
N SER A 9 -2.71 4.71 10.73
CA SER A 9 -3.79 4.32 9.83
C SER A 9 -4.78 3.40 10.55
N LYS A 10 -6.06 3.69 10.40
CA LYS A 10 -7.11 2.89 11.03
C LYS A 10 -7.20 1.52 10.37
N THR A 11 -7.73 1.48 9.16
CA THR A 11 -7.87 0.23 8.43
C THR A 11 -7.81 0.46 6.92
N THR A 12 -7.18 1.56 6.52
CA THR A 12 -7.05 1.90 5.11
C THR A 12 -5.89 2.87 4.88
N SER A 13 -5.01 2.53 3.95
CA SER A 13 -3.86 3.38 3.65
C SER A 13 -4.06 4.09 2.31
N THR A 14 -3.40 5.24 2.15
CA THR A 14 -3.51 6.01 0.93
C THR A 14 -2.16 6.63 0.55
N TRP A 15 -1.93 6.79 -0.74
CA TRP A 15 -0.68 7.36 -1.23
C TRP A 15 -0.92 8.20 -2.48
N VAL A 16 -0.54 9.47 -2.43
CA VAL A 16 -0.71 10.37 -3.57
C VAL A 16 0.60 10.59 -4.29
N LEU A 17 0.68 10.14 -5.54
CA LEU A 17 1.88 10.29 -6.34
C LEU A 17 1.54 10.59 -7.79
N ARG A 18 2.38 11.38 -8.45
CA ARG A 18 2.16 11.74 -9.84
C ARG A 18 2.48 10.58 -10.76
N LEU A 19 1.48 9.77 -11.08
CA LEU A 19 1.66 8.62 -11.95
C LEU A 19 0.73 8.69 -13.15
N ASP A 20 1.12 8.05 -14.25
CA ASP A 20 0.33 8.05 -15.47
C ASP A 20 0.22 9.46 -16.05
N GLY A 21 1.06 10.36 -15.57
CA GLY A 21 1.04 11.73 -16.05
C GLY A 21 0.10 12.61 -15.26
N GLU A 22 -0.55 12.03 -14.26
CA GLU A 22 -1.49 12.76 -13.42
C GLU A 22 -1.35 12.36 -11.96
N ASP A 23 -2.05 13.07 -11.08
CA ASP A 23 -2.01 12.78 -9.66
C ASP A 23 -2.69 11.45 -9.35
N LEU A 24 -1.93 10.37 -9.42
CA LEU A 24 -2.46 9.03 -9.15
C LEU A 24 -2.72 8.84 -7.66
N ARG A 25 -3.94 8.47 -7.32
CA ARG A 25 -4.32 8.26 -5.94
C ARG A 25 -4.37 6.76 -5.61
N VAL A 26 -3.41 6.31 -4.80
CA VAL A 26 -3.34 4.91 -4.42
C VAL A 26 -4.03 4.67 -3.08
N VAL A 27 -4.80 3.60 -3.00
CA VAL A 27 -5.51 3.26 -1.77
C VAL A 27 -5.42 1.76 -1.47
N LEU A 28 -5.00 1.44 -0.24
CA LEU A 28 -4.87 0.05 0.17
C LEU A 28 -5.93 -0.33 1.19
N GLU A 29 -6.96 -1.03 0.73
CA GLU A 29 -8.05 -1.46 1.61
C GLU A 29 -7.64 -2.67 2.43
N LYS A 30 -7.97 -2.64 3.72
CA LYS A 30 -7.64 -3.74 4.62
C LYS A 30 -8.54 -4.95 4.35
N ASP A 31 -9.65 -4.71 3.66
CA ASP A 31 -10.60 -5.77 3.34
C ASP A 31 -9.88 -6.96 2.71
N THR A 32 -9.14 -6.68 1.64
CA THR A 32 -8.40 -7.73 0.93
C THR A 32 -6.99 -7.28 0.61
N MET A 33 -6.53 -6.24 1.29
CA MET A 33 -5.18 -5.71 1.09
C MET A 33 -4.95 -5.41 -0.38
N ASP A 34 -6.01 -5.09 -1.10
CA ASP A 34 -5.92 -4.77 -2.52
C ASP A 34 -5.57 -3.29 -2.73
N VAL A 35 -5.03 -2.98 -3.90
CA VAL A 35 -4.64 -1.61 -4.22
C VAL A 35 -5.64 -0.97 -5.18
N TRP A 36 -5.98 0.28 -4.93
CA TRP A 36 -6.92 1.00 -5.79
C TRP A 36 -6.29 2.29 -6.33
N CYS A 37 -6.23 2.39 -7.65
CA CYS A 37 -5.65 3.56 -8.30
C CYS A 37 -6.56 4.08 -9.41
N ASN A 38 -6.82 5.39 -9.40
CA ASN A 38 -7.67 6.01 -10.40
C ASN A 38 -8.99 5.25 -10.53
N GLY A 39 -9.64 5.00 -9.39
CA GLY A 39 -10.90 4.29 -9.40
C GLY A 39 -10.84 3.02 -10.23
N GLN A 40 -9.77 2.24 -10.05
CA GLN A 40 -9.60 1.01 -10.79
C GLN A 40 -8.84 -0.03 -9.96
N LYS A 41 -9.50 -1.14 -9.65
CA LYS A 41 -8.89 -2.20 -8.86
C LYS A 41 -7.55 -2.63 -9.46
N MET A 42 -6.47 -2.17 -8.87
CA MET A 42 -5.13 -2.51 -9.34
C MET A 42 -4.87 -4.01 -9.20
N GLU A 43 -3.81 -4.48 -9.85
CA GLU A 43 -3.45 -5.90 -9.79
C GLU A 43 -2.07 -6.08 -9.18
N THR A 44 -2.02 -6.55 -7.94
CA THR A 44 -0.77 -6.77 -7.25
C THR A 44 -0.34 -8.23 -7.33
N ALA A 45 0.85 -8.53 -6.81
CA ALA A 45 1.37 -9.90 -6.83
C ALA A 45 1.69 -10.37 -5.42
N GLY A 46 0.70 -10.99 -4.78
CA GLY A 46 0.89 -11.49 -3.43
C GLY A 46 2.14 -12.35 -3.30
N GLU A 47 3.08 -11.89 -2.49
CA GLU A 47 4.33 -12.63 -2.27
C GLU A 47 4.82 -12.46 -0.84
N PHE A 48 4.61 -13.47 -0.02
CA PHE A 48 5.03 -13.45 1.37
C PHE A 48 6.55 -13.51 1.47
N VAL A 49 7.10 -12.90 2.53
CA VAL A 49 8.54 -12.89 2.75
C VAL A 49 8.87 -13.07 4.23
N ASP A 50 10.16 -13.04 4.55
CA ASP A 50 10.60 -13.19 5.92
C ASP A 50 10.05 -12.08 6.81
N ASP A 51 9.60 -11.00 6.18
CA ASP A 51 9.04 -9.87 6.91
C ASP A 51 7.52 -9.82 6.77
N GLY A 52 7.05 -9.39 5.60
CA GLY A 52 5.63 -9.31 5.36
C GLY A 52 5.24 -9.80 3.98
N THR A 53 4.62 -8.94 3.18
CA THR A 53 4.20 -9.30 1.83
C THR A 53 4.58 -8.21 0.84
N GLU A 54 5.20 -8.61 -0.26
CA GLU A 54 5.61 -7.67 -1.30
C GLU A 54 4.61 -7.63 -2.44
N THR A 55 3.69 -6.67 -2.39
CA THR A 55 2.67 -6.52 -3.41
C THR A 55 3.23 -5.84 -4.65
N HIS A 56 3.36 -6.61 -5.73
CA HIS A 56 3.89 -6.07 -6.99
C HIS A 56 2.76 -5.79 -7.96
N PHE A 57 2.54 -4.51 -8.26
CA PHE A 57 1.49 -4.10 -9.18
C PHE A 57 2.05 -3.22 -10.30
N SER A 58 2.00 -3.73 -11.53
CA SER A 58 2.51 -3.00 -12.68
C SER A 58 1.52 -1.93 -13.12
N VAL A 59 2.04 -0.87 -13.72
CA VAL A 59 1.20 0.23 -14.19
C VAL A 59 1.79 0.86 -15.45
N GLY A 60 1.13 0.63 -16.58
CA GLY A 60 1.60 1.19 -17.84
C GLY A 60 3.06 0.86 -18.11
N ASN A 61 3.92 1.88 -18.04
CA ASN A 61 5.34 1.69 -18.28
C ASN A 61 6.14 2.01 -17.02
N HIS A 62 5.52 1.85 -15.86
CA HIS A 62 6.18 2.11 -14.59
C HIS A 62 6.13 0.88 -13.69
N ASP A 63 6.97 0.89 -12.65
CA ASP A 63 7.02 -0.23 -11.72
C ASP A 63 6.83 0.26 -10.28
N CYS A 64 5.83 -0.29 -9.60
CA CYS A 64 5.55 0.09 -8.23
C CYS A 64 5.11 -1.12 -7.41
N TYR A 65 5.39 -1.08 -6.11
CA TYR A 65 5.02 -2.18 -5.22
C TYR A 65 4.78 -1.67 -3.80
N ILE A 66 3.90 -2.34 -3.08
CA ILE A 66 3.57 -1.96 -1.71
C ILE A 66 4.31 -2.84 -0.71
N LYS A 67 5.22 -2.23 0.05
CA LYS A 67 5.99 -2.95 1.05
C LYS A 67 5.19 -3.15 2.32
N ALA A 68 4.68 -4.36 2.51
CA ALA A 68 3.89 -4.69 3.69
C ALA A 68 4.73 -5.42 4.73
N VAL A 69 4.43 -5.19 6.01
CA VAL A 69 5.17 -5.82 7.09
C VAL A 69 4.26 -6.03 8.31
N SER A 70 4.15 -7.29 8.75
CA SER A 70 3.32 -7.62 9.89
C SER A 70 4.14 -7.60 11.18
N SER A 71 3.51 -7.17 12.27
CA SER A 71 4.19 -7.09 13.56
C SER A 71 3.22 -7.44 14.69
N GLY A 72 3.72 -8.15 15.70
CA GLY A 72 2.89 -8.53 16.82
C GLY A 72 2.99 -10.01 17.13
N LYS A 73 2.09 -10.49 18.00
CA LYS A 73 2.08 -11.90 18.38
C LYS A 73 1.95 -12.80 17.15
N ARG A 74 1.34 -12.26 16.10
CA ARG A 74 1.16 -13.01 14.86
C ARG A 74 0.50 -12.14 13.79
N LYS A 75 -0.48 -11.34 14.21
CA LYS A 75 -1.19 -10.47 13.28
C LYS A 75 -1.79 -9.28 14.01
N GLU A 76 -1.14 -8.85 15.09
CA GLU A 76 -1.61 -7.72 15.88
C GLU A 76 -1.81 -6.48 15.01
N GLY A 77 -0.72 -6.03 14.39
CA GLY A 77 -0.79 -4.86 13.54
C GLY A 77 0.13 -4.97 12.33
N ILE A 78 -0.35 -4.46 11.20
CA ILE A 78 0.43 -4.51 9.97
C ILE A 78 0.57 -3.12 9.35
N ILE A 79 1.70 -2.87 8.70
CA ILE A 79 1.95 -1.59 8.07
C ILE A 79 2.38 -1.77 6.61
N HIS A 80 1.84 -0.92 5.74
CA HIS A 80 2.16 -0.99 4.31
C HIS A 80 2.75 0.33 3.84
N THR A 81 3.84 0.25 3.07
CA THR A 81 4.50 1.43 2.54
C THR A 81 4.65 1.36 1.03
N LEU A 82 4.01 2.29 0.34
CA LEU A 82 4.06 2.34 -1.12
C LEU A 82 5.44 2.78 -1.60
N ILE A 83 5.99 2.05 -2.57
CA ILE A 83 7.30 2.36 -3.11
C ILE A 83 7.30 2.27 -4.63
N VAL A 84 7.54 3.39 -5.30
CA VAL A 84 7.57 3.43 -6.75
C VAL A 84 8.94 3.88 -7.26
N ASP A 85 9.52 3.10 -8.17
CA ASP A 85 10.82 3.40 -8.73
C ASP A 85 11.89 3.38 -7.66
N ASN A 86 11.75 2.46 -6.70
CA ASN A 86 12.72 2.33 -5.62
C ASN A 86 12.74 3.60 -4.76
N ARG A 87 11.57 4.13 -4.47
CA ARG A 87 11.45 5.34 -3.65
C ARG A 87 10.24 5.26 -2.73
N GLU A 88 10.47 5.51 -1.44
CA GLU A 88 9.41 5.47 -0.46
C GLU A 88 8.34 6.52 -0.76
N ILE A 89 7.09 6.20 -0.46
CA ILE A 89 5.98 7.12 -0.69
C ILE A 89 5.24 7.44 0.60
N PRO A 90 5.02 8.74 0.85
CA PRO A 90 4.32 9.21 2.04
C PRO A 90 2.84 8.87 2.03
N GLU A 91 2.29 8.55 3.19
CA GLU A 91 0.88 8.19 3.31
C GLU A 91 0.03 9.43 3.56
N LEU A 92 -1.17 9.44 3.00
CA LEU A 92 -2.08 10.57 3.15
C LEU A 92 -2.28 10.91 4.62
N THR A 93 -2.35 9.87 5.46
CA THR A 93 -2.53 10.07 6.90
C THR A 93 -1.50 11.04 7.46
N GLN A 94 -1.93 11.88 8.39
CA GLN A 94 -1.04 12.86 8.99
C GLN A 94 -0.40 13.75 7.95
N GLY A 1 1.78 2.97 32.11
CA GLY A 1 2.74 2.13 31.42
C GLY A 1 2.12 1.34 30.29
N PRO A 2 1.38 0.28 30.66
CA PRO A 2 0.71 -0.60 29.68
C PRO A 2 -0.45 0.10 28.97
N LEU A 3 -0.82 -0.41 27.82
CA LEU A 3 -1.92 0.16 27.05
C LEU A 3 -2.79 -0.94 26.44
N GLY A 4 -4.11 -0.79 26.57
CA GLY A 4 -5.03 -1.77 26.02
C GLY A 4 -6.39 -1.19 25.74
N SER A 5 -6.51 -0.48 24.62
CA SER A 5 -7.77 0.14 24.24
C SER A 5 -7.68 0.72 22.82
N GLU A 6 -8.18 -0.03 21.85
CA GLU A 6 -8.16 0.40 20.46
C GLU A 6 -9.09 -0.47 19.61
N ASN A 7 -9.82 0.18 18.71
CA ASN A 7 -10.75 -0.52 17.83
C ASN A 7 -10.00 -1.24 16.71
N ARG A 8 -10.67 -2.20 16.08
CA ARG A 8 -10.07 -2.96 15.00
C ARG A 8 -11.03 -3.07 13.81
N SER A 9 -11.82 -2.03 13.60
CA SER A 9 -12.79 -2.01 12.51
C SER A 9 -12.61 -0.76 11.65
N LYS A 10 -11.37 -0.48 11.26
CA LYS A 10 -11.06 0.68 10.44
C LYS A 10 -9.58 0.73 10.10
N THR A 11 -9.21 0.12 8.97
CA THR A 11 -7.82 0.10 8.53
C THR A 11 -7.72 0.25 7.02
N THR A 12 -7.06 1.32 6.58
CA THR A 12 -6.89 1.58 5.16
C THR A 12 -5.73 2.53 4.91
N SER A 13 -4.88 2.18 3.95
CA SER A 13 -3.72 3.00 3.62
C SER A 13 -3.94 3.74 2.30
N THR A 14 -3.32 4.91 2.18
CA THR A 14 -3.45 5.72 0.97
C THR A 14 -2.14 6.39 0.61
N TRP A 15 -1.96 6.70 -0.67
CA TRP A 15 -0.74 7.35 -1.15
C TRP A 15 -1.02 8.20 -2.37
N VAL A 16 -0.59 9.45 -2.33
CA VAL A 16 -0.78 10.38 -3.44
C VAL A 16 0.53 10.66 -4.17
N LEU A 17 0.60 10.22 -5.43
CA LEU A 17 1.80 10.43 -6.23
C LEU A 17 1.44 10.80 -7.66
N ARG A 18 2.26 11.65 -8.28
CA ARG A 18 2.03 12.08 -9.65
C ARG A 18 2.34 10.96 -10.63
N LEU A 19 1.32 10.18 -10.98
CA LEU A 19 1.49 9.06 -11.91
C LEU A 19 0.51 9.18 -13.08
N ASP A 20 0.90 8.61 -14.22
CA ASP A 20 0.05 8.66 -15.41
C ASP A 20 -0.12 10.09 -15.91
N GLY A 21 0.73 10.99 -15.41
CA GLY A 21 0.65 12.38 -15.82
C GLY A 21 -0.31 13.18 -14.95
N GLU A 22 -0.90 12.52 -13.96
CA GLU A 22 -1.84 13.18 -13.06
C GLU A 22 -1.64 12.70 -11.63
N ASP A 23 -2.34 13.35 -10.69
CA ASP A 23 -2.24 12.99 -9.29
C ASP A 23 -2.87 11.63 -9.02
N LEU A 24 -2.07 10.58 -9.18
CA LEU A 24 -2.55 9.21 -8.96
C LEU A 24 -2.82 8.96 -7.48
N ARG A 25 -4.04 8.52 -7.18
CA ARG A 25 -4.43 8.26 -5.80
C ARG A 25 -4.44 6.75 -5.53
N VAL A 26 -3.49 6.28 -4.74
CA VAL A 26 -3.40 4.86 -4.40
C VAL A 26 -4.08 4.57 -3.07
N VAL A 27 -4.85 3.48 -3.04
CA VAL A 27 -5.56 3.09 -1.83
C VAL A 27 -5.43 1.59 -1.58
N LEU A 28 -4.91 1.23 -0.41
CA LEU A 28 -4.73 -0.17 -0.05
C LEU A 28 -5.70 -0.58 1.07
N GLU A 29 -6.69 -1.38 0.72
CA GLU A 29 -7.68 -1.84 1.69
C GLU A 29 -7.18 -3.08 2.43
N LYS A 30 -7.38 -3.09 3.75
CA LYS A 30 -6.96 -4.23 4.57
C LYS A 30 -7.87 -5.43 4.35
N ASP A 31 -9.04 -5.19 3.76
CA ASP A 31 -10.00 -6.26 3.50
C ASP A 31 -9.33 -7.41 2.76
N THR A 32 -8.70 -7.11 1.64
CA THR A 32 -8.02 -8.12 0.84
C THR A 32 -6.67 -7.62 0.34
N MET A 33 -6.17 -6.55 0.96
CA MET A 33 -4.88 -5.98 0.59
C MET A 33 -4.90 -5.54 -0.88
N ASP A 34 -6.09 -5.32 -1.42
CA ASP A 34 -6.24 -4.90 -2.80
C ASP A 34 -5.76 -3.46 -2.99
N VAL A 35 -5.12 -3.19 -4.12
CA VAL A 35 -4.61 -1.86 -4.42
C VAL A 35 -5.48 -1.15 -5.45
N TRP A 36 -6.07 -0.03 -5.05
CA TRP A 36 -6.93 0.75 -5.94
C TRP A 36 -6.19 1.94 -6.51
N CYS A 37 -6.27 2.12 -7.82
CA CYS A 37 -5.61 3.24 -8.49
C CYS A 37 -6.61 4.08 -9.28
N ASN A 38 -6.96 5.23 -8.73
CA ASN A 38 -7.91 6.13 -9.38
C ASN A 38 -9.05 5.34 -10.03
N GLY A 39 -9.93 4.78 -9.19
CA GLY A 39 -11.05 4.01 -9.70
C GLY A 39 -10.61 2.95 -10.69
N GLN A 40 -9.51 2.28 -10.39
CA GLN A 40 -8.99 1.24 -11.27
C GLN A 40 -8.24 0.19 -10.48
N LYS A 41 -8.78 -1.03 -10.43
CA LYS A 41 -8.16 -2.12 -9.70
C LYS A 41 -6.71 -2.33 -10.15
N MET A 42 -5.94 -3.03 -9.32
CA MET A 42 -4.54 -3.28 -9.64
C MET A 42 -4.23 -4.78 -9.54
N GLU A 43 -3.12 -5.19 -10.12
CA GLU A 43 -2.70 -6.59 -10.09
C GLU A 43 -1.36 -6.75 -9.39
N THR A 44 -1.39 -7.27 -8.18
CA THR A 44 -0.16 -7.48 -7.41
C THR A 44 0.36 -8.90 -7.57
N ALA A 45 1.43 -9.22 -6.86
CA ALA A 45 2.03 -10.55 -6.92
C ALA A 45 1.40 -11.48 -5.89
N GLY A 46 1.04 -10.92 -4.74
CA GLY A 46 0.44 -11.72 -3.69
C GLY A 46 1.35 -12.84 -3.20
N GLU A 47 2.38 -12.46 -2.45
CA GLU A 47 3.33 -13.43 -1.93
C GLU A 47 3.58 -13.20 -0.45
N PHE A 48 3.36 -14.24 0.37
CA PHE A 48 3.57 -14.14 1.80
C PHE A 48 4.95 -14.65 2.19
N VAL A 49 5.78 -13.76 2.72
CA VAL A 49 7.13 -14.11 3.14
C VAL A 49 7.12 -14.73 4.53
N ASP A 50 8.31 -15.07 5.03
CA ASP A 50 8.45 -15.67 6.34
C ASP A 50 7.78 -14.80 7.40
N ASP A 51 7.73 -13.50 7.16
CA ASP A 51 7.11 -12.56 8.08
C ASP A 51 6.83 -11.22 7.40
N GLY A 52 5.69 -11.13 6.73
CA GLY A 52 5.33 -9.90 6.05
C GLY A 52 4.68 -10.15 4.70
N THR A 53 4.34 -9.08 4.00
CA THR A 53 3.71 -9.19 2.69
C THR A 53 4.33 -8.22 1.69
N GLU A 54 4.69 -8.74 0.51
CA GLU A 54 5.29 -7.92 -0.52
C GLU A 54 4.39 -7.84 -1.75
N THR A 55 3.60 -6.78 -1.84
CA THR A 55 2.69 -6.59 -2.97
C THR A 55 3.41 -5.96 -4.14
N HIS A 56 3.59 -6.74 -5.21
CA HIS A 56 4.27 -6.26 -6.41
C HIS A 56 3.28 -6.11 -7.56
N PHE A 57 2.95 -4.86 -7.90
CA PHE A 57 2.02 -4.58 -8.97
C PHE A 57 2.68 -3.76 -10.07
N SER A 58 1.90 -3.37 -11.07
CA SER A 58 2.42 -2.57 -12.19
C SER A 58 1.41 -1.51 -12.60
N VAL A 59 1.87 -0.54 -13.39
CA VAL A 59 1.01 0.54 -13.86
C VAL A 59 1.45 1.04 -15.22
N GLY A 60 0.79 0.55 -16.27
CA GLY A 60 1.13 0.95 -17.62
C GLY A 60 2.55 0.59 -18.00
N ASN A 61 3.41 1.60 -18.08
CA ASN A 61 4.81 1.37 -18.45
C ASN A 61 5.71 1.53 -17.23
N HIS A 62 5.27 2.34 -16.27
CA HIS A 62 6.04 2.58 -15.06
C HIS A 62 6.18 1.29 -14.24
N ASP A 63 6.69 1.43 -13.02
CA ASP A 63 6.87 0.28 -12.15
C ASP A 63 6.83 0.70 -10.68
N CYS A 64 5.84 0.19 -9.95
CA CYS A 64 5.68 0.52 -8.54
C CYS A 64 5.21 -0.70 -7.75
N TYR A 65 5.34 -0.63 -6.43
CA TYR A 65 4.92 -1.74 -5.57
C TYR A 65 4.76 -1.26 -4.13
N ILE A 66 3.89 -1.94 -3.39
CA ILE A 66 3.64 -1.59 -1.99
C ILE A 66 4.42 -2.50 -1.05
N LYS A 67 5.27 -1.89 -0.22
CA LYS A 67 6.08 -2.63 0.74
C LYS A 67 5.33 -2.80 2.07
N ALA A 68 4.78 -3.99 2.29
CA ALA A 68 4.05 -4.27 3.52
C ALA A 68 4.92 -5.03 4.51
N VAL A 69 4.70 -4.78 5.79
CA VAL A 69 5.46 -5.45 6.84
C VAL A 69 4.60 -5.70 8.08
N SER A 70 4.64 -6.94 8.58
CA SER A 70 3.87 -7.32 9.75
C SER A 70 4.75 -7.36 11.00
N SER A 71 4.17 -6.98 12.14
CA SER A 71 4.91 -6.98 13.39
C SER A 71 3.96 -7.23 14.58
N GLY A 72 4.54 -7.54 15.73
CA GLY A 72 3.74 -7.80 16.91
C GLY A 72 3.82 -9.25 17.36
N LYS A 73 3.60 -10.16 16.41
CA LYS A 73 3.65 -11.59 16.71
C LYS A 73 3.41 -12.43 15.45
N ARG A 74 2.20 -12.31 14.90
CA ARG A 74 1.85 -13.04 13.68
C ARG A 74 0.96 -12.20 12.78
N LYS A 75 -0.01 -11.51 13.38
CA LYS A 75 -0.92 -10.67 12.62
C LYS A 75 -1.43 -9.52 13.48
N GLU A 76 -0.63 -9.12 14.46
CA GLU A 76 -1.01 -8.03 15.36
C GLU A 76 -1.15 -6.72 14.59
N GLY A 77 -0.03 -6.16 14.14
CA GLY A 77 -0.06 -4.93 13.40
C GLY A 77 0.69 -5.02 12.09
N ILE A 78 0.20 -4.33 11.07
CA ILE A 78 0.82 -4.34 9.75
C ILE A 78 0.83 -2.94 9.14
N ILE A 79 1.94 -2.59 8.49
CA ILE A 79 2.08 -1.29 7.85
C ILE A 79 2.49 -1.43 6.39
N HIS A 80 1.91 -0.59 5.53
CA HIS A 80 2.22 -0.62 4.11
C HIS A 80 2.95 0.65 3.68
N THR A 81 3.91 0.51 2.78
CA THR A 81 4.68 1.65 2.30
C THR A 81 4.81 1.61 0.78
N LEU A 82 4.08 2.49 0.11
CA LEU A 82 4.11 2.57 -1.35
C LEU A 82 5.48 3.06 -1.84
N ILE A 83 5.99 2.40 -2.88
CA ILE A 83 7.28 2.77 -3.44
C ILE A 83 7.25 2.74 -4.96
N VAL A 84 7.54 3.88 -5.58
CA VAL A 84 7.55 3.98 -7.04
C VAL A 84 8.91 4.43 -7.56
N ASP A 85 9.48 3.65 -8.46
CA ASP A 85 10.79 3.97 -9.03
C ASP A 85 11.87 3.95 -7.96
N ASN A 86 11.75 3.02 -7.01
CA ASN A 86 12.72 2.91 -5.93
C ASN A 86 12.72 4.17 -5.06
N ARG A 87 11.53 4.67 -4.76
CA ARG A 87 11.40 5.87 -3.93
C ARG A 87 10.23 5.74 -2.97
N GLU A 88 10.49 6.00 -1.69
CA GLU A 88 9.45 5.91 -0.66
C GLU A 88 8.34 6.92 -0.93
N ILE A 89 7.12 6.53 -0.58
CA ILE A 89 5.96 7.41 -0.77
C ILE A 89 5.23 7.66 0.55
N PRO A 90 4.95 8.94 0.84
CA PRO A 90 4.26 9.34 2.05
C PRO A 90 2.79 8.92 2.06
N GLU A 91 2.31 8.47 3.21
CA GLU A 91 0.93 8.03 3.34
C GLU A 91 0.01 9.21 3.64
N LEU A 92 0.04 10.21 2.77
CA LEU A 92 -0.78 11.40 2.93
C LEU A 92 -0.27 12.27 4.08
N THR A 93 -0.38 11.76 5.30
CA THR A 93 0.06 12.49 6.48
C THR A 93 1.55 12.83 6.37
N GLN A 94 2.31 11.96 5.72
CA GLN A 94 3.74 12.16 5.55
C GLN A 94 4.03 13.05 4.35
N GLY A 1 -6.29 16.97 14.17
CA GLY A 1 -5.15 17.65 14.78
C GLY A 1 -4.29 16.70 15.59
N PRO A 2 -3.55 15.83 14.91
CA PRO A 2 -2.67 14.85 15.56
C PRO A 2 -1.46 15.51 16.21
N LEU A 3 -0.95 16.56 15.58
CA LEU A 3 0.21 17.28 16.09
C LEU A 3 1.37 16.33 16.36
N GLY A 4 1.83 15.65 15.31
CA GLY A 4 2.92 14.72 15.46
C GLY A 4 2.46 13.27 15.50
N SER A 5 2.15 12.71 14.35
CA SER A 5 1.68 11.34 14.27
C SER A 5 2.76 10.43 13.68
N GLU A 6 2.41 9.18 13.45
CA GLU A 6 3.35 8.21 12.90
C GLU A 6 2.67 7.30 11.88
N ASN A 7 1.82 6.39 12.38
CA ASN A 7 1.11 5.46 11.51
C ASN A 7 -0.35 5.90 11.34
N ARG A 8 -1.09 5.89 12.45
CA ARG A 8 -2.50 6.27 12.41
C ARG A 8 -3.27 5.46 11.38
N SER A 9 -2.80 4.24 11.13
CA SER A 9 -3.44 3.37 10.16
C SER A 9 -4.57 2.58 10.81
N LYS A 10 -5.80 2.86 10.40
CA LYS A 10 -6.97 2.18 10.93
C LYS A 10 -7.20 0.85 10.23
N THR A 11 -7.69 0.92 8.99
CA THR A 11 -7.96 -0.28 8.21
C THR A 11 -7.93 0.03 6.71
N THR A 12 -7.25 1.11 6.35
CA THR A 12 -7.14 1.51 4.96
C THR A 12 -5.95 2.44 4.73
N SER A 13 -5.11 2.10 3.77
CA SER A 13 -3.93 2.90 3.46
C SER A 13 -4.14 3.70 2.17
N THR A 14 -3.48 4.85 2.08
CA THR A 14 -3.59 5.70 0.90
C THR A 14 -2.26 6.36 0.57
N TRP A 15 -2.05 6.69 -0.70
CA TRP A 15 -0.83 7.33 -1.13
C TRP A 15 -1.07 8.20 -2.36
N VAL A 16 -0.64 9.46 -2.28
CA VAL A 16 -0.81 10.39 -3.39
C VAL A 16 0.51 10.66 -4.09
N LEU A 17 0.61 10.26 -5.35
CA LEU A 17 1.83 10.46 -6.13
C LEU A 17 1.49 10.82 -7.57
N ARG A 18 2.34 11.65 -8.18
CA ARG A 18 2.14 12.07 -9.56
C ARG A 18 2.43 10.93 -10.52
N LEU A 19 1.39 10.17 -10.87
CA LEU A 19 1.54 9.04 -11.78
C LEU A 19 0.62 9.21 -12.99
N ASP A 20 1.03 8.63 -14.11
CA ASP A 20 0.24 8.71 -15.34
C ASP A 20 0.14 10.15 -15.84
N GLY A 21 1.00 11.01 -15.29
CA GLY A 21 1.00 12.40 -15.69
C GLY A 21 0.05 13.25 -14.85
N GLU A 22 -0.61 12.60 -13.90
CA GLU A 22 -1.55 13.31 -13.02
C GLU A 22 -1.43 12.81 -11.59
N ASP A 23 -2.12 13.47 -10.67
CA ASP A 23 -2.10 13.10 -9.26
C ASP A 23 -2.79 11.77 -9.04
N LEU A 24 -2.02 10.68 -9.14
CA LEU A 24 -2.55 9.34 -8.95
C LEU A 24 -2.80 9.05 -7.47
N ARG A 25 -4.01 8.62 -7.15
CA ARG A 25 -4.37 8.31 -5.77
C ARG A 25 -4.43 6.80 -5.54
N VAL A 26 -3.47 6.28 -4.79
CA VAL A 26 -3.42 4.85 -4.50
C VAL A 26 -4.09 4.53 -3.16
N VAL A 27 -4.82 3.42 -3.13
CA VAL A 27 -5.51 3.01 -1.92
C VAL A 27 -5.36 1.51 -1.69
N LEU A 28 -4.96 1.14 -0.47
CA LEU A 28 -4.77 -0.25 -0.11
C LEU A 28 -5.72 -0.66 1.01
N GLU A 29 -6.76 -1.41 0.65
CA GLU A 29 -7.75 -1.86 1.63
C GLU A 29 -7.24 -3.10 2.36
N LYS A 30 -7.21 -3.04 3.69
CA LYS A 30 -6.74 -4.16 4.50
C LYS A 30 -7.67 -5.36 4.33
N ASP A 31 -8.86 -5.11 3.79
CA ASP A 31 -9.83 -6.18 3.58
C ASP A 31 -9.20 -7.35 2.83
N THR A 32 -8.64 -7.06 1.66
CA THR A 32 -8.02 -8.10 0.84
C THR A 32 -6.64 -7.64 0.35
N MET A 33 -6.10 -6.60 0.99
CA MET A 33 -4.79 -6.07 0.62
C MET A 33 -4.76 -5.72 -0.87
N ASP A 34 -5.90 -5.31 -1.40
CA ASP A 34 -6.00 -4.93 -2.81
C ASP A 34 -5.62 -3.46 -3.00
N VAL A 35 -5.02 -3.16 -4.15
CA VAL A 35 -4.62 -1.80 -4.47
C VAL A 35 -5.56 -1.16 -5.48
N TRP A 36 -5.91 0.10 -5.25
CA TRP A 36 -6.80 0.82 -6.14
C TRP A 36 -6.17 2.13 -6.61
N CYS A 37 -6.18 2.35 -7.91
CA CYS A 37 -5.60 3.56 -8.49
C CYS A 37 -6.49 4.11 -9.59
N ASN A 38 -6.72 5.42 -9.58
CA ASN A 38 -7.56 6.07 -10.57
C ASN A 38 -8.84 5.28 -10.81
N GLY A 39 -9.52 4.92 -9.72
CA GLY A 39 -10.76 4.17 -9.83
C GLY A 39 -10.61 2.94 -10.71
N GLN A 40 -9.51 2.21 -10.53
CA GLN A 40 -9.26 1.01 -11.31
C GLN A 40 -8.49 -0.02 -10.50
N LYS A 41 -9.11 -1.19 -10.31
CA LYS A 41 -8.48 -2.27 -9.54
C LYS A 41 -7.09 -2.58 -10.08
N MET A 42 -6.13 -2.76 -9.17
CA MET A 42 -4.77 -3.07 -9.56
C MET A 42 -4.46 -4.54 -9.37
N GLU A 43 -3.37 -5.00 -9.96
CA GLU A 43 -2.96 -6.40 -9.84
C GLU A 43 -1.66 -6.54 -9.06
N THR A 44 -1.78 -7.03 -7.82
CA THR A 44 -0.62 -7.21 -6.96
C THR A 44 -0.16 -8.66 -6.96
N ALA A 45 0.84 -8.96 -6.14
CA ALA A 45 1.37 -10.31 -6.03
C ALA A 45 1.12 -10.91 -4.65
N GLY A 46 1.05 -10.05 -3.65
CA GLY A 46 0.81 -10.51 -2.29
C GLY A 46 1.77 -11.60 -1.87
N GLU A 47 2.99 -11.55 -2.38
CA GLU A 47 4.00 -12.55 -2.06
C GLU A 47 4.20 -12.65 -0.55
N PHE A 48 3.74 -13.76 0.02
CA PHE A 48 3.86 -13.98 1.46
C PHE A 48 5.25 -14.53 1.81
N VAL A 49 6.00 -13.75 2.58
CA VAL A 49 7.34 -14.15 2.99
C VAL A 49 7.35 -14.69 4.41
N ASP A 50 8.53 -15.06 4.90
CA ASP A 50 8.66 -15.60 6.25
C ASP A 50 8.04 -14.66 7.27
N ASP A 51 8.05 -13.36 6.97
CA ASP A 51 7.49 -12.36 7.86
C ASP A 51 7.18 -11.07 7.11
N GLY A 52 5.95 -10.97 6.60
CA GLY A 52 5.55 -9.78 5.86
C GLY A 52 4.93 -10.12 4.53
N THR A 53 4.51 -9.09 3.79
CA THR A 53 3.89 -9.29 2.49
C THR A 53 4.46 -8.32 1.45
N GLU A 54 4.85 -8.85 0.30
CA GLU A 54 5.42 -8.03 -0.77
C GLU A 54 4.44 -7.92 -1.94
N THR A 55 3.66 -6.84 -1.96
CA THR A 55 2.70 -6.62 -3.02
C THR A 55 3.37 -6.08 -4.28
N HIS A 56 3.43 -6.91 -5.32
CA HIS A 56 4.05 -6.52 -6.58
C HIS A 56 2.98 -6.24 -7.64
N PHE A 57 2.88 -4.98 -8.06
CA PHE A 57 1.91 -4.58 -9.06
C PHE A 57 2.55 -3.68 -10.11
N SER A 58 1.76 -3.27 -11.10
CA SER A 58 2.25 -2.40 -12.16
C SER A 58 1.20 -1.35 -12.53
N VAL A 59 1.65 -0.30 -13.22
CA VAL A 59 0.76 0.77 -13.64
C VAL A 59 1.19 1.36 -14.98
N GLY A 60 0.53 0.92 -16.05
CA GLY A 60 0.86 1.41 -17.38
C GLY A 60 2.22 0.93 -17.85
N ASN A 61 3.18 1.85 -17.89
CA ASN A 61 4.53 1.52 -18.32
C ASN A 61 5.52 1.61 -17.16
N HIS A 62 5.18 2.43 -16.17
CA HIS A 62 6.05 2.60 -15.00
C HIS A 62 6.11 1.31 -14.18
N ASP A 63 6.69 1.40 -13.00
CA ASP A 63 6.82 0.24 -12.12
C ASP A 63 6.79 0.66 -10.65
N CYS A 64 5.81 0.16 -9.92
CA CYS A 64 5.67 0.48 -8.51
C CYS A 64 5.21 -0.74 -7.71
N TYR A 65 5.41 -0.69 -6.39
CA TYR A 65 5.01 -1.79 -5.52
C TYR A 65 4.81 -1.30 -4.09
N ILE A 66 3.92 -1.97 -3.36
CA ILE A 66 3.64 -1.61 -1.98
C ILE A 66 4.41 -2.49 -1.01
N LYS A 67 5.35 -1.88 -0.30
CA LYS A 67 6.17 -2.61 0.67
C LYS A 67 5.42 -2.79 1.99
N ALA A 68 4.90 -3.99 2.21
CA ALA A 68 4.17 -4.29 3.43
C ALA A 68 5.06 -5.00 4.45
N VAL A 69 4.79 -4.76 5.73
CA VAL A 69 5.57 -5.36 6.79
C VAL A 69 4.70 -5.69 8.00
N SER A 70 4.76 -6.94 8.45
CA SER A 70 3.97 -7.38 9.59
C SER A 70 4.79 -7.35 10.88
N SER A 71 4.20 -6.80 11.92
CA SER A 71 4.89 -6.69 13.22
C SER A 71 4.02 -7.27 14.34
N GLY A 72 4.65 -8.02 15.23
CA GLY A 72 3.93 -8.62 16.33
C GLY A 72 4.30 -10.08 16.55
N LYS A 73 3.60 -10.73 17.47
CA LYS A 73 3.86 -12.14 17.76
C LYS A 73 3.07 -13.05 16.82
N ARG A 74 1.78 -12.77 16.68
CA ARG A 74 0.92 -13.56 15.81
C ARG A 74 0.03 -12.66 14.95
N LYS A 75 0.65 -11.95 14.02
CA LYS A 75 -0.08 -11.05 13.13
C LYS A 75 -0.83 -9.99 13.93
N GLU A 76 -0.09 -9.19 14.68
CA GLU A 76 -0.69 -8.14 15.50
C GLU A 76 -1.05 -6.94 14.65
N GLY A 77 -0.04 -6.28 14.08
CA GLY A 77 -0.28 -5.12 13.24
C GLY A 77 0.57 -5.13 11.99
N ILE A 78 0.01 -4.61 10.90
CA ILE A 78 0.72 -4.57 9.62
C ILE A 78 0.73 -3.16 9.05
N ILE A 79 1.84 -2.78 8.43
CA ILE A 79 1.98 -1.45 7.84
C ILE A 79 2.42 -1.55 6.38
N HIS A 80 1.75 -0.81 5.50
CA HIS A 80 2.08 -0.80 4.08
C HIS A 80 2.77 0.50 3.69
N THR A 81 3.77 0.40 2.82
CA THR A 81 4.51 1.57 2.36
C THR A 81 4.68 1.55 0.85
N LEU A 82 3.93 2.42 0.17
CA LEU A 82 4.00 2.51 -1.29
C LEU A 82 5.38 2.99 -1.74
N ILE A 83 5.91 2.34 -2.76
CA ILE A 83 7.23 2.71 -3.29
C ILE A 83 7.22 2.68 -4.82
N VAL A 84 7.47 3.84 -5.43
CA VAL A 84 7.49 3.95 -6.88
C VAL A 84 8.86 4.43 -7.36
N ASP A 85 9.44 3.68 -8.29
CA ASP A 85 10.75 4.03 -8.84
C ASP A 85 11.83 3.98 -7.76
N ASN A 86 11.68 3.04 -6.83
CA ASN A 86 12.65 2.89 -5.75
C ASN A 86 12.65 4.12 -4.85
N ARG A 87 11.47 4.63 -4.55
CA ARG A 87 11.33 5.82 -3.70
C ARG A 87 10.14 5.67 -2.75
N GLU A 88 10.39 5.91 -1.47
CA GLU A 88 9.35 5.82 -0.46
C GLU A 88 8.23 6.83 -0.72
N ILE A 89 7.01 6.45 -0.40
CA ILE A 89 5.85 7.32 -0.60
C ILE A 89 5.11 7.56 0.71
N PRO A 90 4.83 8.84 1.01
CA PRO A 90 4.11 9.22 2.23
C PRO A 90 2.64 8.81 2.20
N GLU A 91 2.15 8.33 3.33
CA GLU A 91 0.76 7.88 3.43
C GLU A 91 -0.14 9.04 3.83
N LEU A 92 -1.42 8.95 3.44
CA LEU A 92 -2.38 10.00 3.75
C LEU A 92 -2.38 10.31 5.25
N THR A 93 -2.94 9.40 6.04
CA THR A 93 -3.00 9.58 7.49
C THR A 93 -3.54 10.96 7.84
N GLN A 94 -4.67 11.33 7.24
CA GLN A 94 -5.28 12.63 7.50
C GLN A 94 -5.47 12.85 9.00
N GLY A 1 0.62 26.03 20.26
CA GLY A 1 -0.44 25.16 20.73
C GLY A 1 -0.82 24.10 19.73
N PRO A 2 0.02 23.08 19.59
CA PRO A 2 -0.22 21.98 18.65
C PRO A 2 -1.37 21.08 19.09
N LEU A 3 -1.81 20.21 18.18
CA LEU A 3 -2.92 19.30 18.47
C LEU A 3 -2.50 17.85 18.24
N GLY A 4 -3.33 16.92 18.72
CA GLY A 4 -3.03 15.52 18.55
C GLY A 4 -3.93 14.85 17.53
N SER A 5 -3.37 13.89 16.79
CA SER A 5 -4.13 13.18 15.76
C SER A 5 -4.82 11.96 16.36
N GLU A 6 -5.51 11.21 15.50
CA GLU A 6 -6.22 10.01 15.94
C GLU A 6 -5.76 8.79 15.14
N ASN A 7 -4.50 8.79 14.74
CA ASN A 7 -3.94 7.68 13.97
C ASN A 7 -3.46 6.56 14.90
N ARG A 8 -3.83 5.34 14.57
CA ARG A 8 -3.43 4.18 15.36
C ARG A 8 -3.02 3.01 14.47
N SER A 9 -3.97 2.55 13.66
CA SER A 9 -3.70 1.43 12.76
C SER A 9 -4.56 1.54 11.49
N LYS A 10 -5.82 1.90 11.67
CA LYS A 10 -6.75 2.04 10.56
C LYS A 10 -6.94 0.71 9.83
N THR A 11 -7.68 0.74 8.73
CA THR A 11 -7.93 -0.45 7.94
C THR A 11 -7.85 -0.17 6.45
N THR A 12 -7.26 0.97 6.10
CA THR A 12 -7.12 1.37 4.71
C THR A 12 -6.00 2.40 4.54
N SER A 13 -5.09 2.13 3.62
CA SER A 13 -3.96 3.02 3.35
C SER A 13 -4.17 3.77 2.04
N THR A 14 -3.63 4.99 1.97
CA THR A 14 -3.75 5.82 0.78
C THR A 14 -2.46 6.57 0.50
N TRP A 15 -2.08 6.63 -0.77
CA TRP A 15 -0.86 7.32 -1.18
C TRP A 15 -1.13 8.26 -2.35
N VAL A 16 -0.61 9.47 -2.25
CA VAL A 16 -0.80 10.46 -3.30
C VAL A 16 0.52 10.79 -3.99
N LEU A 17 0.62 10.44 -5.27
CA LEU A 17 1.84 10.70 -6.03
C LEU A 17 1.50 11.13 -7.47
N ARG A 18 2.33 12.01 -8.02
CA ARG A 18 2.13 12.50 -9.37
C ARG A 18 2.47 11.43 -10.40
N LEU A 19 1.47 10.64 -10.80
CA LEU A 19 1.67 9.59 -11.78
C LEU A 19 0.74 9.76 -12.98
N ASP A 20 1.17 9.26 -14.13
CA ASP A 20 0.38 9.36 -15.34
C ASP A 20 0.22 10.81 -15.78
N GLY A 21 1.05 11.68 -15.20
CA GLY A 21 0.98 13.09 -15.53
C GLY A 21 0.01 13.86 -14.66
N GLU A 22 -0.63 13.15 -13.73
CA GLU A 22 -1.59 13.77 -12.83
C GLU A 22 -1.45 13.22 -11.42
N ASP A 23 -2.17 13.82 -10.48
CA ASP A 23 -2.12 13.38 -9.08
C ASP A 23 -2.76 12.00 -8.92
N LEU A 24 -1.96 10.96 -9.10
CA LEU A 24 -2.45 9.59 -8.98
C LEU A 24 -2.71 9.24 -7.52
N ARG A 25 -3.91 8.75 -7.24
CA ARG A 25 -4.28 8.37 -5.88
C ARG A 25 -4.35 6.86 -5.73
N VAL A 26 -3.49 6.31 -4.88
CA VAL A 26 -3.45 4.87 -4.65
C VAL A 26 -4.04 4.51 -3.29
N VAL A 27 -4.69 3.36 -3.21
CA VAL A 27 -5.30 2.90 -1.97
C VAL A 27 -5.01 1.42 -1.72
N LEU A 28 -5.00 1.03 -0.46
CA LEU A 28 -4.74 -0.36 -0.10
C LEU A 28 -5.78 -0.87 0.90
N GLU A 29 -6.76 -1.60 0.40
CA GLU A 29 -7.82 -2.14 1.24
C GLU A 29 -7.30 -3.32 2.08
N LYS A 30 -7.64 -3.31 3.36
CA LYS A 30 -7.21 -4.37 4.27
C LYS A 30 -7.98 -5.66 4.01
N ASP A 31 -9.12 -5.53 3.33
CA ASP A 31 -9.96 -6.69 3.01
C ASP A 31 -9.13 -7.79 2.37
N THR A 32 -8.44 -7.44 1.28
CA THR A 32 -7.62 -8.41 0.56
C THR A 32 -6.23 -7.85 0.27
N MET A 33 -5.87 -6.78 0.99
CA MET A 33 -4.57 -6.15 0.80
C MET A 33 -4.34 -5.79 -0.66
N ASP A 34 -5.43 -5.56 -1.38
CA ASP A 34 -5.34 -5.20 -2.80
C ASP A 34 -5.08 -3.72 -2.98
N VAL A 35 -4.59 -3.34 -4.15
CA VAL A 35 -4.30 -1.94 -4.45
C VAL A 35 -5.35 -1.33 -5.36
N TRP A 36 -5.66 -0.07 -5.14
CA TRP A 36 -6.66 0.63 -5.94
C TRP A 36 -6.07 1.90 -6.56
N CYS A 37 -6.09 1.96 -7.89
CA CYS A 37 -5.56 3.11 -8.61
C CYS A 37 -6.50 3.53 -9.74
N ASN A 38 -6.78 4.82 -9.82
CA ASN A 38 -7.66 5.35 -10.85
C ASN A 38 -8.98 4.59 -10.88
N GLY A 39 -9.58 4.40 -9.71
CA GLY A 39 -10.84 3.70 -9.62
C GLY A 39 -10.82 2.38 -10.38
N GLN A 40 -9.76 1.61 -10.17
CA GLN A 40 -9.63 0.31 -10.83
C GLN A 40 -8.78 -0.65 -10.00
N LYS A 41 -9.38 -1.75 -9.60
CA LYS A 41 -8.69 -2.75 -8.80
C LYS A 41 -7.38 -3.17 -9.46
N MET A 42 -6.27 -2.65 -8.96
CA MET A 42 -4.96 -2.96 -9.50
C MET A 42 -4.71 -4.47 -9.49
N GLU A 43 -3.56 -4.89 -10.03
CA GLU A 43 -3.22 -6.30 -10.08
C GLU A 43 -1.93 -6.57 -9.30
N THR A 44 -2.08 -7.19 -8.13
CA THR A 44 -0.93 -7.52 -7.29
C THR A 44 -0.52 -8.97 -7.47
N ALA A 45 0.46 -9.39 -6.67
CA ALA A 45 0.96 -10.77 -6.73
C ALA A 45 0.48 -11.58 -5.53
N GLY A 46 0.58 -10.98 -4.35
CA GLY A 46 0.17 -11.66 -3.14
C GLY A 46 1.17 -12.69 -2.67
N GLU A 47 2.42 -12.26 -2.52
CA GLU A 47 3.49 -13.16 -2.09
C GLU A 47 3.73 -13.02 -0.58
N PHE A 48 3.45 -14.10 0.15
CA PHE A 48 3.63 -14.11 1.59
C PHE A 48 5.04 -14.59 1.97
N VAL A 49 5.74 -13.78 2.76
CA VAL A 49 7.09 -14.12 3.19
C VAL A 49 7.13 -14.43 4.69
N ASP A 50 8.32 -14.72 5.19
CA ASP A 50 8.50 -15.03 6.60
C ASP A 50 7.89 -13.94 7.48
N ASP A 51 8.01 -12.69 7.03
CA ASP A 51 7.47 -11.56 7.77
C ASP A 51 7.12 -10.41 6.83
N GLY A 52 5.83 -10.26 6.54
CA GLY A 52 5.39 -9.20 5.66
C GLY A 52 4.85 -9.73 4.35
N THR A 53 4.39 -8.83 3.48
CA THR A 53 3.85 -9.21 2.18
C THR A 53 4.38 -8.31 1.08
N GLU A 54 4.86 -8.92 0.00
CA GLU A 54 5.40 -8.18 -1.13
C GLU A 54 4.37 -8.06 -2.25
N THR A 55 3.71 -6.90 -2.32
CA THR A 55 2.70 -6.67 -3.34
C THR A 55 3.34 -6.22 -4.66
N HIS A 56 3.28 -7.09 -5.66
CA HIS A 56 3.85 -6.79 -6.96
C HIS A 56 2.76 -6.37 -7.95
N PHE A 57 2.71 -5.08 -8.24
CA PHE A 57 1.72 -4.55 -9.17
C PHE A 57 2.33 -3.50 -10.09
N SER A 58 1.72 -3.30 -11.25
CA SER A 58 2.20 -2.32 -12.21
C SER A 58 1.24 -1.14 -12.33
N VAL A 59 1.76 0.06 -12.10
CA VAL A 59 0.95 1.27 -12.19
C VAL A 59 1.26 2.05 -13.45
N GLY A 60 0.24 2.35 -14.24
CA GLY A 60 0.42 3.10 -15.47
C GLY A 60 1.49 2.50 -16.36
N ASN A 61 1.49 1.17 -16.45
CA ASN A 61 2.47 0.47 -17.28
C ASN A 61 3.88 0.67 -16.74
N HIS A 62 3.98 0.93 -15.44
CA HIS A 62 5.28 1.15 -14.80
C HIS A 62 5.58 0.02 -13.82
N ASP A 63 6.63 0.23 -13.02
CA ASP A 63 7.03 -0.78 -12.03
C ASP A 63 6.90 -0.23 -10.62
N CYS A 64 5.93 -0.77 -9.87
CA CYS A 64 5.69 -0.33 -8.50
C CYS A 64 5.41 -1.53 -7.60
N TYR A 65 5.31 -1.26 -6.29
CA TYR A 65 5.05 -2.32 -5.32
C TYR A 65 4.86 -1.73 -3.92
N ILE A 66 3.95 -2.33 -3.16
CA ILE A 66 3.68 -1.87 -1.81
C ILE A 66 4.43 -2.70 -0.78
N LYS A 67 5.38 -2.07 -0.09
CA LYS A 67 6.17 -2.75 0.93
C LYS A 67 5.40 -2.87 2.24
N ALA A 68 4.87 -4.05 2.50
CA ALA A 68 4.11 -4.30 3.72
C ALA A 68 4.99 -4.93 4.80
N VAL A 69 4.86 -4.44 6.02
CA VAL A 69 5.64 -4.97 7.14
C VAL A 69 4.76 -5.20 8.36
N SER A 70 4.73 -6.43 8.83
CA SER A 70 3.92 -6.79 10.00
C SER A 70 4.76 -6.73 11.28
N SER A 71 4.14 -6.29 12.36
CA SER A 71 4.83 -6.18 13.65
C SER A 71 3.94 -6.68 14.78
N GLY A 72 4.53 -7.50 15.66
CA GLY A 72 3.78 -8.05 16.77
C GLY A 72 4.05 -9.52 16.99
N LYS A 73 3.54 -10.06 18.09
CA LYS A 73 3.73 -11.47 18.41
C LYS A 73 3.17 -12.36 17.31
N ARG A 74 2.15 -11.86 16.60
CA ARG A 74 1.53 -12.61 15.53
C ARG A 74 1.00 -11.67 14.45
N LYS A 75 0.03 -10.84 14.81
CA LYS A 75 -0.55 -9.89 13.88
C LYS A 75 -1.09 -8.66 14.62
N GLU A 76 -0.31 -8.15 15.56
CA GLU A 76 -0.72 -6.98 16.33
C GLU A 76 -1.01 -5.80 15.41
N GLY A 77 -0.01 -5.40 14.63
CA GLY A 77 -0.19 -4.28 13.72
C GLY A 77 0.58 -4.47 12.42
N ILE A 78 0.20 -3.70 11.40
CA ILE A 78 0.86 -3.79 10.11
C ILE A 78 0.94 -2.41 9.44
N ILE A 79 2.01 -2.18 8.71
CA ILE A 79 2.21 -0.92 8.02
C ILE A 79 2.67 -1.14 6.57
N HIS A 80 1.92 -0.59 5.63
CA HIS A 80 2.25 -0.72 4.22
C HIS A 80 2.85 0.57 3.67
N THR A 81 3.91 0.44 2.87
CA THR A 81 4.56 1.60 2.29
C THR A 81 4.68 1.46 0.77
N LEU A 82 3.91 2.26 0.05
CA LEU A 82 3.93 2.23 -1.41
C LEU A 82 5.27 2.71 -1.94
N ILE A 83 5.79 1.99 -2.94
CA ILE A 83 7.07 2.35 -3.55
C ILE A 83 6.99 2.32 -5.07
N VAL A 84 7.43 3.40 -5.71
CA VAL A 84 7.40 3.49 -7.16
C VAL A 84 8.77 3.86 -7.71
N ASP A 85 9.35 2.97 -8.52
CA ASP A 85 10.66 3.20 -9.11
C ASP A 85 11.73 3.29 -8.02
N ASN A 86 11.64 2.42 -7.03
CA ASN A 86 12.60 2.40 -5.93
C ASN A 86 12.55 3.71 -5.15
N ARG A 87 11.34 4.19 -4.89
CA ARG A 87 11.16 5.44 -4.14
C ARG A 87 10.00 5.31 -3.15
N GLU A 88 10.30 5.53 -1.88
CA GLU A 88 9.29 5.44 -0.83
C GLU A 88 8.20 6.48 -1.03
N ILE A 89 6.98 6.14 -0.66
CA ILE A 89 5.85 7.05 -0.81
C ILE A 89 5.14 7.26 0.53
N PRO A 90 4.89 8.54 0.86
CA PRO A 90 4.21 8.91 2.11
C PRO A 90 2.75 8.51 2.12
N GLU A 91 2.31 7.90 3.21
CA GLU A 91 0.92 7.47 3.34
C GLU A 91 0.06 8.57 3.96
N LEU A 92 -1.25 8.44 3.83
CA LEU A 92 -2.18 9.42 4.37
C LEU A 92 -1.90 9.68 5.85
N THR A 93 -2.28 8.72 6.69
CA THR A 93 -2.06 8.84 8.13
C THR A 93 -2.50 10.20 8.63
N GLN A 94 -3.81 10.37 8.80
CA GLN A 94 -4.36 11.63 9.28
C GLN A 94 -4.00 11.86 10.75
N GLY A 1 10.57 20.73 20.04
CA GLY A 1 10.21 21.17 21.38
C GLY A 1 9.13 20.30 22.00
N PRO A 2 7.89 20.47 21.50
CA PRO A 2 6.75 19.71 22.00
C PRO A 2 6.81 18.24 21.63
N LEU A 3 5.73 17.51 21.89
CA LEU A 3 5.67 16.09 21.57
C LEU A 3 4.43 15.78 20.73
N GLY A 4 4.64 15.01 19.65
CA GLY A 4 3.54 14.65 18.78
C GLY A 4 3.47 13.16 18.52
N SER A 5 2.63 12.46 19.27
CA SER A 5 2.48 11.02 19.12
C SER A 5 1.02 10.60 19.26
N GLU A 6 0.23 10.84 18.21
CA GLU A 6 -1.18 10.50 18.22
C GLU A 6 -1.56 9.72 16.96
N ASN A 7 -2.25 8.60 17.14
CA ASN A 7 -2.68 7.78 16.02
C ASN A 7 -4.14 7.39 16.15
N ARG A 8 -4.79 7.17 15.01
CA ARG A 8 -6.20 6.79 15.00
C ARG A 8 -6.40 5.44 14.34
N SER A 9 -7.55 4.81 14.62
CA SER A 9 -7.85 3.50 14.05
C SER A 9 -8.19 3.60 12.57
N LYS A 10 -7.32 3.06 11.73
CA LYS A 10 -7.52 3.08 10.29
C LYS A 10 -6.98 1.82 9.64
N THR A 11 -7.88 0.99 9.13
CA THR A 11 -7.50 -0.26 8.47
C THR A 11 -7.38 -0.07 6.97
N THR A 12 -6.71 0.99 6.55
CA THR A 12 -6.53 1.28 5.13
C THR A 12 -5.35 2.21 4.91
N SER A 13 -4.44 1.81 4.02
CA SER A 13 -3.27 2.62 3.71
C SER A 13 -3.40 3.28 2.34
N THR A 14 -3.51 4.60 2.33
CA THR A 14 -3.63 5.35 1.09
C THR A 14 -2.37 6.16 0.80
N TRP A 15 -2.20 6.52 -0.46
CA TRP A 15 -1.03 7.30 -0.87
C TRP A 15 -1.37 8.22 -2.06
N VAL A 16 -0.60 9.29 -2.20
CA VAL A 16 -0.82 10.24 -3.29
C VAL A 16 0.48 10.55 -4.02
N LEU A 17 0.56 10.15 -5.29
CA LEU A 17 1.76 10.39 -6.09
C LEU A 17 1.38 10.77 -7.51
N ARG A 18 2.21 11.62 -8.14
CA ARG A 18 1.96 12.06 -9.51
C ARG A 18 2.32 10.96 -10.50
N LEU A 19 1.32 10.17 -10.88
CA LEU A 19 1.52 9.08 -11.83
C LEU A 19 0.60 9.23 -13.04
N ASP A 20 1.01 8.67 -14.16
CA ASP A 20 0.23 8.73 -15.39
C ASP A 20 0.10 10.17 -15.88
N GLY A 21 0.93 11.05 -15.35
CA GLY A 21 0.89 12.45 -15.73
C GLY A 21 -0.08 13.26 -14.88
N GLU A 22 -0.72 12.60 -13.93
CA GLU A 22 -1.68 13.26 -13.06
C GLU A 22 -1.55 12.76 -11.62
N ASP A 23 -2.26 13.41 -10.71
CA ASP A 23 -2.23 13.03 -9.30
C ASP A 23 -2.87 11.67 -9.09
N LEU A 24 -2.06 10.62 -9.19
CA LEU A 24 -2.56 9.26 -9.00
C LEU A 24 -2.78 8.95 -7.52
N ARG A 25 -4.00 8.55 -7.19
CA ARG A 25 -4.36 8.23 -5.81
C ARG A 25 -4.43 6.72 -5.61
N VAL A 26 -3.53 6.19 -4.78
CA VAL A 26 -3.49 4.77 -4.50
C VAL A 26 -4.10 4.46 -3.13
N VAL A 27 -4.87 3.38 -3.06
CA VAL A 27 -5.51 2.98 -1.82
C VAL A 27 -5.38 1.48 -1.59
N LEU A 28 -4.87 1.09 -0.42
CA LEU A 28 -4.70 -0.31 -0.09
C LEU A 28 -5.67 -0.74 1.01
N GLU A 29 -6.76 -1.39 0.61
CA GLU A 29 -7.76 -1.85 1.55
C GLU A 29 -7.30 -3.11 2.27
N LYS A 30 -7.52 -3.15 3.59
CA LYS A 30 -7.12 -4.29 4.40
C LYS A 30 -8.04 -5.49 4.15
N ASP A 31 -9.20 -5.21 3.56
CA ASP A 31 -10.17 -6.26 3.27
C ASP A 31 -9.51 -7.41 2.50
N THR A 32 -8.88 -7.08 1.39
CA THR A 32 -8.22 -8.08 0.56
C THR A 32 -6.81 -7.62 0.17
N MET A 33 -6.30 -6.63 0.89
CA MET A 33 -4.96 -6.11 0.62
C MET A 33 -4.80 -5.75 -0.85
N ASP A 34 -5.90 -5.35 -1.48
CA ASP A 34 -5.89 -4.98 -2.90
C ASP A 34 -5.50 -3.51 -3.06
N VAL A 35 -4.92 -3.18 -4.22
CA VAL A 35 -4.51 -1.83 -4.51
C VAL A 35 -5.47 -1.15 -5.50
N TRP A 36 -6.03 -0.02 -5.08
CA TRP A 36 -6.97 0.71 -5.93
C TRP A 36 -6.30 1.96 -6.52
N CYS A 37 -6.47 2.14 -7.82
CA CYS A 37 -5.88 3.30 -8.51
C CYS A 37 -6.94 4.04 -9.30
N ASN A 38 -7.39 5.18 -8.76
CA ASN A 38 -8.40 5.99 -9.42
C ASN A 38 -9.54 5.13 -9.94
N GLY A 39 -10.34 4.58 -9.02
CA GLY A 39 -11.46 3.74 -9.40
C GLY A 39 -11.06 2.67 -10.40
N GLN A 40 -9.87 2.10 -10.22
CA GLN A 40 -9.38 1.07 -11.12
C GLN A 40 -8.59 0.00 -10.35
N LYS A 41 -9.20 -1.17 -10.20
CA LYS A 41 -8.56 -2.27 -9.48
C LYS A 41 -7.17 -2.56 -10.05
N MET A 42 -6.24 -2.90 -9.17
CA MET A 42 -4.87 -3.20 -9.58
C MET A 42 -4.57 -4.68 -9.40
N GLU A 43 -3.49 -5.14 -10.04
CA GLU A 43 -3.09 -6.54 -9.95
C GLU A 43 -1.71 -6.67 -9.30
N THR A 44 -1.68 -7.16 -8.07
CA THR A 44 -0.43 -7.33 -7.34
C THR A 44 0.10 -8.75 -7.49
N ALA A 45 1.24 -9.02 -6.84
CA ALA A 45 1.84 -10.35 -6.90
C ALA A 45 1.37 -11.21 -5.74
N GLY A 46 1.09 -10.58 -4.60
CA GLY A 46 0.65 -11.30 -3.43
C GLY A 46 1.64 -12.35 -2.98
N GLU A 47 2.88 -11.93 -2.74
CA GLU A 47 3.93 -12.83 -2.31
C GLU A 47 4.10 -12.77 -0.80
N PHE A 48 3.58 -13.80 -0.12
CA PHE A 48 3.67 -13.87 1.34
C PHE A 48 5.00 -14.48 1.78
N VAL A 49 5.81 -13.69 2.46
CA VAL A 49 7.11 -14.15 2.94
C VAL A 49 7.04 -14.59 4.40
N ASP A 50 8.18 -14.99 4.94
CA ASP A 50 8.25 -15.43 6.33
C ASP A 50 7.82 -14.31 7.28
N ASP A 51 8.02 -13.08 6.86
CA ASP A 51 7.66 -11.92 7.67
C ASP A 51 7.41 -10.69 6.79
N GLY A 52 6.14 -10.38 6.57
CA GLY A 52 5.79 -9.23 5.75
C GLY A 52 5.16 -9.64 4.43
N THR A 53 4.71 -8.64 3.67
CA THR A 53 4.08 -8.90 2.38
C THR A 53 4.61 -7.95 1.31
N GLU A 54 5.00 -8.52 0.17
CA GLU A 54 5.52 -7.72 -0.94
C GLU A 54 4.54 -7.69 -2.10
N THR A 55 3.74 -6.62 -2.17
CA THR A 55 2.76 -6.46 -3.23
C THR A 55 3.38 -5.84 -4.47
N HIS A 56 3.50 -6.64 -5.53
CA HIS A 56 4.08 -6.17 -6.79
C HIS A 56 3.00 -5.98 -7.84
N PHE A 57 2.67 -4.72 -8.11
CA PHE A 57 1.65 -4.39 -9.10
C PHE A 57 2.22 -3.48 -10.19
N SER A 58 1.98 -3.84 -11.44
CA SER A 58 2.46 -3.06 -12.57
C SER A 58 1.52 -1.89 -12.87
N VAL A 59 2.08 -0.81 -13.38
CA VAL A 59 1.29 0.37 -13.73
C VAL A 59 1.78 1.01 -15.03
N GLY A 60 1.06 0.72 -16.12
CA GLY A 60 1.44 1.26 -17.41
C GLY A 60 2.87 0.96 -17.77
N ASN A 61 3.69 2.01 -17.89
CA ASN A 61 5.09 1.85 -18.24
C ASN A 61 5.98 2.09 -17.03
N HIS A 62 5.43 1.87 -15.84
CA HIS A 62 6.18 2.05 -14.60
C HIS A 62 6.26 0.74 -13.82
N ASP A 63 6.85 0.82 -12.62
CA ASP A 63 6.99 -0.37 -11.78
C ASP A 63 6.85 0.01 -10.30
N CYS A 64 5.62 0.07 -9.83
CA CYS A 64 5.35 0.41 -8.43
C CYS A 64 5.08 -0.84 -7.60
N TYR A 65 5.12 -0.70 -6.29
CA TYR A 65 4.89 -1.81 -5.38
C TYR A 65 4.70 -1.33 -3.96
N ILE A 66 3.82 -2.01 -3.21
CA ILE A 66 3.55 -1.66 -1.83
C ILE A 66 4.35 -2.53 -0.86
N LYS A 67 5.31 -1.92 -0.18
CA LYS A 67 6.14 -2.65 0.77
C LYS A 67 5.45 -2.75 2.13
N ALA A 68 4.90 -3.92 2.42
CA ALA A 68 4.22 -4.15 3.68
C ALA A 68 5.15 -4.76 4.72
N VAL A 69 4.94 -4.40 5.98
CA VAL A 69 5.78 -4.90 7.07
C VAL A 69 4.93 -5.25 8.29
N SER A 70 5.05 -6.49 8.75
CA SER A 70 4.30 -6.95 9.91
C SER A 70 5.16 -6.93 11.17
N SER A 71 4.53 -6.66 12.31
CA SER A 71 5.24 -6.60 13.58
C SER A 71 4.34 -7.01 14.73
N GLY A 72 4.93 -7.57 15.77
CA GLY A 72 4.16 -8.01 16.92
C GLY A 72 4.08 -9.52 17.03
N LYS A 73 5.24 -10.15 17.25
CA LYS A 73 5.29 -11.61 17.37
C LYS A 73 5.01 -12.28 16.03
N ARG A 74 3.73 -12.30 15.64
CA ARG A 74 3.33 -12.90 14.38
C ARG A 74 2.27 -12.05 13.67
N LYS A 75 1.15 -11.81 14.35
CA LYS A 75 0.08 -11.01 13.79
C LYS A 75 -0.46 -10.03 14.82
N GLU A 76 -0.07 -8.76 14.69
CA GLU A 76 -0.52 -7.72 15.61
C GLU A 76 -0.71 -6.40 14.88
N GLY A 77 0.38 -5.87 14.33
CA GLY A 77 0.31 -4.60 13.62
C GLY A 77 1.07 -4.64 12.31
N ILE A 78 0.39 -4.26 11.22
CA ILE A 78 1.01 -4.24 9.92
C ILE A 78 0.93 -2.85 9.28
N ILE A 79 2.03 -2.45 8.64
CA ILE A 79 2.08 -1.14 7.99
C ILE A 79 2.52 -1.26 6.53
N HIS A 80 1.75 -0.67 5.64
CA HIS A 80 2.06 -0.71 4.21
C HIS A 80 2.74 0.58 3.76
N THR A 81 3.77 0.46 2.93
CA THR A 81 4.49 1.61 2.43
C THR A 81 4.62 1.57 0.91
N LEU A 82 3.90 2.46 0.24
CA LEU A 82 3.93 2.54 -1.22
C LEU A 82 5.30 2.99 -1.71
N ILE A 83 5.78 2.36 -2.77
CA ILE A 83 7.07 2.70 -3.35
C ILE A 83 7.02 2.70 -4.88
N VAL A 84 7.47 3.79 -5.48
CA VAL A 84 7.48 3.91 -6.93
C VAL A 84 8.87 4.30 -7.45
N ASP A 85 9.42 3.47 -8.33
CA ASP A 85 10.74 3.73 -8.90
C ASP A 85 11.80 3.70 -7.81
N ASN A 86 11.66 2.78 -6.87
CA ASN A 86 12.62 2.65 -5.78
C ASN A 86 12.64 3.91 -4.93
N ARG A 87 11.45 4.43 -4.63
CA ARG A 87 11.34 5.63 -3.80
C ARG A 87 10.13 5.55 -2.87
N GLU A 88 10.36 5.85 -1.60
CA GLU A 88 9.29 5.80 -0.61
C GLU A 88 8.18 6.80 -0.95
N ILE A 89 6.94 6.44 -0.63
CA ILE A 89 5.80 7.29 -0.90
C ILE A 89 5.01 7.58 0.37
N PRO A 90 4.73 8.87 0.61
CA PRO A 90 3.98 9.31 1.79
C PRO A 90 2.51 8.89 1.74
N GLU A 91 1.93 8.63 2.91
CA GLU A 91 0.54 8.22 3.00
C GLU A 91 -0.38 9.43 3.13
N LEU A 92 -1.67 9.17 3.31
CA LEU A 92 -2.65 10.23 3.45
C LEU A 92 -2.59 10.84 4.85
N THR A 93 -2.10 12.07 4.95
CA THR A 93 -1.98 12.76 6.22
C THR A 93 -2.46 14.20 6.11
N GLN A 94 -2.02 14.88 5.05
CA GLN A 94 -2.41 16.28 4.83
C GLN A 94 -3.66 16.36 3.95
N GLY A 1 9.53 15.64 8.18
CA GLY A 1 10.38 14.94 9.13
C GLY A 1 9.64 14.54 10.40
N PRO A 2 8.80 13.50 10.29
CA PRO A 2 8.02 13.01 11.43
C PRO A 2 8.89 12.34 12.49
N LEU A 3 8.41 12.32 13.73
CA LEU A 3 9.15 11.70 14.82
C LEU A 3 8.19 11.06 15.82
N GLY A 4 8.64 9.96 16.44
CA GLY A 4 7.82 9.27 17.40
C GLY A 4 7.14 8.05 16.82
N SER A 5 5.87 7.85 17.15
CA SER A 5 5.11 6.71 16.65
C SER A 5 4.51 7.02 15.29
N GLU A 6 4.09 5.97 14.58
CA GLU A 6 3.49 6.12 13.26
C GLU A 6 2.07 5.60 13.24
N ASN A 7 1.32 5.89 14.30
CA ASN A 7 -0.07 5.45 14.41
C ASN A 7 -0.16 3.94 14.30
N ARG A 8 -1.39 3.43 14.22
CA ARG A 8 -1.62 2.00 14.11
C ARG A 8 -1.48 1.53 12.66
N SER A 9 -1.94 2.36 11.73
CA SER A 9 -1.87 2.04 10.31
C SER A 9 -2.68 0.79 10.00
N LYS A 10 -3.93 0.98 9.59
CA LYS A 10 -4.81 -0.13 9.27
C LYS A 10 -6.13 0.37 8.68
N THR A 11 -7.09 -0.54 8.50
CA THR A 11 -8.39 -0.19 7.96
C THR A 11 -8.29 0.11 6.46
N THR A 12 -7.63 1.21 6.13
CA THR A 12 -7.48 1.60 4.73
C THR A 12 -6.31 2.57 4.56
N SER A 13 -5.41 2.26 3.64
CA SER A 13 -4.25 3.10 3.38
C SER A 13 -4.41 3.86 2.07
N THR A 14 -3.78 5.03 1.99
CA THR A 14 -3.85 5.86 0.79
C THR A 14 -2.53 6.61 0.56
N TRP A 15 -2.15 6.73 -0.69
CA TRP A 15 -0.91 7.42 -1.06
C TRP A 15 -1.15 8.41 -2.19
N VAL A 16 -0.27 9.39 -2.31
CA VAL A 16 -0.38 10.39 -3.36
C VAL A 16 0.96 10.61 -4.07
N LEU A 17 1.02 10.27 -5.35
CA LEU A 17 2.23 10.42 -6.13
C LEU A 17 1.90 10.87 -7.55
N ARG A 18 2.81 11.66 -8.13
CA ARG A 18 2.63 12.17 -9.49
C ARG A 18 2.82 11.04 -10.51
N LEU A 19 1.74 10.38 -10.88
CA LEU A 19 1.79 9.29 -11.85
C LEU A 19 0.88 9.58 -13.04
N ASP A 20 1.25 9.04 -14.19
CA ASP A 20 0.47 9.24 -15.42
C ASP A 20 0.48 10.70 -15.84
N GLY A 21 1.40 11.47 -15.26
CA GLY A 21 1.50 12.88 -15.58
C GLY A 21 0.62 13.75 -14.71
N GLU A 22 -0.08 13.11 -13.77
CA GLU A 22 -0.97 13.84 -12.87
C GLU A 22 -0.88 13.26 -11.45
N ASP A 23 -1.53 13.94 -10.51
CA ASP A 23 -1.52 13.50 -9.12
C ASP A 23 -2.31 12.19 -8.96
N LEU A 24 -1.60 11.07 -9.10
CA LEU A 24 -2.24 9.76 -8.97
C LEU A 24 -2.47 9.41 -7.50
N ARG A 25 -3.67 8.92 -7.21
CA ARG A 25 -4.03 8.54 -5.85
C ARG A 25 -4.18 7.03 -5.72
N VAL A 26 -3.36 6.44 -4.85
CA VAL A 26 -3.39 5.00 -4.63
C VAL A 26 -4.05 4.66 -3.31
N VAL A 27 -4.77 3.54 -3.27
CA VAL A 27 -5.45 3.10 -2.06
C VAL A 27 -5.24 1.61 -1.82
N LEU A 28 -5.12 1.23 -0.55
CA LEU A 28 -4.91 -0.15 -0.17
C LEU A 28 -5.87 -0.58 0.93
N GLU A 29 -6.92 -1.29 0.55
CA GLU A 29 -7.92 -1.76 1.50
C GLU A 29 -7.37 -2.91 2.34
N LYS A 30 -7.54 -2.82 3.66
CA LYS A 30 -7.07 -3.85 4.57
C LYS A 30 -7.94 -5.09 4.48
N ASP A 31 -9.13 -4.94 3.90
CA ASP A 31 -10.05 -6.07 3.75
C ASP A 31 -9.37 -7.24 3.07
N THR A 32 -8.80 -7.01 1.89
CA THR A 32 -8.12 -8.06 1.15
C THR A 32 -6.78 -7.57 0.62
N MET A 33 -6.28 -6.46 1.19
CA MET A 33 -5.01 -5.90 0.78
C MET A 33 -5.02 -5.56 -0.72
N ASP A 34 -6.19 -5.24 -1.23
CA ASP A 34 -6.33 -4.89 -2.65
C ASP A 34 -5.85 -3.47 -2.91
N VAL A 35 -5.22 -3.28 -4.07
CA VAL A 35 -4.70 -1.96 -4.44
C VAL A 35 -5.58 -1.30 -5.50
N TRP A 36 -5.99 -0.08 -5.24
CA TRP A 36 -6.84 0.67 -6.16
C TRP A 36 -6.15 1.95 -6.62
N CYS A 37 -5.84 2.02 -7.91
CA CYS A 37 -5.18 3.20 -8.47
C CYS A 37 -6.18 4.08 -9.21
N ASN A 38 -6.57 5.17 -8.57
CA ASN A 38 -7.52 6.11 -9.16
C ASN A 38 -8.90 5.46 -9.26
N GLY A 39 -9.06 4.58 -10.25
CA GLY A 39 -10.35 3.92 -10.44
C GLY A 39 -10.22 2.63 -11.23
N GLN A 40 -9.22 1.81 -10.86
CA GLN A 40 -8.99 0.55 -11.55
C GLN A 40 -8.33 -0.45 -10.62
N LYS A 41 -9.04 -1.53 -10.29
CA LYS A 41 -8.51 -2.57 -9.41
C LYS A 41 -7.17 -3.07 -9.92
N MET A 42 -6.10 -2.61 -9.29
CA MET A 42 -4.76 -3.02 -9.67
C MET A 42 -4.57 -4.54 -9.50
N GLU A 43 -3.61 -5.10 -10.22
CA GLU A 43 -3.36 -6.53 -10.16
C GLU A 43 -2.12 -6.81 -9.32
N THR A 44 -2.34 -7.34 -8.11
CA THR A 44 -1.24 -7.66 -7.20
C THR A 44 -0.90 -9.14 -7.26
N ALA A 45 0.04 -9.56 -6.42
CA ALA A 45 0.47 -10.95 -6.38
C ALA A 45 0.06 -11.61 -5.07
N GLY A 46 0.78 -11.28 -4.00
CA GLY A 46 0.48 -11.86 -2.70
C GLY A 46 1.48 -12.93 -2.29
N GLU A 47 2.59 -12.51 -1.68
CA GLU A 47 3.61 -13.45 -1.25
C GLU A 47 4.32 -12.94 0.01
N PHE A 48 4.46 -13.81 1.00
CA PHE A 48 5.11 -13.46 2.25
C PHE A 48 6.61 -13.24 2.04
N VAL A 49 7.19 -12.38 2.87
CA VAL A 49 8.62 -12.09 2.78
C VAL A 49 9.26 -12.05 4.17
N ASP A 50 10.54 -11.71 4.21
CA ASP A 50 11.27 -11.65 5.47
C ASP A 50 10.59 -10.70 6.45
N ASP A 51 9.81 -9.75 5.91
CA ASP A 51 9.10 -8.79 6.73
C ASP A 51 7.60 -9.09 6.74
N GLY A 52 6.92 -8.72 5.65
CA GLY A 52 5.50 -8.95 5.56
C GLY A 52 5.10 -9.64 4.27
N THR A 53 4.57 -8.87 3.33
CA THR A 53 4.15 -9.40 2.04
C THR A 53 4.57 -8.49 0.90
N GLU A 54 5.19 -9.08 -0.13
CA GLU A 54 5.65 -8.31 -1.27
C GLU A 54 4.57 -8.25 -2.35
N THR A 55 3.82 -7.15 -2.38
CA THR A 55 2.75 -6.97 -3.35
C THR A 55 3.32 -6.59 -4.72
N HIS A 56 3.22 -7.51 -5.67
CA HIS A 56 3.72 -7.26 -7.02
C HIS A 56 2.58 -6.84 -7.96
N PHE A 57 2.61 -5.59 -8.38
CA PHE A 57 1.59 -5.07 -9.28
C PHE A 57 2.18 -4.07 -10.27
N SER A 58 1.47 -3.85 -11.37
CA SER A 58 1.93 -2.92 -12.41
C SER A 58 0.90 -1.83 -12.66
N VAL A 59 1.30 -0.78 -13.35
CA VAL A 59 0.41 0.33 -13.67
C VAL A 59 0.72 0.92 -15.04
N GLY A 60 -0.05 0.51 -16.05
CA GLY A 60 0.17 1.00 -17.39
C GLY A 60 1.49 0.54 -17.98
N ASN A 61 2.54 1.32 -17.76
CA ASN A 61 3.86 0.99 -18.27
C ASN A 61 4.94 1.29 -17.23
N HIS A 62 4.55 1.26 -15.96
CA HIS A 62 5.49 1.53 -14.87
C HIS A 62 5.66 0.30 -13.99
N ASP A 63 6.43 0.45 -12.91
CA ASP A 63 6.68 -0.65 -11.99
C ASP A 63 6.68 -0.16 -10.54
N CYS A 64 5.72 -0.65 -9.76
CA CYS A 64 5.61 -0.26 -8.36
C CYS A 64 5.20 -1.45 -7.49
N TYR A 65 5.49 -1.36 -6.20
CA TYR A 65 5.14 -2.43 -5.27
C TYR A 65 4.90 -1.87 -3.87
N ILE A 66 3.96 -2.49 -3.15
CA ILE A 66 3.63 -2.05 -1.80
C ILE A 66 4.35 -2.91 -0.76
N LYS A 67 5.28 -2.30 -0.04
CA LYS A 67 6.04 -3.01 1.00
C LYS A 67 5.23 -3.13 2.28
N ALA A 68 4.68 -4.31 2.51
CA ALA A 68 3.88 -4.55 3.71
C ALA A 68 4.71 -5.26 4.78
N VAL A 69 4.46 -4.90 6.05
CA VAL A 69 5.17 -5.50 7.15
C VAL A 69 4.25 -5.72 8.35
N SER A 70 4.19 -6.95 8.84
CA SER A 70 3.34 -7.29 9.96
C SER A 70 4.13 -7.24 11.27
N SER A 71 3.49 -6.73 12.32
CA SER A 71 4.14 -6.62 13.62
C SER A 71 3.20 -7.09 14.73
N GLY A 72 3.75 -7.87 15.67
CA GLY A 72 2.96 -8.39 16.77
C GLY A 72 3.22 -9.86 17.03
N LYS A 73 2.17 -10.58 17.43
CA LYS A 73 2.30 -12.00 17.73
C LYS A 73 2.05 -12.83 16.47
N ARG A 74 1.12 -12.38 15.64
CA ARG A 74 0.79 -13.09 14.41
C ARG A 74 0.27 -12.12 13.35
N LYS A 75 -0.66 -11.26 13.75
CA LYS A 75 -1.25 -10.28 12.84
C LYS A 75 -1.87 -9.12 13.62
N GLU A 76 -1.23 -8.72 14.70
CA GLU A 76 -1.73 -7.63 15.53
C GLU A 76 -1.85 -6.35 14.72
N GLY A 77 -0.71 -5.77 14.36
CA GLY A 77 -0.71 -4.54 13.58
C GLY A 77 0.19 -4.63 12.37
N ILE A 78 -0.35 -4.29 11.21
CA ILE A 78 0.40 -4.32 9.97
C ILE A 78 0.46 -2.94 9.31
N ILE A 79 1.56 -2.66 8.63
CA ILE A 79 1.74 -1.38 7.95
C ILE A 79 2.23 -1.58 6.53
N HIS A 80 1.56 -0.93 5.58
CA HIS A 80 1.93 -1.02 4.18
C HIS A 80 2.55 0.27 3.68
N THR A 81 3.66 0.15 2.95
CA THR A 81 4.35 1.33 2.42
C THR A 81 4.53 1.22 0.91
N LEU A 82 3.80 2.06 0.18
CA LEU A 82 3.87 2.08 -1.28
C LEU A 82 5.25 2.54 -1.75
N ILE A 83 5.80 1.84 -2.73
CA ILE A 83 7.11 2.18 -3.28
C ILE A 83 7.11 2.09 -4.80
N VAL A 84 7.12 3.24 -5.46
CA VAL A 84 7.12 3.29 -6.91
C VAL A 84 8.47 3.78 -7.44
N ASP A 85 9.03 3.04 -8.38
CA ASP A 85 10.32 3.39 -8.97
C ASP A 85 11.42 3.38 -7.91
N ASN A 86 11.39 2.38 -7.03
CA ASN A 86 12.39 2.26 -5.98
C ASN A 86 12.43 3.51 -5.12
N ARG A 87 11.25 4.03 -4.79
CA ARG A 87 11.15 5.24 -3.97
C ARG A 87 10.00 5.13 -2.98
N GLU A 88 10.30 5.35 -1.70
CA GLU A 88 9.29 5.27 -0.65
C GLU A 88 8.21 6.32 -0.86
N ILE A 89 6.98 5.97 -0.50
CA ILE A 89 5.86 6.90 -0.65
C ILE A 89 5.15 7.10 0.68
N PRO A 90 4.90 8.37 1.02
CA PRO A 90 4.22 8.74 2.27
C PRO A 90 2.74 8.36 2.26
N GLU A 91 2.29 7.73 3.33
CA GLU A 91 0.90 7.30 3.45
C GLU A 91 0.07 8.38 4.15
N LEU A 92 -1.25 8.27 4.02
CA LEU A 92 -2.16 9.22 4.64
C LEU A 92 -2.38 8.88 6.11
N THR A 93 -1.67 9.60 6.98
CA THR A 93 -1.79 9.38 8.43
C THR A 93 -2.32 10.63 9.13
N GLN A 94 -3.19 11.36 8.45
CA GLN A 94 -3.77 12.58 9.01
C GLN A 94 -4.41 12.30 10.36
#